data_3HM2
#
_entry.id   3HM2
#
_cell.length_a   77.782
_cell.length_b   113.853
_cell.length_c   84.650
_cell.angle_alpha   90.00
_cell.angle_beta   90.12
_cell.angle_gamma   90.00
#
_symmetry.space_group_name_H-M   'P 1 21 1'
#
loop_
_entity.id
_entity.type
_entity.pdbx_description
1 polymer 'precorrin-6Y C5,15-methyltransferase'
2 non-polymer 'ACETIC ACID'
3 non-polymer 'MAGNESIUM ION'
4 non-polymer 'CALCIUM ION'
5 water water
#
_entity_poly.entity_id   1
_entity_poly.type   'polypeptide(L)'
_entity_poly.pdbx_seq_one_letter_code
;SNATDGQLTKQHVRALAISALAPKPHETLWDIGGGSGSIAIEWLRSTPQTTAVCFEISEERRERILSNAINLGVSDRIAV
QQGAPRAFDDVPDNPDVIFIGGGLTAPGVFAAAWKRLPVGGRLVANAVTVESEQ(MSE)LWALRKQFGGTISSFAISHEH
TVGSFIT(MSE)KPALPVHQWTVVKA
;
_entity_poly.pdbx_strand_id   A,B,C,D,E,F,G,H
#
loop_
_chem_comp.id
_chem_comp.type
_chem_comp.name
_chem_comp.formula
ACY non-polymer 'ACETIC ACID' 'C2 H4 O2'
CA non-polymer 'CALCIUM ION' 'Ca 2'
MG non-polymer 'MAGNESIUM ION' 'Mg 2'
#
# COMPACT_ATOMS: atom_id res chain seq x y z
N GLY A 6 -11.24 21.72 33.18
CA GLY A 6 -12.20 22.79 32.98
C GLY A 6 -11.90 24.08 33.75
N GLN A 7 -12.13 24.02 35.06
CA GLN A 7 -11.73 25.06 36.01
C GLN A 7 -10.41 24.63 36.62
N LEU A 8 -9.91 23.53 36.06
CA LEU A 8 -8.81 22.77 36.61
C LEU A 8 -7.57 22.98 35.74
N THR A 9 -7.80 23.33 34.47
CA THR A 9 -6.75 23.92 33.66
C THR A 9 -6.78 25.42 33.95
N LYS A 10 -7.93 25.91 34.38
CA LYS A 10 -8.06 27.32 34.76
C LYS A 10 -7.38 27.57 36.09
N GLN A 11 -7.24 26.53 36.90
CA GLN A 11 -6.39 26.59 38.08
C GLN A 11 -4.93 26.38 37.70
N HIS A 12 -4.66 25.29 36.97
CA HIS A 12 -3.31 24.88 36.58
C HIS A 12 -2.55 25.89 35.68
N VAL A 13 -3.30 26.64 34.89
CA VAL A 13 -2.72 27.68 34.03
C VAL A 13 -2.31 28.91 34.83
N ARG A 14 -3.14 29.28 35.79
N ARG A 14 -3.13 29.31 35.79
CA ARG A 14 -2.79 30.30 36.79
CA ARG A 14 -2.72 30.34 36.74
C ARG A 14 -1.48 29.94 37.49
C ARG A 14 -1.40 29.91 37.40
N ALA A 15 -1.37 28.71 37.96
CA ALA A 15 -0.16 28.22 38.61
C ALA A 15 1.10 28.45 37.80
N LEU A 16 1.10 28.02 36.54
CA LEU A 16 2.29 28.14 35.70
C LEU A 16 2.67 29.58 35.42
N ALA A 17 1.64 30.43 35.36
CA ALA A 17 1.82 31.85 35.12
C ALA A 17 2.35 32.52 36.39
N ILE A 18 1.89 32.10 37.56
CA ILE A 18 2.50 32.65 38.77
C ILE A 18 3.98 32.22 38.87
N SER A 19 4.25 30.92 38.75
CA SER A 19 5.64 30.47 38.82
C SER A 19 6.55 31.18 37.82
N ALA A 20 5.99 31.58 36.68
CA ALA A 20 6.77 32.22 35.63
C ALA A 20 7.05 33.69 35.96
N LEU A 21 6.08 34.34 36.59
CA LEU A 21 6.16 35.77 36.85
C LEU A 21 7.19 36.07 37.93
N ALA A 22 7.42 35.11 38.82
CA ALA A 22 8.52 35.17 39.77
C ALA A 22 8.40 36.38 40.69
N PRO A 23 7.45 36.32 41.61
CA PRO A 23 7.14 37.46 42.48
C PRO A 23 8.19 37.66 43.56
N LYS A 24 8.65 38.90 43.72
CA LYS A 24 9.55 39.25 44.82
C LYS A 24 9.18 40.60 45.42
N PRO A 25 9.79 40.92 46.56
CA PRO A 25 9.31 42.01 47.41
C PRO A 25 9.40 43.37 46.74
N HIS A 26 8.38 44.16 47.08
CA HIS A 26 8.18 45.53 46.63
C HIS A 26 7.96 45.58 45.13
N GLU A 27 7.38 44.50 44.61
CA GLU A 27 7.07 44.40 43.19
C GLU A 27 5.60 44.70 42.88
N THR A 28 5.38 45.28 41.69
CA THR A 28 4.06 45.65 41.20
C THR A 28 3.76 44.95 39.90
N LEU A 29 2.75 44.07 39.90
CA LEU A 29 2.28 43.48 38.64
C LEU A 29 1.24 44.32 37.90
N TRP A 30 1.45 44.56 36.60
CA TRP A 30 0.33 44.89 35.72
C TRP A 30 -0.24 43.58 35.19
N ASP A 31 -1.48 43.31 35.54
CA ASP A 31 -2.20 42.15 35.01
C ASP A 31 -3.26 42.57 33.99
N ILE A 32 -2.93 42.40 32.72
CA ILE A 32 -3.73 42.97 31.64
C ILE A 32 -4.39 41.88 30.80
N GLY A 33 -5.67 42.07 30.46
CA GLY A 33 -6.31 41.28 29.43
C GLY A 33 -7.19 40.18 30.01
N GLY A 34 -7.42 39.14 29.22
CA GLY A 34 -8.42 38.15 29.55
C GLY A 34 -8.54 37.91 31.04
N GLY A 35 -9.76 38.00 31.56
CA GLY A 35 -10.04 37.61 32.92
C GLY A 35 -9.17 38.34 33.93
N SER A 36 -9.06 39.65 33.77
CA SER A 36 -8.15 40.45 34.58
C SER A 36 -8.50 40.34 36.06
N GLY A 37 -7.58 39.76 36.84
CA GLY A 37 -7.80 39.56 38.25
C GLY A 37 -7.32 38.20 38.73
N SER A 38 -7.54 37.19 37.91
CA SER A 38 -7.12 35.83 38.25
C SER A 38 -5.70 35.80 38.78
N ILE A 39 -4.77 36.34 37.99
CA ILE A 39 -3.35 36.31 38.34
C ILE A 39 -3.03 37.31 39.44
N ALA A 40 -3.81 38.38 39.50
CA ALA A 40 -3.50 39.51 40.37
C ALA A 40 -3.72 39.15 41.84
N ILE A 41 -4.90 38.60 42.13
CA ILE A 41 -5.29 38.34 43.51
C ILE A 41 -4.52 37.16 44.10
N GLU A 42 -4.04 36.28 43.22
CA GLU A 42 -3.14 35.21 43.62
C GLU A 42 -1.71 35.72 43.77
N TRP A 43 -1.25 36.46 42.77
CA TRP A 43 0.01 37.18 42.86
C TRP A 43 0.02 37.88 44.23
N LEU A 44 -1.07 38.54 44.57
CA LEU A 44 -1.13 39.29 45.84
C LEU A 44 -1.23 38.35 47.00
N ARG A 45 -2.05 37.31 46.82
CA ARG A 45 -2.33 36.37 47.88
C ARG A 45 -1.35 35.20 47.88
N SER A 46 -0.11 35.48 47.49
CA SER A 46 0.94 34.47 47.51
C SER A 46 2.25 35.04 48.00
N THR A 47 2.32 36.37 48.11
CA THR A 47 3.55 37.05 48.50
C THR A 47 3.24 38.32 49.28
N PRO A 48 3.50 38.29 50.59
CA PRO A 48 3.47 39.50 51.41
C PRO A 48 4.14 40.69 50.71
N GLN A 49 3.63 41.89 50.95
CA GLN A 49 4.32 43.11 50.54
C GLN A 49 4.37 43.21 49.01
N THR A 50 3.21 43.42 48.39
CA THR A 50 3.14 43.59 46.94
C THR A 50 1.88 44.35 46.54
N THR A 51 1.97 45.11 45.46
CA THR A 51 0.80 45.72 44.85
C THR A 51 0.61 45.26 43.41
N ALA A 52 -0.64 44.98 43.05
CA ALA A 52 -0.96 44.57 41.68
C ALA A 52 -1.88 45.58 41.01
N VAL A 53 -1.77 45.69 39.69
CA VAL A 53 -2.64 46.58 38.91
C VAL A 53 -3.45 45.79 37.85
N CYS A 54 -4.75 46.10 37.85
CA CYS A 54 -5.74 45.44 37.03
C CYS A 54 -6.34 46.39 35.99
N PHE A 55 -6.68 45.85 34.82
CA PHE A 55 -7.17 46.65 33.71
C PHE A 55 -8.37 45.95 33.06
N GLU A 56 -9.57 46.29 33.52
CA GLU A 56 -10.80 45.68 33.04
C GLU A 56 -11.73 46.75 32.43
N ILE A 57 -12.30 46.44 31.27
CA ILE A 57 -13.20 47.38 30.60
C ILE A 57 -14.59 47.53 31.27
N SER A 58 -15.16 46.40 31.72
CA SER A 58 -16.56 46.29 32.21
C SER A 58 -16.77 46.91 33.60
N GLU A 59 -17.70 47.85 33.74
CA GLU A 59 -17.92 48.39 35.09
C GLU A 59 -18.29 47.24 36.04
N GLU A 60 -19.10 46.29 35.57
CA GLU A 60 -19.60 45.17 36.40
C GLU A 60 -18.50 44.13 36.74
N ARG A 61 -17.54 43.95 35.84
CA ARG A 61 -16.43 43.02 36.10
C ARG A 61 -15.38 43.62 37.05
N ARG A 62 -15.17 44.94 37.01
CA ARG A 62 -14.24 45.61 37.95
C ARG A 62 -14.78 45.49 39.37
N GLU A 63 -16.11 45.57 39.50
CA GLU A 63 -16.80 45.47 40.79
C GLU A 63 -16.62 44.09 41.45
N ARG A 64 -16.45 43.05 40.63
CA ARG A 64 -16.30 41.67 41.12
C ARG A 64 -14.84 41.24 41.41
N ILE A 65 -13.87 41.87 40.75
CA ILE A 65 -12.46 41.62 40.99
C ILE A 65 -12.11 42.14 42.38
N LEU A 66 -12.46 43.41 42.62
CA LEU A 66 -12.17 44.05 43.90
C LEU A 66 -12.94 43.38 45.03
N SER A 67 -14.17 42.97 44.74
CA SER A 67 -14.96 42.18 45.68
C SER A 67 -14.18 40.98 46.19
N ASN A 68 -13.49 40.30 45.28
CA ASN A 68 -12.77 39.08 45.62
C ASN A 68 -11.42 39.37 46.28
N ALA A 69 -10.84 40.51 45.93
CA ALA A 69 -9.62 40.97 46.57
C ALA A 69 -9.86 41.30 48.05
N ILE A 70 -10.98 41.97 48.32
CA ILE A 70 -11.46 42.13 49.69
C ILE A 70 -11.61 40.78 50.38
N ASN A 71 -12.44 39.92 49.82
CA ASN A 71 -12.77 38.65 50.45
C ASN A 71 -11.55 37.75 50.61
N LEU A 72 -10.40 38.23 50.13
CA LEU A 72 -9.14 37.55 50.37
C LEU A 72 -8.17 38.44 51.14
N GLY A 73 -8.72 39.44 51.82
CA GLY A 73 -7.91 40.37 52.59
C GLY A 73 -6.82 41.00 51.76
N VAL A 74 -6.97 40.95 50.44
CA VAL A 74 -6.05 41.62 49.54
C VAL A 74 -6.69 42.84 48.89
N SER A 75 -7.57 43.50 49.63
CA SER A 75 -8.23 44.72 49.15
C SER A 75 -7.32 45.98 49.09
N ASP A 76 -6.28 45.99 49.92
CA ASP A 76 -5.48 47.18 50.15
C ASP A 76 -4.14 47.20 49.40
N ARG A 77 -4.02 46.36 48.37
CA ARG A 77 -2.80 46.30 47.59
C ARG A 77 -3.14 46.08 46.12
N ILE A 78 -4.42 46.22 45.79
CA ILE A 78 -4.84 46.10 44.41
C ILE A 78 -5.53 47.39 44.01
N ALA A 79 -5.18 47.91 42.84
CA ALA A 79 -6.03 48.89 42.17
C ALA A 79 -6.69 48.20 40.99
N VAL A 80 -7.98 48.47 40.79
CA VAL A 80 -8.69 47.97 39.61
C VAL A 80 -9.03 49.12 38.66
N GLN A 81 -8.24 49.24 37.60
CA GLN A 81 -8.47 50.27 36.59
C GLN A 81 -9.32 49.73 35.45
N GLN A 82 -9.50 50.54 34.41
CA GLN A 82 -10.20 50.11 33.20
C GLN A 82 -9.22 49.58 32.15
N GLY A 83 -9.69 49.48 30.92
CA GLY A 83 -8.93 48.79 29.88
C GLY A 83 -7.71 49.57 29.43
N ALA A 84 -6.58 48.88 29.30
CA ALA A 84 -5.51 49.34 28.43
C ALA A 84 -5.86 49.14 26.96
N PRO A 85 -5.14 49.85 26.09
CA PRO A 85 -3.93 50.58 26.51
C PRO A 85 -4.24 51.88 27.23
N ARG A 86 -5.46 52.38 27.06
CA ARG A 86 -5.81 53.68 27.59
C ARG A 86 -5.54 53.79 29.08
N ALA A 87 -6.03 52.82 29.85
CA ALA A 87 -5.98 52.93 31.30
C ALA A 87 -4.56 52.91 31.85
N PHE A 88 -3.57 52.69 30.98
CA PHE A 88 -2.17 52.89 31.38
C PHE A 88 -1.93 54.37 31.64
N ASP A 89 -2.50 55.22 30.78
CA ASP A 89 -2.27 56.66 30.83
C ASP A 89 -2.70 57.33 32.15
N ASP A 90 -3.42 56.60 33.00
CA ASP A 90 -3.87 57.17 34.26
C ASP A 90 -3.28 56.44 35.47
N VAL A 91 -2.41 55.47 35.20
CA VAL A 91 -1.65 54.81 36.25
C VAL A 91 -0.20 55.26 36.17
N PRO A 92 0.20 56.05 37.19
CA PRO A 92 1.39 56.91 37.22
C PRO A 92 2.73 56.15 37.37
N ASP A 93 2.81 55.15 38.24
CA ASP A 93 4.07 54.51 38.53
C ASP A 93 4.32 53.34 37.60
N ASN A 94 5.56 53.18 37.13
CA ASN A 94 5.89 52.11 36.18
C ASN A 94 5.80 50.75 36.83
N PRO A 95 5.12 49.78 36.17
CA PRO A 95 4.95 48.39 36.64
C PRO A 95 6.30 47.70 36.82
N ASP A 96 6.38 46.70 37.70
CA ASP A 96 7.61 45.93 37.87
C ASP A 96 7.57 44.67 36.97
N VAL A 97 6.44 44.00 36.97
CA VAL A 97 6.25 42.84 36.11
C VAL A 97 4.91 43.09 35.39
N ILE A 98 4.73 42.53 34.20
CA ILE A 98 3.40 42.51 33.56
C ILE A 98 3.05 41.12 33.15
N PHE A 99 1.76 40.84 33.11
CA PHE A 99 1.29 39.57 32.59
C PHE A 99 0.14 39.88 31.65
N ILE A 100 0.20 39.33 30.43
CA ILE A 100 -0.94 39.31 29.51
C ILE A 100 -1.44 37.88 29.20
N GLY A 101 -2.75 37.65 29.36
CA GLY A 101 -3.38 36.41 28.93
C GLY A 101 -4.41 36.60 27.81
N GLY A 103 -6.16 38.41 26.12
CA GLY A 103 -6.37 39.46 25.13
C GLY A 103 -5.03 39.86 24.53
N LEU A 104 -4.20 38.84 24.31
CA LEU A 104 -2.80 39.00 23.91
C LEU A 104 -2.53 39.88 22.66
N THR A 105 -3.57 40.13 21.86
CA THR A 105 -3.43 40.84 20.56
C THR A 105 -4.40 42.03 20.24
N ALA A 106 -4.93 42.69 21.26
CA ALA A 106 -5.69 43.92 21.01
C ALA A 106 -4.83 44.96 20.29
N PRO A 107 -5.46 45.72 19.39
CA PRO A 107 -4.73 46.84 18.80
C PRO A 107 -4.20 47.78 19.88
N GLY A 108 -2.89 47.75 20.12
CA GLY A 108 -2.20 48.78 20.89
C GLY A 108 -1.71 48.39 22.26
N VAL A 109 -2.39 47.44 22.89
CA VAL A 109 -2.17 47.12 24.29
C VAL A 109 -0.70 46.88 24.62
N PHE A 110 -0.02 46.12 23.77
CA PHE A 110 1.35 45.73 24.06
C PHE A 110 2.37 46.84 23.95
N ALA A 111 2.50 47.44 22.77
CA ALA A 111 3.49 48.49 22.61
C ALA A 111 3.28 49.44 23.76
N ALA A 112 2.04 49.80 24.00
CA ALA A 112 1.69 50.61 25.15
C ALA A 112 2.16 49.94 26.47
N ALA A 113 1.57 48.81 26.84
CA ALA A 113 2.05 48.14 28.04
C ALA A 113 3.57 48.25 28.08
N TRP A 114 4.19 48.07 26.91
CA TRP A 114 5.63 47.86 26.83
C TRP A 114 6.49 49.09 27.11
N LYS A 115 6.07 50.21 26.54
CA LYS A 115 6.79 51.46 26.73
C LYS A 115 6.99 51.70 28.23
N ARG A 116 6.11 51.10 29.03
CA ARG A 116 6.04 51.43 30.44
C ARG A 116 7.03 50.60 31.25
N LEU A 117 7.53 49.52 30.66
N LEU A 117 7.56 49.55 30.63
CA LEU A 117 8.37 48.61 31.40
CA LEU A 117 8.46 48.65 31.34
C LEU A 117 9.86 49.01 31.42
C LEU A 117 9.88 49.17 31.41
N PRO A 118 10.48 48.96 32.59
CA PRO A 118 11.88 49.34 32.78
C PRO A 118 12.85 48.33 32.20
N VAL A 119 14.11 48.73 32.05
CA VAL A 119 15.20 47.79 31.81
C VAL A 119 15.20 46.67 32.85
N GLY A 120 15.53 45.46 32.41
CA GLY A 120 15.49 44.30 33.27
C GLY A 120 14.21 44.22 34.08
N GLY A 121 13.09 44.52 33.43
CA GLY A 121 11.79 44.12 33.95
C GLY A 121 11.22 42.92 33.24
N ARG A 122 10.16 42.35 33.80
CA ARG A 122 9.69 41.02 33.38
C ARG A 122 8.27 41.09 32.84
N LEU A 123 8.06 40.47 31.68
CA LEU A 123 6.69 40.17 31.20
C LEU A 123 6.45 38.71 30.77
N VAL A 124 5.40 38.12 31.34
CA VAL A 124 4.99 36.77 30.96
C VAL A 124 3.64 36.84 30.27
N ALA A 125 3.54 36.28 29.06
CA ALA A 125 2.30 36.32 28.29
C ALA A 125 1.76 34.91 27.93
N ASN A 126 0.45 34.84 27.71
CA ASN A 126 -0.23 33.61 27.36
C ASN A 126 -0.92 33.77 26.07
N ALA A 127 -0.88 32.70 25.28
CA ALA A 127 -1.50 32.63 23.98
C ALA A 127 -2.23 31.32 23.95
N VAL A 128 -3.29 31.22 23.17
CA VAL A 128 -4.12 30.03 23.22
C VAL A 128 -4.56 29.69 21.81
N THR A 129 -4.23 30.57 20.88
CA THR A 129 -4.62 30.40 19.49
C THR A 129 -3.35 30.51 18.71
N VAL A 130 -3.42 30.20 17.42
CA VAL A 130 -2.23 30.25 16.59
C VAL A 130 -1.85 31.69 16.33
N GLU A 131 -2.84 32.49 15.97
CA GLU A 131 -2.60 33.90 15.76
C GLU A 131 -1.84 34.53 16.93
N SER A 132 -2.31 34.33 18.17
CA SER A 132 -1.56 34.78 19.35
C SER A 132 -0.18 34.13 19.41
N GLU A 133 -0.14 32.82 19.19
CA GLU A 133 1.12 32.06 19.29
C GLU A 133 2.23 32.55 18.36
N GLN A 134 1.89 32.94 17.14
CA GLN A 134 2.91 33.33 16.17
C GLN A 134 3.39 34.76 16.44
N MSE A 135 2.60 35.50 17.19
CA MSE A 135 2.96 36.82 17.67
C MSE A 135 3.97 36.77 18.83
O MSE A 135 4.92 37.57 18.87
CB MSE A 135 1.68 37.56 18.08
CG MSE A 135 1.86 38.73 19.04
SE MSE A 135 2.08 40.40 18.06
CE MSE A 135 1.67 41.67 19.47
N LEU A 136 3.78 35.86 19.79
CA LEU A 136 4.78 35.69 20.82
C LEU A 136 6.14 35.44 20.13
N TRP A 137 6.08 34.81 18.96
CA TRP A 137 7.27 34.32 18.28
C TRP A 137 7.98 35.49 17.60
N ALA A 138 7.23 36.55 17.36
CA ALA A 138 7.74 37.72 16.67
C ALA A 138 8.29 38.71 17.71
N LEU A 139 7.55 38.89 18.79
CA LEU A 139 8.01 39.69 19.91
C LEU A 139 9.17 39.00 20.64
N ARG A 140 9.18 37.68 20.58
CA ARG A 140 10.32 36.90 21.06
C ARG A 140 11.60 37.30 20.33
N LYS A 141 11.47 37.62 19.05
CA LYS A 141 12.63 37.79 18.18
C LYS A 141 13.21 39.19 18.30
N GLN A 142 12.45 40.10 18.90
CA GLN A 142 12.96 41.41 19.26
C GLN A 142 13.66 41.39 20.61
N PHE A 143 12.90 41.12 21.66
CA PHE A 143 13.30 41.53 23.02
C PHE A 143 13.93 40.36 23.76
N GLY A 144 14.14 39.25 23.06
CA GLY A 144 14.71 38.06 23.66
C GLY A 144 13.67 37.17 24.30
N GLY A 145 13.98 36.65 25.49
CA GLY A 145 13.09 35.76 26.17
C GLY A 145 12.87 34.43 25.47
N THR A 146 11.94 33.66 26.03
CA THR A 146 11.88 32.22 25.79
C THR A 146 10.43 31.74 25.84
N ILE A 147 10.10 30.77 24.98
CA ILE A 147 8.73 30.23 24.81
C ILE A 147 8.60 28.71 25.10
N SER A 148 7.72 28.33 26.02
CA SER A 148 7.40 26.93 26.31
C SER A 148 5.91 26.72 26.11
N SER A 149 5.41 25.50 26.22
CA SER A 149 3.99 25.27 25.93
C SER A 149 3.35 24.13 26.71
N PHE A 150 2.06 24.29 27.02
CA PHE A 150 1.39 23.35 27.92
C PHE A 150 0.13 22.69 27.35
N ALA A 151 0.14 21.35 27.27
CA ALA A 151 -1.06 20.60 26.93
C ALA A 151 -1.42 19.80 28.13
N ILE A 152 -2.57 20.12 28.74
CA ILE A 152 -3.05 19.51 29.99
C ILE A 152 -4.29 18.66 29.77
N SER A 153 -4.26 17.42 30.26
CA SER A 153 -5.40 16.52 30.09
C SER A 153 -5.99 16.10 31.45
N HIS A 154 -7.27 15.72 31.45
CA HIS A 154 -7.97 15.26 32.63
C HIS A 154 -8.81 14.04 32.24
N GLU A 155 -9.08 13.15 33.17
CA GLU A 155 -9.94 12.01 32.87
C GLU A 155 -11.31 12.44 32.38
N HIS A 156 -11.86 11.66 31.48
CA HIS A 156 -13.16 11.95 30.93
C HIS A 156 -13.80 10.61 30.78
N THR A 157 -14.73 10.33 31.68
CA THR A 157 -15.33 9.01 31.79
C THR A 157 -16.58 8.93 30.96
N VAL A 158 -16.44 8.86 29.63
CA VAL A 158 -17.60 8.78 28.75
C VAL A 158 -18.14 7.34 28.70
N GLY A 159 -18.89 7.00 29.75
CA GLY A 159 -19.43 5.67 29.91
C GLY A 159 -18.54 4.83 30.81
N SER A 160 -18.38 3.57 30.43
CA SER A 160 -17.58 2.61 31.21
C SER A 160 -16.07 2.80 31.06
N PHE A 161 -15.68 3.80 30.27
CA PHE A 161 -14.31 3.95 29.86
C PHE A 161 -13.80 5.36 30.04
N ILE A 162 -12.86 5.51 30.97
CA ILE A 162 -12.15 6.76 31.10
C ILE A 162 -11.20 6.92 29.91
N THR A 163 -11.19 8.11 29.34
CA THR A 163 -10.09 8.50 28.47
C THR A 163 -9.38 9.70 29.11
N MSE A 164 -8.13 9.91 28.70
CA MSE A 164 -7.40 11.15 28.99
C MSE A 164 -7.67 12.17 27.89
O MSE A 164 -7.40 11.92 26.71
CB MSE A 164 -5.90 10.87 29.14
CG MSE A 164 -5.56 10.20 30.46
SE MSE A 164 -6.21 11.27 32.00
CE MSE A 164 -4.63 12.40 32.25
N LYS A 165 -8.19 13.34 28.29
CA LYS A 165 -8.81 14.27 27.35
C LYS A 165 -8.09 15.58 27.32
N PRO A 166 -7.39 15.85 26.22
CA PRO A 166 -6.52 17.02 26.12
C PRO A 166 -7.30 18.34 26.07
N ALA A 167 -6.76 19.36 26.73
CA ALA A 167 -7.27 20.71 26.56
C ALA A 167 -6.44 21.32 25.44
N LEU A 168 -6.89 22.47 24.92
CA LEU A 168 -6.12 23.21 23.94
C LEU A 168 -4.79 23.65 24.56
N PRO A 169 -3.70 23.60 23.78
CA PRO A 169 -2.43 24.05 24.36
C PRO A 169 -2.45 25.52 24.69
N VAL A 170 -1.37 25.97 25.32
CA VAL A 170 -1.26 27.31 25.84
C VAL A 170 0.19 27.68 25.68
N HIS A 171 0.43 28.84 25.10
CA HIS A 171 1.80 29.28 24.89
C HIS A 171 2.11 30.40 25.83
N GLN A 172 3.35 30.34 26.33
CA GLN A 172 3.76 31.26 27.36
C GLN A 172 5.11 31.83 27.03
N TRP A 173 5.10 33.14 26.94
CA TRP A 173 6.31 33.90 26.78
C TRP A 173 6.66 34.55 28.13
N THR A 174 7.83 34.20 28.66
CA THR A 174 8.40 34.93 29.78
C THR A 174 9.75 35.56 29.42
N VAL A 175 9.93 36.80 29.85
CA VAL A 175 11.11 37.56 29.44
C VAL A 175 11.63 38.54 30.55
N VAL A 176 12.88 38.99 30.40
CA VAL A 176 13.43 40.09 31.18
C VAL A 176 13.87 41.16 30.16
N LYS A 177 13.44 42.41 30.34
CA LYS A 177 13.71 43.46 29.33
C LYS A 177 15.20 43.80 29.16
N GLY B 6 13.35 5.93 16.86
CA GLY B 6 14.00 6.92 16.02
C GLY B 6 13.96 6.55 14.54
N GLN B 7 13.85 5.25 14.30
CA GLN B 7 13.62 4.70 12.95
C GLN B 7 12.15 4.35 12.91
N LEU B 8 11.58 4.16 14.09
CA LEU B 8 10.14 4.09 14.23
C LEU B 8 9.48 5.44 13.93
N THR B 9 10.06 6.54 14.41
CA THR B 9 9.60 7.86 13.97
C THR B 9 9.72 7.95 12.46
N LYS B 10 10.79 7.37 11.90
CA LYS B 10 11.03 7.40 10.44
C LYS B 10 9.87 6.75 9.71
N GLN B 11 9.53 5.54 10.14
CA GLN B 11 8.42 4.80 9.58
C GLN B 11 7.13 5.61 9.68
N HIS B 12 6.74 5.96 10.91
CA HIS B 12 5.42 6.54 11.19
C HIS B 12 5.14 7.85 10.45
N VAL B 13 6.19 8.66 10.29
CA VAL B 13 6.11 9.96 9.63
C VAL B 13 5.88 9.90 8.11
N ARG B 14 6.53 8.94 7.43
CA ARG B 14 6.32 8.73 6.00
C ARG B 14 4.88 8.32 5.75
N ALA B 15 4.37 7.43 6.59
CA ALA B 15 3.03 6.90 6.42
C ALA B 15 2.04 8.05 6.34
N LEU B 16 2.09 8.89 7.38
CA LEU B 16 1.28 10.10 7.48
C LEU B 16 1.48 10.96 6.26
N ALA B 17 2.73 11.11 5.89
CA ALA B 17 3.07 11.80 4.67
C ALA B 17 2.30 11.13 3.55
N ILE B 18 2.39 9.79 3.50
CA ILE B 18 1.74 9.05 2.42
C ILE B 18 0.20 9.10 2.51
N SER B 19 -0.38 8.84 3.67
CA SER B 19 -1.78 9.22 3.89
C SER B 19 -2.08 10.57 3.20
N ALA B 20 -1.37 11.62 3.61
CA ALA B 20 -1.61 12.99 3.13
C ALA B 20 -1.56 13.15 1.62
N LEU B 21 -0.50 12.62 1.00
CA LEU B 21 -0.24 12.90 -0.40
C LEU B 21 -1.41 12.51 -1.29
N ALA B 22 -2.07 11.42 -0.91
CA ALA B 22 -3.22 10.87 -1.63
C ALA B 22 -2.87 10.51 -3.05
N PRO B 23 -2.10 9.43 -3.22
CA PRO B 23 -1.58 8.92 -4.50
C PRO B 23 -2.65 8.16 -5.31
N LYS B 24 -2.83 8.53 -6.57
CA LYS B 24 -3.86 7.94 -7.44
C LYS B 24 -3.21 7.39 -8.72
N PRO B 25 -4.03 6.85 -9.64
CA PRO B 25 -3.51 6.41 -10.94
C PRO B 25 -2.90 7.56 -11.74
N HIS B 26 -1.80 7.27 -12.42
CA HIS B 26 -1.19 8.20 -13.39
C HIS B 26 -0.64 9.52 -12.85
N GLU B 27 -0.18 9.53 -11.60
CA GLU B 27 0.29 10.78 -11.01
C GLU B 27 1.79 10.81 -10.84
N THR B 28 2.34 12.01 -10.86
CA THR B 28 3.78 12.17 -10.69
C THR B 28 4.09 12.96 -9.42
N LEU B 29 4.96 12.42 -8.59
CA LEU B 29 5.41 13.13 -7.40
C LEU B 29 6.83 13.71 -7.47
N TRP B 30 6.95 15.02 -7.26
CA TRP B 30 8.22 15.63 -6.88
C TRP B 30 8.39 15.50 -5.37
N ASP B 31 9.50 14.87 -4.99
CA ASP B 31 9.83 14.64 -3.61
C ASP B 31 11.06 15.47 -3.42
N ILE B 32 10.91 16.64 -2.79
CA ILE B 32 11.98 17.63 -2.75
C ILE B 32 12.49 17.82 -1.32
N GLY B 33 13.81 17.67 -1.15
CA GLY B 33 14.47 18.12 0.07
C GLY B 33 14.69 17.00 1.05
N GLY B 34 14.51 17.28 2.33
CA GLY B 34 15.11 16.50 3.39
C GLY B 34 14.95 15.01 3.17
N GLY B 35 16.08 14.32 2.99
CA GLY B 35 16.05 12.89 2.71
C GLY B 35 15.25 12.56 1.47
N SER B 36 15.52 13.26 0.38
CA SER B 36 14.88 12.97 -0.90
C SER B 36 14.99 11.50 -1.26
N GLY B 37 13.84 10.83 -1.38
CA GLY B 37 13.79 9.49 -1.93
C GLY B 37 12.92 8.56 -1.10
N SER B 38 12.97 8.73 0.21
CA SER B 38 12.24 7.84 1.13
C SER B 38 10.75 7.84 0.83
N ILE B 39 10.19 9.03 0.63
CA ILE B 39 8.78 9.18 0.31
C ILE B 39 8.50 8.78 -1.14
N ALA B 40 9.40 9.17 -2.03
CA ALA B 40 9.33 8.74 -3.43
C ALA B 40 9.26 7.22 -3.53
N ILE B 41 10.21 6.54 -2.89
CA ILE B 41 10.29 5.10 -2.96
C ILE B 41 9.01 4.42 -2.44
N GLU B 42 8.40 4.95 -1.37
CA GLU B 42 7.17 4.36 -0.82
C GLU B 42 5.91 4.77 -1.59
N TRP B 43 5.87 6.02 -2.01
CA TRP B 43 4.92 6.48 -3.02
C TRP B 43 4.94 5.49 -4.18
N LEU B 44 6.12 5.19 -4.71
CA LEU B 44 6.23 4.27 -5.85
C LEU B 44 5.76 2.86 -5.49
N ARG B 45 6.22 2.37 -4.35
CA ARG B 45 5.80 1.09 -3.82
C ARG B 45 4.27 0.93 -3.67
N SER B 46 3.69 1.73 -2.78
CA SER B 46 2.34 1.53 -2.29
C SER B 46 1.24 1.51 -3.36
N THR B 47 1.60 1.93 -4.57
CA THR B 47 0.61 2.25 -5.58
C THR B 47 1.13 1.91 -6.97
N PRO B 48 0.29 1.26 -7.78
CA PRO B 48 0.67 0.86 -9.14
C PRO B 48 0.51 2.01 -10.13
N GLN B 49 1.39 2.07 -11.12
CA GLN B 49 1.25 3.02 -12.22
C GLN B 49 1.44 4.45 -11.74
N THR B 50 2.63 4.73 -11.21
CA THR B 50 2.94 6.06 -10.70
C THR B 50 4.39 6.44 -10.99
N THR B 51 4.69 7.73 -10.95
CA THR B 51 6.03 8.22 -11.21
C THR B 51 6.51 9.14 -10.09
N ALA B 52 7.78 9.01 -9.73
CA ALA B 52 8.38 9.87 -8.72
C ALA B 52 9.64 10.56 -9.27
N VAL B 53 9.85 11.81 -8.89
CA VAL B 53 11.12 12.46 -9.20
C VAL B 53 11.71 12.97 -7.88
N CYS B 54 13.03 12.82 -7.75
CA CYS B 54 13.76 13.19 -6.54
C CYS B 54 14.79 14.26 -6.82
N PHE B 55 15.01 15.14 -5.85
CA PHE B 55 15.99 16.21 -5.97
C PHE B 55 17.12 16.12 -4.93
N GLU B 56 18.28 15.69 -5.42
CA GLU B 56 19.42 15.37 -4.56
C GLU B 56 20.76 16.02 -5.00
N ILE B 57 21.40 16.67 -4.05
CA ILE B 57 22.59 17.47 -4.24
C ILE B 57 23.88 16.64 -4.42
N SER B 58 24.20 15.82 -3.41
CA SER B 58 25.42 15.00 -3.40
C SER B 58 25.41 14.01 -4.56
N GLU B 59 26.45 14.00 -5.40
CA GLU B 59 26.53 13.05 -6.52
C GLU B 59 26.31 11.63 -6.02
N GLU B 60 26.52 11.46 -4.71
CA GLU B 60 26.69 10.15 -4.12
C GLU B 60 25.51 9.86 -3.19
N ARG B 61 24.73 10.90 -2.88
CA ARG B 61 23.48 10.67 -2.17
C ARG B 61 22.42 10.28 -3.19
N ARG B 62 22.62 10.72 -4.44
CA ARG B 62 21.83 10.24 -5.58
C ARG B 62 22.15 8.78 -5.89
N GLU B 63 23.40 8.36 -5.63
CA GLU B 63 23.84 6.97 -5.88
C GLU B 63 23.46 6.00 -4.76
N ARG B 64 22.55 6.43 -3.88
CA ARG B 64 22.00 5.56 -2.84
C ARG B 64 20.46 5.54 -2.88
N ILE B 65 19.85 6.61 -3.40
CA ILE B 65 18.40 6.72 -3.62
C ILE B 65 17.95 5.77 -4.71
N LEU B 66 18.64 5.83 -5.85
CA LEU B 66 18.29 5.05 -7.06
C LEU B 66 18.68 3.57 -6.96
N SER B 67 19.82 3.31 -6.35
CA SER B 67 20.21 1.93 -6.01
C SER B 67 19.12 1.24 -5.21
N ASN B 68 18.58 1.94 -4.22
CA ASN B 68 17.58 1.36 -3.33
C ASN B 68 16.26 1.09 -4.05
N ALA B 69 15.81 2.07 -4.82
CA ALA B 69 14.67 1.86 -5.71
C ALA B 69 14.78 0.55 -6.48
N ILE B 70 15.89 0.39 -7.20
CA ILE B 70 16.13 -0.83 -7.95
C ILE B 70 15.68 -2.07 -7.18
N ASN B 71 16.02 -2.10 -5.90
CA ASN B 71 15.77 -3.28 -5.07
C ASN B 71 14.29 -3.58 -4.94
N LEU B 72 13.53 -2.62 -4.44
CA LEU B 72 12.08 -2.77 -4.32
C LEU B 72 11.42 -2.87 -5.69
N GLY B 73 12.24 -2.85 -6.74
CA GLY B 73 11.75 -3.06 -8.09
C GLY B 73 11.04 -1.84 -8.66
N VAL B 74 11.19 -0.71 -7.97
CA VAL B 74 10.62 0.55 -8.44
C VAL B 74 11.70 1.42 -9.07
N SER B 75 12.73 0.80 -9.61
CA SER B 75 13.76 1.52 -10.39
C SER B 75 13.24 2.06 -11.76
N ASP B 76 12.15 1.45 -12.22
CA ASP B 76 11.49 1.72 -13.49
C ASP B 76 10.88 3.13 -13.58
N ARG B 77 10.49 3.65 -12.42
CA ARG B 77 9.57 4.77 -12.33
C ARG B 77 10.08 5.92 -11.45
N ILE B 78 11.39 5.96 -11.19
CA ILE B 78 12.01 7.03 -10.42
C ILE B 78 13.17 7.65 -11.22
N ALA B 79 13.29 8.98 -11.16
CA ALA B 79 14.42 9.66 -11.77
C ALA B 79 15.07 10.38 -10.60
N VAL B 80 16.40 10.45 -10.60
CA VAL B 80 17.13 11.19 -9.56
C VAL B 80 17.84 12.40 -10.15
N GLN B 81 17.22 13.55 -9.97
CA GLN B 81 17.75 14.79 -10.46
C GLN B 81 18.57 15.38 -9.35
N GLN B 82 19.21 16.52 -9.61
CA GLN B 82 20.03 17.19 -8.62
C GLN B 82 19.17 18.18 -7.85
N GLY B 83 19.80 19.10 -7.11
CA GLY B 83 19.14 19.93 -6.10
C GLY B 83 18.31 21.12 -6.59
N ALA B 84 17.14 21.33 -5.97
CA ALA B 84 16.13 22.31 -6.44
C ALA B 84 16.44 23.74 -5.96
N PRO B 85 15.95 24.75 -6.69
CA PRO B 85 15.12 24.76 -7.91
C PRO B 85 15.88 24.77 -9.24
N ARG B 86 17.20 24.68 -9.16
CA ARG B 86 18.03 24.68 -10.37
C ARG B 86 17.84 23.38 -11.12
N ALA B 87 17.32 22.38 -10.41
CA ALA B 87 17.11 21.06 -10.98
C ALA B 87 15.65 20.83 -11.39
N PHE B 88 14.78 21.79 -11.05
CA PHE B 88 13.45 21.80 -11.63
C PHE B 88 13.54 22.13 -13.11
N ASP B 89 14.63 22.79 -13.51
CA ASP B 89 14.82 23.27 -14.89
C ASP B 89 15.29 22.15 -15.83
N ASP B 90 15.63 21.01 -15.23
CA ASP B 90 15.88 19.79 -15.98
C ASP B 90 14.54 19.17 -16.36
N VAL B 91 13.71 18.89 -15.35
CA VAL B 91 12.45 18.14 -15.49
C VAL B 91 11.29 18.87 -16.16
N PRO B 92 10.96 18.47 -17.41
CA PRO B 92 10.00 19.10 -18.34
C PRO B 92 8.50 18.95 -18.02
N ASP B 93 8.00 17.76 -17.71
CA ASP B 93 6.55 17.63 -17.48
C ASP B 93 6.17 18.19 -16.13
N ASN B 94 5.02 18.85 -16.05
CA ASN B 94 4.46 19.37 -14.79
C ASN B 94 4.01 18.25 -13.86
N PRO B 95 4.53 18.23 -12.62
CA PRO B 95 4.21 17.20 -11.62
C PRO B 95 2.74 17.29 -11.20
N ASP B 96 2.19 16.20 -10.66
CA ASP B 96 0.81 16.15 -10.15
C ASP B 96 0.72 16.44 -8.64
N VAL B 97 1.71 15.97 -7.89
CA VAL B 97 1.74 16.12 -6.45
C VAL B 97 3.19 16.42 -6.06
N ILE B 98 3.41 17.30 -5.07
CA ILE B 98 4.76 17.56 -4.53
C ILE B 98 4.86 17.33 -3.03
N PHE B 99 5.97 16.74 -2.59
CA PHE B 99 6.27 16.60 -1.17
C PHE B 99 7.55 17.31 -0.76
N ILE B 100 7.45 18.14 0.28
CA ILE B 100 8.63 18.80 0.83
C ILE B 100 8.92 18.44 2.30
N GLY B 101 10.03 17.75 2.53
CA GLY B 101 10.52 17.53 3.89
C GLY B 101 11.67 18.46 4.26
N LEU B 104 12.88 22.54 4.15
CA LEU B 104 11.71 22.99 3.37
C LEU B 104 11.60 24.52 3.27
N THR B 105 12.69 25.22 3.56
CA THR B 105 12.68 26.69 3.55
C THR B 105 13.86 27.27 2.75
N ALA B 106 14.58 26.40 2.05
CA ALA B 106 15.72 26.82 1.26
C ALA B 106 15.31 28.08 0.53
N PRO B 107 16.26 28.98 0.33
CA PRO B 107 15.97 30.16 -0.47
C PRO B 107 15.46 29.79 -1.86
N GLY B 108 14.18 30.06 -2.10
CA GLY B 108 13.55 29.98 -3.40
C GLY B 108 13.00 28.64 -3.88
N VAL B 109 13.06 27.62 -3.04
CA VAL B 109 12.69 26.28 -3.48
C VAL B 109 11.19 26.11 -3.57
N PHE B 110 10.46 26.71 -2.64
CA PHE B 110 9.01 26.69 -2.73
C PHE B 110 8.50 27.40 -3.98
N ALA B 111 8.73 28.71 -4.05
CA ALA B 111 8.12 29.48 -5.14
C ALA B 111 8.49 28.88 -6.46
N ALA B 112 9.75 28.45 -6.59
CA ALA B 112 10.19 27.76 -7.79
C ALA B 112 9.35 26.52 -8.05
N ALA B 113 9.39 25.58 -7.10
CA ALA B 113 8.62 24.36 -7.23
C ALA B 113 7.13 24.64 -7.45
N TRP B 114 6.67 25.78 -6.95
CA TRP B 114 5.26 26.13 -6.91
C TRP B 114 4.83 26.76 -8.22
N LYS B 115 5.79 27.39 -8.89
CA LYS B 115 5.57 27.92 -10.25
C LYS B 115 5.40 26.81 -11.28
N ARG B 116 5.43 25.55 -10.81
CA ARG B 116 5.38 24.37 -11.67
C ARG B 116 4.18 23.45 -11.38
N LEU B 117 3.51 23.68 -10.25
CA LEU B 117 2.26 23.00 -9.95
C LEU B 117 1.08 23.68 -10.65
N PRO B 118 0.28 22.88 -11.34
CA PRO B 118 -0.91 23.40 -12.03
C PRO B 118 -2.11 23.50 -11.09
N VAL B 119 -3.03 24.41 -11.39
CA VAL B 119 -4.31 24.47 -10.70
C VAL B 119 -4.84 23.08 -10.40
N GLY B 120 -5.15 22.83 -9.13
CA GLY B 120 -5.84 21.62 -8.73
C GLY B 120 -4.88 20.51 -8.35
N GLY B 121 -3.58 20.79 -8.48
CA GLY B 121 -2.56 19.92 -7.92
C GLY B 121 -2.56 19.91 -6.41
N ARG B 122 -1.78 19.00 -5.82
CA ARG B 122 -1.66 18.90 -4.37
C ARG B 122 -0.21 18.85 -3.93
N LEU B 123 0.09 19.50 -2.81
CA LEU B 123 1.42 19.45 -2.18
C LEU B 123 1.28 19.26 -0.66
N VAL B 124 2.18 18.46 -0.07
CA VAL B 124 2.16 18.20 1.39
C VAL B 124 3.53 18.47 1.97
N ALA B 125 3.60 19.43 2.88
CA ALA B 125 4.88 19.84 3.44
C ALA B 125 4.96 19.52 4.93
N ASN B 126 6.16 19.22 5.40
CA ASN B 126 6.37 18.88 6.80
C ASN B 126 7.39 19.81 7.47
N ALA B 127 7.05 20.28 8.66
CA ALA B 127 7.94 21.16 9.42
C ALA B 127 8.54 20.45 10.62
N VAL B 128 9.78 20.77 10.93
CA VAL B 128 10.47 20.16 12.07
C VAL B 128 11.01 21.22 13.02
N THR B 129 11.25 22.41 12.49
CA THR B 129 11.64 23.56 13.31
C THR B 129 10.51 24.58 13.41
N VAL B 130 10.65 25.54 14.32
CA VAL B 130 9.67 26.59 14.48
C VAL B 130 9.71 27.57 13.31
N GLU B 131 10.93 27.96 12.92
CA GLU B 131 11.12 28.73 11.70
C GLU B 131 10.33 28.10 10.55
N SER B 132 10.48 26.79 10.36
CA SER B 132 9.71 26.03 9.36
C SER B 132 8.20 26.07 9.60
N GLU B 133 7.78 25.84 10.85
CA GLU B 133 6.36 25.85 11.22
C GLU B 133 5.66 27.17 10.88
N GLN B 134 6.33 28.29 11.13
CA GLN B 134 5.72 29.61 10.95
C GLN B 134 5.53 29.91 9.47
N MSE B 135 6.36 29.30 8.64
CA MSE B 135 6.25 29.47 7.20
C MSE B 135 4.96 28.81 6.64
O MSE B 135 4.22 29.46 5.89
CB MSE B 135 7.55 28.95 6.53
CG MSE B 135 7.55 28.85 5.01
SE MSE B 135 8.04 30.47 4.10
CE MSE B 135 8.19 29.80 2.26
N LEU B 136 4.69 27.55 6.99
CA LEU B 136 3.46 26.87 6.53
C LEU B 136 2.21 27.71 6.85
N TRP B 137 2.30 28.50 7.91
CA TRP B 137 1.16 29.31 8.37
C TRP B 137 0.90 30.47 7.42
N ALA B 138 1.92 30.81 6.64
CA ALA B 138 1.90 31.98 5.78
C ALA B 138 1.68 31.57 4.33
N LEU B 139 2.16 30.38 3.98
CA LEU B 139 1.82 29.76 2.70
C LEU B 139 0.41 29.20 2.72
N ARG B 140 -0.10 28.91 3.92
CA ARG B 140 -1.50 28.54 4.09
C ARG B 140 -2.42 29.74 3.88
N LYS B 141 -1.93 30.93 4.23
CA LYS B 141 -2.77 32.12 4.27
C LYS B 141 -3.37 32.40 2.90
N GLN B 142 -2.51 32.68 1.91
CA GLN B 142 -2.94 32.80 0.53
C GLN B 142 -3.46 31.46 -0.01
N PHE B 143 -2.59 30.46 0.01
CA PHE B 143 -2.67 29.37 -0.94
C PHE B 143 -3.80 28.40 -0.59
N GLY B 144 -4.46 28.65 0.55
CA GLY B 144 -5.48 27.76 1.06
C GLY B 144 -4.78 26.67 1.84
N GLY B 145 -5.47 25.57 2.11
CA GLY B 145 -4.81 24.46 2.74
C GLY B 145 -4.93 24.42 4.24
N THR B 146 -4.45 23.32 4.81
CA THR B 146 -4.77 22.95 6.16
C THR B 146 -3.59 22.32 6.81
N ILE B 147 -3.32 22.76 8.05
CA ILE B 147 -2.18 22.33 8.88
C ILE B 147 -2.55 21.34 10.06
N SER B 148 -1.82 20.24 10.22
CA SER B 148 -2.05 19.26 11.32
C SER B 148 -0.76 18.98 12.06
N SER B 149 -0.82 18.29 13.20
CA SER B 149 0.38 18.12 14.05
C SER B 149 0.62 16.71 14.63
N PHE B 150 1.88 16.30 14.66
CA PHE B 150 2.18 14.96 15.11
C PHE B 150 3.27 14.87 16.17
N ALA B 151 2.86 14.59 17.41
CA ALA B 151 3.77 14.15 18.45
C ALA B 151 3.73 12.63 18.53
N ILE B 152 4.84 11.99 18.16
CA ILE B 152 4.92 10.53 18.19
C ILE B 152 5.89 10.00 19.26
N SER B 153 5.38 9.16 20.16
CA SER B 153 6.17 8.67 21.29
C SER B 153 6.49 7.18 21.20
N HIS B 154 7.68 6.81 21.67
CA HIS B 154 8.16 5.46 21.61
C HIS B 154 8.57 5.07 23.02
N GLU B 155 8.23 3.85 23.42
CA GLU B 155 8.70 3.37 24.71
C GLU B 155 10.21 3.50 24.76
N HIS B 156 10.75 3.72 25.95
CA HIS B 156 12.16 4.03 26.10
C HIS B 156 12.63 3.62 27.49
N THR B 157 13.38 2.53 27.54
CA THR B 157 13.56 1.81 28.78
C THR B 157 14.90 2.11 29.41
N VAL B 158 14.94 3.10 30.29
CA VAL B 158 16.15 3.32 31.06
C VAL B 158 16.15 2.43 32.29
N GLY B 159 16.88 1.32 32.16
CA GLY B 159 17.12 0.39 33.25
C GLY B 159 15.93 -0.47 33.61
N SER B 160 15.25 -0.06 34.68
CA SER B 160 14.15 -0.80 35.24
C SER B 160 12.79 -0.15 34.87
N PHE B 161 12.86 0.99 34.18
CA PHE B 161 11.67 1.80 33.94
C PHE B 161 11.48 2.26 32.50
N ILE B 162 10.31 1.92 31.95
CA ILE B 162 9.91 2.43 30.66
C ILE B 162 9.32 3.81 30.91
N THR B 163 9.58 4.72 29.99
CA THR B 163 8.79 5.91 29.83
C THR B 163 8.34 5.94 28.38
N MSE B 164 7.48 6.89 28.06
CA MSE B 164 7.08 7.09 26.70
C MSE B 164 7.72 8.35 26.16
O MSE B 164 7.17 9.41 26.28
CB MSE B 164 5.56 7.26 26.65
CG MSE B 164 4.82 5.95 26.81
SE MSE B 164 5.01 4.83 25.19
CE MSE B 164 4.92 6.21 23.83
N LYS B 165 8.89 8.18 25.54
CA LYS B 165 9.70 9.31 25.09
C LYS B 165 9.17 10.00 23.82
N PRO B 166 8.91 11.31 23.90
CA PRO B 166 8.33 12.03 22.76
C PRO B 166 9.34 12.37 21.66
N ALA B 167 9.03 12.06 20.40
CA ALA B 167 9.79 12.67 19.31
C ALA B 167 9.52 14.19 19.24
N LEU B 168 10.34 14.91 18.47
CA LEU B 168 10.02 16.29 18.21
C LEU B 168 8.77 16.34 17.31
N PRO B 169 7.86 17.27 17.59
CA PRO B 169 6.62 17.29 16.79
C PRO B 169 6.86 17.61 15.30
N VAL B 170 5.92 17.19 14.47
CA VAL B 170 5.99 17.35 13.04
C VAL B 170 4.75 18.06 12.60
N HIS B 171 4.95 19.09 11.78
CA HIS B 171 3.86 19.90 11.24
C HIS B 171 3.74 19.65 9.76
N GLN B 172 2.51 19.64 9.30
CA GLN B 172 2.27 19.05 8.02
C GLN B 172 1.18 19.83 7.36
N TRP B 173 1.53 20.41 6.23
CA TRP B 173 0.62 21.22 5.47
C TRP B 173 0.12 20.41 4.24
N THR B 174 -1.19 20.17 4.13
CA THR B 174 -1.76 19.53 2.95
C THR B 174 -2.87 20.34 2.22
N VAL B 175 -2.55 20.92 1.05
CA VAL B 175 -3.55 21.62 0.23
C VAL B 175 -3.62 21.19 -1.25
N VAL B 176 -4.76 21.49 -1.86
CA VAL B 176 -5.03 21.28 -3.27
C VAL B 176 -5.09 22.70 -3.86
N LYS B 177 -4.53 22.91 -5.04
CA LYS B 177 -4.36 24.27 -5.61
C LYS B 177 -5.44 24.69 -6.65
N ALA B 178 -5.53 25.98 -6.92
CA ALA B 178 -6.49 26.60 -7.83
C ALA B 178 -6.95 27.81 -7.09
N GLY C 6 16.19 23.50 30.28
CA GLY C 6 17.04 23.12 31.40
C GLY C 6 16.27 22.87 32.69
N GLN C 7 16.60 23.63 33.75
CA GLN C 7 15.82 23.63 34.99
C GLN C 7 14.43 24.25 34.78
N LEU C 8 14.21 24.79 33.59
CA LEU C 8 12.91 25.32 33.20
C LEU C 8 11.88 24.26 33.41
N THR C 9 11.97 23.21 32.60
CA THR C 9 11.06 22.08 32.69
C THR C 9 10.73 21.75 34.14
N LYS C 10 11.75 21.85 34.97
CA LYS C 10 11.71 21.32 36.33
C LYS C 10 10.93 22.23 37.27
N GLN C 11 10.89 23.52 36.96
CA GLN C 11 10.17 24.50 37.76
C GLN C 11 8.69 24.47 37.42
N HIS C 12 8.41 24.06 36.19
CA HIS C 12 7.06 24.01 35.66
C HIS C 12 6.30 22.83 36.25
N VAL C 13 7.03 21.75 36.51
CA VAL C 13 6.51 20.61 37.27
C VAL C 13 6.21 20.95 38.73
N ARG C 14 7.16 21.58 39.38
CA ARG C 14 7.04 21.97 40.79
C ARG C 14 5.80 22.85 40.97
N ALA C 15 5.66 23.85 40.12
CA ALA C 15 4.49 24.74 40.19
C ALA C 15 3.18 23.94 40.13
N LEU C 16 3.16 22.89 39.33
CA LEU C 16 1.96 22.06 39.19
C LEU C 16 1.68 21.24 40.43
N ALA C 17 2.76 20.76 41.07
CA ALA C 17 2.67 20.00 42.32
C ALA C 17 2.11 20.83 43.48
N ILE C 18 2.69 22.00 43.73
CA ILE C 18 2.26 22.82 44.87
C ILE C 18 0.83 23.37 44.68
N SER C 19 0.44 23.59 43.42
CA SER C 19 -0.93 23.93 43.04
C SER C 19 -1.90 22.81 43.40
N ALA C 20 -1.59 21.60 42.98
CA ALA C 20 -2.39 20.43 43.34
C ALA C 20 -2.58 20.35 44.85
N LEU C 21 -1.54 20.70 45.60
CA LEU C 21 -1.51 20.46 47.04
C LEU C 21 -2.34 21.49 47.79
N ALA C 22 -2.49 22.67 47.20
CA ALA C 22 -3.39 23.69 47.73
C ALA C 22 -3.07 23.99 49.19
N PRO C 23 -1.85 24.44 49.44
CA PRO C 23 -1.37 24.67 50.81
C PRO C 23 -2.36 25.52 51.61
N LYS C 24 -2.69 25.07 52.81
CA LYS C 24 -3.05 25.98 53.89
C LYS C 24 -1.92 26.11 54.91
N PRO C 25 -1.98 27.16 55.72
CA PRO C 25 -0.85 27.57 56.55
C PRO C 25 -0.76 26.75 57.83
N HIS C 26 -1.88 26.14 58.23
CA HIS C 26 -1.95 25.39 59.48
C HIS C 26 -1.28 24.02 59.34
N GLU C 27 -0.80 23.73 58.14
CA GLU C 27 -0.71 22.34 57.67
C GLU C 27 0.75 21.97 57.39
N THR C 28 1.03 20.67 57.44
CA THR C 28 2.40 20.18 57.37
C THR C 28 2.57 19.16 56.26
N LEU C 29 3.61 19.34 55.44
CA LEU C 29 3.80 18.51 54.26
C LEU C 29 4.71 17.32 54.57
N TRP C 30 4.42 16.18 53.96
CA TRP C 30 5.32 15.04 53.99
C TRP C 30 5.67 14.75 52.53
N ASP C 31 6.79 15.31 52.07
CA ASP C 31 7.37 15.05 50.75
C ASP C 31 8.18 13.75 50.89
N ILE C 32 7.87 12.76 50.06
CA ILE C 32 8.46 11.43 50.23
C ILE C 32 9.56 11.05 49.23
N GLY C 37 15.45 18.12 47.16
CA GLY C 37 14.66 18.59 48.28
C GLY C 37 13.68 19.68 47.89
N SER C 38 13.16 19.55 46.67
CA SER C 38 12.45 20.61 45.97
C SER C 38 10.99 20.87 46.36
N ILE C 39 10.11 19.88 46.25
CA ILE C 39 8.70 20.18 46.49
C ILE C 39 8.49 20.58 47.95
N ALA C 40 9.28 20.01 48.86
CA ALA C 40 9.20 20.36 50.27
C ALA C 40 9.62 21.80 50.50
N ILE C 41 10.81 22.13 50.03
CA ILE C 41 11.36 23.46 50.19
C ILE C 41 10.40 24.52 49.62
N GLU C 42 9.92 24.31 48.40
CA GLU C 42 8.99 25.23 47.75
C GLU C 42 7.68 25.47 48.51
N TRP C 43 7.16 24.41 49.14
CA TRP C 43 6.00 24.47 50.04
C TRP C 43 6.33 25.34 51.28
N LEU C 44 7.63 25.60 51.47
CA LEU C 44 8.07 26.40 52.60
C LEU C 44 8.27 27.89 52.27
N ARG C 45 8.09 28.28 51.00
CA ARG C 45 8.32 29.67 50.59
C ARG C 45 7.08 30.43 50.14
N SER C 46 6.07 29.67 49.71
CA SER C 46 4.80 30.22 49.25
C SER C 46 3.66 30.23 50.29
N THR C 47 3.86 29.62 51.47
CA THR C 47 2.89 29.61 52.59
C THR C 47 3.52 29.68 53.99
N PRO C 48 3.16 30.72 54.79
CA PRO C 48 3.66 30.78 56.17
C PRO C 48 3.05 29.72 57.10
N GLN C 49 3.77 29.48 58.19
CA GLN C 49 3.40 28.49 59.18
C GLN C 49 3.14 27.11 58.57
N THR C 50 3.65 26.87 57.39
CA THR C 50 3.63 25.50 56.87
C THR C 50 5.02 24.93 56.93
N THR C 51 5.12 23.73 57.50
CA THR C 51 6.39 23.05 57.66
C THR C 51 6.44 21.84 56.77
N ALA C 52 7.62 21.54 56.24
CA ALA C 52 7.80 20.35 55.42
C ALA C 52 8.67 19.31 56.13
N VAL C 53 8.21 18.07 56.06
CA VAL C 53 8.98 16.90 56.46
C VAL C 53 9.38 16.19 55.18
N CYS C 54 10.67 15.91 55.05
CA CYS C 54 11.24 15.20 53.91
C CYS C 54 11.67 13.82 54.33
N PHE C 55 11.64 12.85 53.42
CA PHE C 55 12.23 11.56 53.74
C PHE C 55 13.18 11.19 52.63
N GLU C 56 14.46 11.02 52.95
CA GLU C 56 15.47 10.74 51.92
C GLU C 56 16.57 9.72 52.32
N ILE C 57 16.57 8.56 51.64
CA ILE C 57 17.51 7.47 51.92
C ILE C 57 18.98 7.82 51.61
N SER C 58 19.20 8.82 50.75
CA SER C 58 20.55 9.26 50.43
C SER C 58 21.02 10.32 51.40
N GLU C 59 22.10 10.03 52.14
CA GLU C 59 22.76 11.06 52.95
C GLU C 59 23.10 12.26 52.10
N GLU C 60 23.70 12.00 50.91
CA GLU C 60 24.23 13.06 50.06
C GLU C 60 23.13 13.97 49.55
N ARG C 61 22.02 13.38 49.09
CA ARG C 61 20.88 14.17 48.65
C ARG C 61 20.24 14.91 49.81
N ARG C 62 20.31 14.32 51.00
CA ARG C 62 19.84 14.99 52.23
C ARG C 62 20.68 16.23 52.57
N GLU C 63 22.00 16.05 52.68
CA GLU C 63 22.91 17.17 52.91
C GLU C 63 22.51 18.28 51.94
N ARG C 64 21.85 17.89 50.86
CA ARG C 64 21.46 18.81 49.80
C ARG C 64 20.14 19.53 50.04
N ILE C 65 19.15 18.79 50.55
CA ILE C 65 17.85 19.36 50.86
C ILE C 65 17.90 20.39 51.99
N LEU C 66 18.60 20.03 53.07
CA LEU C 66 18.81 20.97 54.17
C LEU C 66 19.72 22.11 53.72
N SER C 67 20.65 21.79 52.82
CA SER C 67 21.56 22.78 52.27
C SER C 67 20.79 23.94 51.64
N ASN C 68 19.92 23.62 50.69
CA ASN C 68 19.22 24.63 49.92
C ASN C 68 18.01 25.20 50.67
N ALA C 69 17.46 24.41 51.58
CA ALA C 69 16.55 24.94 52.59
C ALA C 69 17.05 26.27 53.16
N ILE C 70 18.35 26.51 53.04
CA ILE C 70 18.99 27.63 53.70
C ILE C 70 18.89 28.89 52.86
N ASN C 71 19.04 28.74 51.54
CA ASN C 71 18.92 29.87 50.63
C ASN C 71 17.67 30.70 50.89
N LEU C 72 16.54 30.02 51.05
CA LEU C 72 15.25 30.69 51.12
C LEU C 72 14.79 30.84 52.57
N GLY C 73 15.73 30.69 53.50
CA GLY C 73 15.48 31.02 54.89
C GLY C 73 14.31 30.25 55.48
N VAL C 74 14.33 28.93 55.31
CA VAL C 74 13.26 28.08 55.80
C VAL C 74 13.80 26.82 56.47
N SER C 75 15.12 26.77 56.61
CA SER C 75 15.80 25.53 56.98
C SER C 75 15.25 24.96 58.28
N ASP C 76 14.81 25.84 59.17
CA ASP C 76 14.40 25.45 60.50
C ASP C 76 12.89 25.17 60.55
N ARG C 77 12.27 25.11 59.38
CA ARG C 77 10.92 24.57 59.26
C ARG C 77 10.94 23.18 58.63
N ILE C 78 11.90 22.95 57.74
CA ILE C 78 12.01 21.68 57.06
C ILE C 78 12.74 20.74 57.98
N ALA C 79 12.22 19.52 58.09
CA ALA C 79 12.93 18.40 58.73
C ALA C 79 13.26 17.36 57.70
N VAL C 80 14.54 17.27 57.35
CA VAL C 80 14.99 16.23 56.44
C VAL C 80 15.23 14.92 57.19
N GLN C 81 14.32 13.97 56.95
CA GLN C 81 14.42 12.63 57.51
C GLN C 81 15.07 11.68 56.53
N GLN C 82 15.18 10.42 56.97
CA GLN C 82 15.81 9.37 56.19
C GLN C 82 14.76 8.59 55.38
N GLY C 83 15.09 7.38 54.97
CA GLY C 83 14.30 6.69 53.97
C GLY C 83 12.98 6.06 54.41
N ALA C 84 12.06 5.99 53.46
CA ALA C 84 10.80 5.28 53.68
C ALA C 84 11.07 3.78 53.84
N PRO C 85 10.03 3.03 54.22
CA PRO C 85 8.91 3.72 54.84
C PRO C 85 9.13 3.64 56.34
N ARG C 86 10.29 3.16 56.74
CA ARG C 86 10.50 2.95 58.16
C ARG C 86 10.96 4.21 58.86
N ALA C 87 11.16 5.27 58.07
CA ALA C 87 11.47 6.57 58.65
C ALA C 87 10.23 7.16 59.31
N PHE C 88 9.07 6.79 58.80
CA PHE C 88 7.82 7.33 59.31
C PHE C 88 7.69 7.20 60.82
N ASP C 89 8.11 6.05 61.35
CA ASP C 89 8.01 5.76 62.78
C ASP C 89 8.84 6.72 63.61
N ASP C 90 9.84 7.32 62.99
CA ASP C 90 10.54 8.46 63.58
C ASP C 90 9.60 9.62 63.84
N VAL C 91 8.64 9.81 62.93
CA VAL C 91 7.77 10.98 62.98
C VAL C 91 6.42 10.64 63.62
N PRO C 92 6.28 10.96 64.90
CA PRO C 92 5.04 10.69 65.63
C PRO C 92 3.92 11.62 65.20
N ASP C 93 4.26 12.86 64.87
CA ASP C 93 3.28 13.86 64.49
C ASP C 93 2.73 13.58 63.08
N ASN C 94 1.43 13.39 62.99
CA ASN C 94 0.80 12.96 61.74
C ASN C 94 0.77 14.06 60.70
N PRO C 95 0.58 13.67 59.44
CA PRO C 95 0.60 14.63 58.33
C PRO C 95 -0.78 15.19 58.05
N ASP C 96 -0.83 16.26 57.23
CA ASP C 96 -2.10 16.74 56.69
C ASP C 96 -2.13 16.62 55.17
N VAL C 97 -1.03 17.01 54.53
CA VAL C 97 -0.89 16.87 53.10
C VAL C 97 0.34 16.03 52.74
N ILE C 98 0.28 15.33 51.62
CA ILE C 98 1.30 14.36 51.26
C ILE C 98 1.74 14.54 49.80
N PHE C 99 3.05 14.54 49.58
CA PHE C 99 3.60 14.51 48.23
C PHE C 99 4.51 13.31 48.07
N ILE C 100 4.19 12.47 47.09
CA ILE C 100 5.08 11.45 46.55
C ILE C 100 5.38 11.92 45.14
N GLY C 101 6.62 12.32 44.86
CA GLY C 101 6.98 12.75 43.52
C GLY C 101 7.46 11.58 42.67
N GLY C 102 6.72 10.46 42.73
CA GLY C 102 7.19 9.20 42.20
C GLY C 102 7.79 8.33 43.30
N GLY C 103 8.02 7.05 42.97
CA GLY C 103 8.44 6.09 43.98
C GLY C 103 7.21 5.42 44.56
N LEU C 104 6.09 5.51 43.82
CA LEU C 104 4.83 4.88 44.20
C LEU C 104 4.90 3.37 44.07
N THR C 105 5.71 2.93 43.11
CA THR C 105 5.90 1.52 42.80
C THR C 105 6.62 0.77 43.93
N ALA C 106 7.49 1.49 44.65
CA ALA C 106 8.30 0.95 45.75
C ALA C 106 7.48 0.52 47.00
N PRO C 107 7.50 -0.78 47.32
CA PRO C 107 6.65 -1.48 48.30
C PRO C 107 6.69 -0.96 49.73
N GLY C 108 5.58 -1.19 50.44
CA GLY C 108 5.43 -0.79 51.82
C GLY C 108 5.32 0.72 51.98
N VAL C 109 5.71 1.45 50.94
CA VAL C 109 5.84 2.91 51.04
C VAL C 109 4.51 3.67 51.01
N PHE C 110 3.73 3.51 49.93
CA PHE C 110 2.39 4.12 49.86
C PHE C 110 1.48 3.61 50.99
N ALA C 111 1.31 2.28 51.06
CA ALA C 111 0.58 1.65 52.16
C ALA C 111 0.88 2.34 53.48
N ALA C 112 2.17 2.37 53.85
CA ALA C 112 2.62 2.89 55.13
C ALA C 112 2.16 4.32 55.37
N ALA C 113 2.15 5.11 54.30
CA ALA C 113 1.89 6.53 54.42
C ALA C 113 0.41 6.90 54.35
N TRP C 114 -0.39 6.12 53.63
CA TRP C 114 -1.84 6.38 53.61
C TRP C 114 -2.33 6.15 55.03
N LYS C 115 -1.53 5.40 55.82
CA LYS C 115 -1.90 5.09 57.19
C LYS C 115 -1.65 6.27 58.12
N ARG C 116 -0.56 6.99 57.87
CA ARG C 116 -0.18 8.12 58.71
C ARG C 116 -1.05 9.34 58.40
N LEU C 117 -1.98 9.18 57.47
CA LEU C 117 -2.74 10.31 56.95
C LEU C 117 -4.15 10.34 57.52
N PRO C 118 -4.43 11.37 58.33
CA PRO C 118 -5.78 11.59 58.85
C PRO C 118 -6.81 11.71 57.73
N VAL C 119 -8.01 11.21 57.97
CA VAL C 119 -9.12 11.36 57.03
C VAL C 119 -9.35 12.87 56.77
N GLY C 120 -9.77 13.22 55.56
CA GLY C 120 -9.84 14.62 55.17
C GLY C 120 -8.48 15.15 54.73
N GLY C 121 -7.42 14.39 55.06
CA GLY C 121 -6.08 14.66 54.59
C GLY C 121 -5.97 14.48 53.06
N ARG C 122 -5.15 15.32 52.43
CA ARG C 122 -5.09 15.43 50.97
C ARG C 122 -3.85 14.73 50.41
N LEU C 123 -3.83 14.45 49.11
CA LEU C 123 -2.69 13.77 48.53
C LEU C 123 -2.44 14.15 47.06
N VAL C 124 -1.18 14.19 46.69
CA VAL C 124 -0.78 14.45 45.33
C VAL C 124 0.40 13.55 45.00
N ALA C 125 0.27 12.82 43.90
CA ALA C 125 1.32 11.95 43.48
C ALA C 125 1.55 12.23 42.03
N ASN C 126 2.82 12.37 41.68
CA ASN C 126 3.25 12.47 40.33
C ASN C 126 3.82 11.12 39.91
N ALA C 127 3.73 10.86 38.61
CA ALA C 127 4.25 9.62 38.03
C ALA C 127 4.71 9.92 36.62
N VAL C 128 5.97 9.57 36.36
CA VAL C 128 6.55 9.91 35.09
C VAL C 128 7.17 8.67 34.43
N THR C 129 6.87 7.50 34.99
CA THR C 129 7.18 6.25 34.28
C THR C 129 5.89 5.46 33.88
N VAL C 130 6.07 4.47 33.00
CA VAL C 130 4.98 3.58 32.60
C VAL C 130 4.45 2.80 33.80
N GLU C 131 5.38 2.27 34.59
CA GLU C 131 5.07 1.62 35.86
C GLU C 131 4.49 2.59 36.91
N SER C 132 5.10 3.76 37.03
CA SER C 132 4.63 4.80 37.96
C SER C 132 3.16 5.10 37.71
N GLU C 133 2.84 5.45 36.46
CA GLU C 133 1.47 5.76 36.06
C GLU C 133 0.51 4.56 36.25
N GLN C 134 0.99 3.32 36.08
CA GLN C 134 0.17 2.12 36.31
C GLN C 134 -0.29 2.05 37.76
N MSE C 135 0.63 2.43 38.65
CA MSE C 135 0.36 2.68 40.06
C MSE C 135 -0.78 3.67 40.26
O MSE C 135 -1.81 3.36 40.85
CB MSE C 135 1.62 3.26 40.70
CG MSE C 135 2.49 2.25 41.37
SE MSE C 135 1.57 1.49 42.92
CE MSE C 135 2.59 -0.18 43.06
N LEU C 136 -0.54 4.90 39.83
CA LEU C 136 -1.52 5.95 40.00
C LEU C 136 -2.96 5.50 39.72
N TRP C 137 -3.15 4.63 38.72
CA TRP C 137 -4.51 4.19 38.34
C TRP C 137 -5.08 3.21 39.34
N ALA C 138 -4.24 2.32 39.85
CA ALA C 138 -4.61 1.43 40.93
C ALA C 138 -5.07 2.21 42.18
N LEU C 139 -4.18 3.06 42.72
CA LEU C 139 -4.50 3.86 43.91
C LEU C 139 -5.71 4.72 43.69
N ARG C 140 -5.78 5.31 42.51
CA ARG C 140 -6.87 6.20 42.15
C ARG C 140 -8.20 5.43 42.12
N LYS C 141 -8.19 4.32 41.40
CA LYS C 141 -9.38 3.49 41.33
C LYS C 141 -9.78 2.90 42.70
N GLN C 142 -8.90 2.90 43.69
CA GLN C 142 -9.26 2.41 45.02
C GLN C 142 -9.79 3.50 45.98
N PHE C 143 -9.10 4.64 46.01
CA PHE C 143 -9.38 5.67 47.01
C PHE C 143 -10.03 6.90 46.40
N GLY C 144 -10.14 6.91 45.09
CA GLY C 144 -10.72 8.03 44.38
C GLY C 144 -9.67 9.02 43.95
N GLY C 145 -10.02 10.28 44.02
CA GLY C 145 -9.13 11.31 43.54
C GLY C 145 -9.17 11.43 42.03
N THR C 146 -8.36 12.35 41.51
CA THR C 146 -8.34 12.70 40.11
C THR C 146 -6.98 12.48 39.47
N ILE C 147 -6.99 12.03 38.22
CA ILE C 147 -5.76 12.01 37.48
C ILE C 147 -5.82 13.00 36.31
N SER C 148 -4.85 13.91 36.28
CA SER C 148 -4.60 14.81 35.14
C SER C 148 -3.15 14.66 34.70
N SER C 149 -2.86 15.08 33.47
CA SER C 149 -1.50 15.01 32.97
C SER C 149 -1.12 16.21 32.09
N PHE C 150 0.18 16.49 32.08
CA PHE C 150 0.76 17.72 31.56
C PHE C 150 1.87 17.41 30.55
N ALA C 151 1.65 17.76 29.28
CA ALA C 151 2.68 17.62 28.25
C ALA C 151 3.33 18.99 27.97
N ILE C 152 4.54 19.16 28.49
CA ILE C 152 5.23 20.44 28.44
C ILE C 152 6.44 20.37 27.52
N SER C 153 6.54 21.33 26.61
CA SER C 153 7.69 21.40 25.73
C SER C 153 8.33 22.78 25.91
N HIS C 154 9.66 22.87 25.74
CA HIS C 154 10.39 24.12 25.77
C HIS C 154 11.20 24.41 24.50
N GLU C 155 11.42 25.71 24.23
CA GLU C 155 12.16 26.18 23.05
C GLU C 155 13.65 25.78 23.06
N HIS C 156 14.10 25.13 21.99
CA HIS C 156 15.47 24.67 21.91
C HIS C 156 16.17 25.13 20.61
N THR C 157 17.32 25.82 20.75
CA THR C 157 18.10 26.32 19.59
C THR C 157 19.29 25.42 19.20
N VAL C 158 19.48 25.32 17.88
CA VAL C 158 20.50 24.48 17.26
C VAL C 158 21.21 25.30 16.18
N GLY C 159 22.27 25.98 16.58
CA GLY C 159 22.90 26.96 15.71
C GLY C 159 21.79 27.82 15.17
N SER C 160 21.43 27.59 13.91
CA SER C 160 20.47 28.44 13.19
C SER C 160 19.04 27.91 13.18
N PHE C 161 18.64 27.21 14.23
CA PHE C 161 17.31 26.65 14.27
C PHE C 161 16.77 26.52 15.67
N ILE C 162 15.47 26.82 15.83
CA ILE C 162 14.74 26.68 17.11
C ILE C 162 13.72 25.54 16.99
N THR C 163 13.59 24.70 18.00
CA THR C 163 12.58 23.64 17.99
C THR C 163 11.89 23.60 19.33
N MSE C 164 10.83 22.80 19.46
CA MSE C 164 10.07 22.77 20.73
C MSE C 164 10.24 21.45 21.46
O MSE C 164 9.35 20.61 21.42
CB MSE C 164 8.58 23.03 20.48
CG MSE C 164 8.21 24.45 20.03
SE MSE C 164 8.83 25.83 21.25
CE MSE C 164 7.94 25.33 22.92
N LYS C 165 11.37 21.27 22.14
CA LYS C 165 11.68 20.03 22.84
C LYS C 165 10.52 19.55 23.77
N PRO C 166 9.87 18.42 23.41
CA PRO C 166 8.76 17.94 24.25
C PRO C 166 9.28 17.21 25.48
N ALA C 167 9.08 17.75 26.68
CA ALA C 167 9.50 17.04 27.89
C ALA C 167 8.73 15.73 28.08
N LEU C 168 9.20 14.91 29.01
CA LEU C 168 8.44 13.72 29.38
C LEU C 168 7.15 14.13 30.06
N PRO C 169 6.07 13.35 29.85
CA PRO C 169 4.76 13.71 30.43
C PRO C 169 4.66 13.35 31.92
N VAL C 170 3.98 14.20 32.69
CA VAL C 170 3.72 13.88 34.08
C VAL C 170 2.23 13.61 34.30
N HIS C 171 1.94 12.49 34.95
CA HIS C 171 0.58 12.26 35.38
C HIS C 171 0.50 12.68 36.82
N GLN C 172 -0.59 13.32 37.19
CA GLN C 172 -0.71 13.73 38.57
C GLN C 172 -1.98 13.24 39.23
N TRP C 173 -1.83 12.33 40.19
CA TRP C 173 -2.95 11.97 41.01
C TRP C 173 -3.09 12.99 42.13
N THR C 174 -4.33 13.37 42.43
CA THR C 174 -4.63 14.27 43.54
C THR C 174 -5.87 13.73 44.22
N VAL C 175 -5.77 13.27 45.46
CA VAL C 175 -6.96 12.74 46.15
C VAL C 175 -7.21 13.34 47.56
N VAL C 176 -8.46 13.32 48.02
CA VAL C 176 -8.77 13.58 49.45
C VAL C 176 -9.09 12.25 50.08
N LYS C 177 -8.68 12.06 51.33
CA LYS C 177 -8.88 10.79 52.02
C LYS C 177 -10.23 10.67 52.72
N ALA C 178 -10.82 9.48 52.64
CA ALA C 178 -12.08 9.19 53.31
C ALA C 178 -11.88 8.23 54.49
N GLY D 6 -13.08 16.12 10.84
CA GLY D 6 -13.83 15.08 11.52
C GLY D 6 -13.35 13.68 11.19
N GLN D 7 -13.73 13.20 10.00
CA GLN D 7 -13.26 11.90 9.50
C GLN D 7 -11.75 11.97 9.21
N LEU D 8 -11.21 13.19 9.21
CA LEU D 8 -9.79 13.42 8.98
C LEU D 8 -8.91 12.63 9.94
N THR D 9 -8.99 13.04 11.20
CA THR D 9 -8.28 12.37 12.27
C THR D 9 -8.45 10.83 12.16
N LYS D 10 -9.61 10.39 11.68
CA LYS D 10 -9.84 8.98 11.42
C LYS D 10 -8.95 8.49 10.26
N GLN D 11 -8.65 9.38 9.31
CA GLN D 11 -7.76 9.06 8.18
C GLN D 11 -6.31 8.82 8.62
N HIS D 12 -5.87 9.63 9.58
CA HIS D 12 -4.51 9.60 10.08
C HIS D 12 -4.36 8.34 10.86
N VAL D 13 -5.41 8.04 11.60
CA VAL D 13 -5.45 6.84 12.41
C VAL D 13 -5.25 5.55 11.59
N ARG D 14 -6.01 5.41 10.53
CA ARG D 14 -5.92 4.22 9.71
C ARG D 14 -4.58 4.22 9.01
N ALA D 15 -4.15 5.38 8.54
CA ALA D 15 -2.85 5.49 7.90
C ALA D 15 -1.75 4.87 8.77
N LEU D 16 -1.88 5.02 10.09
CA LEU D 16 -0.86 4.50 11.03
C LEU D 16 -0.93 2.99 11.27
N ALA D 17 -2.14 2.50 11.50
CA ALA D 17 -2.37 1.09 11.74
C ALA D 17 -1.89 0.25 10.56
N ILE D 18 -2.20 0.70 9.36
CA ILE D 18 -1.84 -0.02 8.15
C ILE D 18 -0.32 -0.16 7.99
N SER D 19 0.40 0.92 8.28
CA SER D 19 1.87 0.91 8.35
C SER D 19 2.41 -0.16 9.30
N ALA D 20 1.99 -0.11 10.56
CA ALA D 20 2.41 -1.10 11.55
C ALA D 20 1.93 -2.49 11.16
N LEU D 21 0.73 -2.57 10.58
CA LEU D 21 0.26 -3.80 9.97
C LEU D 21 1.16 -4.23 8.81
N ALA D 22 1.42 -3.29 7.90
CA ALA D 22 2.53 -3.43 6.97
C ALA D 22 2.33 -4.63 6.04
N PRO D 23 1.30 -4.55 5.20
CA PRO D 23 0.72 -5.74 4.57
C PRO D 23 1.74 -6.49 3.72
N LYS D 24 1.49 -7.77 3.49
CA LYS D 24 2.22 -8.53 2.46
C LYS D 24 1.25 -9.11 1.43
N PRO D 25 1.75 -9.29 0.21
CA PRO D 25 0.94 -9.85 -0.87
C PRO D 25 0.32 -11.17 -0.45
N HIS D 26 -0.97 -11.27 -0.64
CA HIS D 26 -1.65 -12.52 -0.41
C HIS D 26 -1.66 -12.85 1.06
N GLU D 27 -1.55 -11.84 1.90
CA GLU D 27 -1.67 -12.13 3.31
C GLU D 27 -3.10 -11.95 3.80
N THR D 28 -3.51 -12.81 4.73
CA THR D 28 -4.83 -12.69 5.35
C THR D 28 -4.79 -11.81 6.61
N LEU D 29 -5.76 -10.92 6.75
CA LEU D 29 -5.99 -10.10 7.96
C LEU D 29 -7.32 -10.40 8.64
N TRP D 30 -7.29 -10.47 9.96
CA TRP D 30 -8.46 -10.63 10.80
C TRP D 30 -8.55 -9.35 11.57
N ASP D 31 -9.51 -8.52 11.17
CA ASP D 31 -9.78 -7.24 11.79
C ASP D 31 -10.95 -7.58 12.73
N ILE D 32 -10.60 -7.66 14.02
CA ILE D 32 -11.48 -8.03 15.13
C ILE D 32 -12.37 -6.86 15.51
N SER D 36 -16.36 -0.82 12.05
CA SER D 36 -16.91 0.06 11.02
C SER D 36 -16.43 -0.35 9.64
N GLY D 37 -15.36 -1.12 9.59
CA GLY D 37 -14.84 -1.65 8.33
C GLY D 37 -13.53 -0.99 7.93
N SER D 38 -13.08 -0.03 8.72
CA SER D 38 -12.01 0.86 8.30
C SER D 38 -10.81 0.06 7.78
N ILE D 39 -10.26 -0.79 8.63
CA ILE D 39 -8.91 -1.30 8.43
C ILE D 39 -8.92 -2.55 7.57
N ALA D 40 -9.92 -3.40 7.77
CA ALA D 40 -10.21 -4.48 6.83
C ALA D 40 -10.28 -3.97 5.40
N ILE D 41 -11.19 -3.04 5.14
CA ILE D 41 -11.25 -2.34 3.87
C ILE D 41 -9.87 -1.82 3.47
N GLU D 42 -9.29 -0.98 4.31
CA GLU D 42 -8.00 -0.35 4.01
C GLU D 42 -6.94 -1.40 3.71
N TRP D 43 -6.82 -2.38 4.58
CA TRP D 43 -6.04 -3.59 4.29
C TRP D 43 -6.20 -4.00 2.83
N LEU D 44 -7.42 -3.91 2.32
CA LEU D 44 -7.80 -4.65 1.12
C LEU D 44 -7.51 -3.86 -0.14
N ARG D 45 -7.28 -2.55 0.02
CA ARG D 45 -7.12 -1.65 -1.11
C ARG D 45 -5.65 -1.50 -1.50
N SER D 46 -4.83 -1.11 -0.52
CA SER D 46 -3.43 -0.78 -0.79
C SER D 46 -2.56 -2.02 -0.99
N GLN D 49 -2.90 -8.67 -3.67
CA GLN D 49 -3.85 -9.78 -3.61
C GLN D 49 -4.04 -10.27 -2.19
N THR D 50 -4.25 -9.37 -1.26
CA THR D 50 -4.50 -9.77 0.13
C THR D 50 -6.00 -9.79 0.47
N THR D 51 -6.36 -10.47 1.57
CA THR D 51 -7.74 -10.61 2.04
C THR D 51 -7.94 -10.14 3.46
N ALA D 52 -9.21 -9.93 3.86
CA ALA D 52 -9.59 -9.46 5.20
C ALA D 52 -10.87 -10.15 5.71
N VAL D 53 -10.85 -10.53 7.00
CA VAL D 53 -12.03 -11.09 7.72
C VAL D 53 -12.39 -10.13 8.83
N CYS D 54 -13.62 -9.62 8.77
CA CYS D 54 -14.11 -8.66 9.76
C CYS D 54 -14.93 -9.46 10.71
N PHE D 55 -14.80 -9.19 12.00
CA PHE D 55 -15.73 -9.74 12.95
C PHE D 55 -16.52 -8.62 13.54
N GLU D 56 -17.84 -8.74 13.44
CA GLU D 56 -18.77 -7.70 13.91
C GLU D 56 -20.06 -8.20 14.59
N ILE D 57 -20.16 -8.00 15.90
CA ILE D 57 -21.40 -8.19 16.62
C ILE D 57 -22.58 -7.52 15.94
N SER D 58 -22.32 -6.33 15.38
CA SER D 58 -23.34 -5.37 14.93
C SER D 58 -23.93 -5.72 13.56
N GLU D 59 -25.17 -6.19 13.58
CA GLU D 59 -25.93 -6.44 12.37
C GLU D 59 -25.94 -5.20 11.47
N GLU D 60 -26.17 -4.02 12.07
CA GLU D 60 -26.36 -2.78 11.31
C GLU D 60 -25.07 -2.21 10.78
N ARG D 61 -23.96 -2.56 11.42
CA ARG D 61 -22.64 -2.17 10.93
C ARG D 61 -22.15 -3.28 10.00
N ARG D 62 -22.50 -4.52 10.33
CA ARG D 62 -22.24 -5.66 9.46
C ARG D 62 -22.82 -5.29 8.09
N GLU D 63 -24.14 -5.11 8.03
CA GLU D 63 -24.79 -4.62 6.81
C GLU D 63 -23.93 -3.52 6.18
N ARG D 64 -23.24 -2.75 7.03
CA ARG D 64 -22.52 -1.55 6.59
C ARG D 64 -21.12 -1.80 5.96
N ILE D 65 -20.35 -2.71 6.54
CA ILE D 65 -19.02 -3.01 6.00
C ILE D 65 -19.08 -3.66 4.62
N LEU D 66 -20.05 -4.55 4.39
CA LEU D 66 -20.19 -5.12 3.06
C LEU D 66 -20.61 -4.01 2.12
N SER D 67 -21.52 -3.16 2.59
CA SER D 67 -21.87 -1.94 1.86
C SER D 67 -20.63 -1.13 1.33
N ASN D 68 -19.72 -0.79 2.25
CA ASN D 68 -18.45 -0.12 1.93
C ASN D 68 -17.48 -0.96 1.08
N ALA D 69 -17.30 -2.23 1.43
CA ALA D 69 -16.43 -3.08 0.64
C ALA D 69 -16.86 -3.07 -0.83
N ILE D 70 -18.18 -3.07 -1.08
CA ILE D 70 -18.71 -2.96 -2.45
C ILE D 70 -18.51 -1.55 -3.03
N ASN D 71 -19.04 -0.54 -2.34
CA ASN D 71 -18.84 0.84 -2.74
C ASN D 71 -17.40 1.11 -3.17
N LEU D 72 -16.45 0.63 -2.39
CA LEU D 72 -15.04 0.84 -2.68
C LEU D 72 -14.54 -0.13 -3.74
N GLY D 73 -14.77 -1.41 -3.51
CA GLY D 73 -14.73 -2.40 -4.58
C GLY D 73 -13.66 -3.46 -4.35
N VAL D 74 -13.69 -4.04 -3.16
CA VAL D 74 -12.92 -5.26 -2.88
C VAL D 74 -13.80 -6.32 -2.23
N SER D 75 -15.04 -6.43 -2.70
CA SER D 75 -16.12 -6.93 -1.87
C SER D 75 -16.02 -8.45 -1.68
N ASP D 76 -15.74 -9.15 -2.78
CA ASP D 76 -15.47 -10.58 -2.71
C ASP D 76 -14.04 -10.85 -2.27
N ARG D 77 -13.41 -9.86 -1.65
CA ARG D 77 -12.15 -10.05 -0.95
C ARG D 77 -12.32 -9.84 0.55
N ILE D 78 -13.44 -9.28 0.95
CA ILE D 78 -13.76 -9.10 2.36
C ILE D 78 -14.85 -10.08 2.78
N ALA D 79 -14.73 -10.63 4.00
CA ALA D 79 -15.77 -11.45 4.62
C ALA D 79 -16.12 -10.86 5.96
N VAL D 80 -17.29 -10.25 6.00
CA VAL D 80 -17.79 -9.67 7.21
C VAL D 80 -18.41 -10.77 8.08
N GLN D 81 -17.67 -11.16 9.12
CA GLN D 81 -18.20 -12.05 10.15
C GLN D 81 -19.03 -11.34 11.19
N GLN D 82 -19.59 -12.18 12.08
CA GLN D 82 -20.26 -11.74 13.29
C GLN D 82 -19.29 -11.50 14.48
N GLY D 83 -19.87 -11.39 15.68
CA GLY D 83 -19.14 -11.05 16.90
C GLY D 83 -18.12 -12.08 17.39
N ALA D 84 -17.03 -11.56 17.94
CA ALA D 84 -15.98 -12.36 18.58
C ALA D 84 -16.38 -12.64 20.02
N PRO D 85 -15.66 -13.56 20.68
CA PRO D 85 -14.69 -14.43 20.03
C PRO D 85 -15.38 -15.68 19.55
N ARG D 86 -16.67 -15.80 19.89
CA ARG D 86 -17.53 -16.86 19.36
C ARG D 86 -17.33 -17.14 17.86
N ALA D 87 -17.45 -16.09 17.06
CA ALA D 87 -17.36 -16.24 15.61
C ALA D 87 -15.98 -16.74 15.15
N PHE D 88 -14.97 -16.54 15.99
CA PHE D 88 -13.61 -16.93 15.65
C PHE D 88 -13.56 -18.35 15.08
N ASP D 89 -14.16 -19.29 15.80
CA ASP D 89 -14.08 -20.69 15.42
C ASP D 89 -14.62 -20.92 14.01
N ASP D 90 -15.47 -20.00 13.55
CA ASP D 90 -16.10 -20.13 12.24
C ASP D 90 -15.06 -20.24 11.13
N VAL D 91 -14.22 -19.22 11.01
CA VAL D 91 -13.13 -19.25 10.06
C VAL D 91 -12.07 -20.28 10.45
N PRO D 92 -12.14 -21.46 9.82
CA PRO D 92 -11.20 -22.54 10.10
C PRO D 92 -9.82 -22.26 9.52
N ASP D 93 -9.72 -21.21 8.71
CA ASP D 93 -8.46 -20.86 8.04
C ASP D 93 -7.71 -19.87 8.89
N ASN D 94 -6.46 -20.16 9.21
CA ASN D 94 -5.70 -19.35 10.15
C ASN D 94 -5.26 -17.99 9.60
N PRO D 95 -5.39 -16.93 10.41
CA PRO D 95 -4.97 -15.58 10.00
C PRO D 95 -3.46 -15.43 10.08
N ASP D 96 -2.89 -14.57 9.24
CA ASP D 96 -1.46 -14.44 9.26
C ASP D 96 -1.09 -13.12 10.00
N VAL D 97 -2.06 -12.19 10.06
CA VAL D 97 -1.97 -10.86 10.72
C VAL D 97 -3.29 -10.35 11.34
N ILE D 98 -3.26 -10.03 12.64
CA ILE D 98 -4.42 -9.52 13.41
C ILE D 98 -4.45 -8.01 13.68
N PHE D 99 -5.61 -7.38 13.56
CA PHE D 99 -5.77 -5.99 14.04
C PHE D 99 -6.79 -6.00 15.16
N ILE D 100 -6.44 -5.42 16.28
CA ILE D 100 -7.45 -5.03 17.24
C ILE D 100 -7.50 -3.51 17.25
N GLY D 101 -8.55 -2.95 16.68
CA GLY D 101 -8.88 -1.56 16.89
C GLY D 101 -10.08 -1.58 17.83
N GLY D 102 -10.82 -2.69 17.72
CA GLY D 102 -11.96 -3.00 18.59
C GLY D 102 -11.52 -3.14 20.02
N GLY D 103 -12.44 -3.49 20.90
CA GLY D 103 -12.12 -3.59 22.33
C GLY D 103 -11.33 -4.83 22.71
N LEU D 104 -10.06 -4.63 23.08
CA LEU D 104 -9.18 -5.73 23.43
C LEU D 104 -9.37 -6.15 24.88
N THR D 105 -10.14 -5.37 25.62
CA THR D 105 -10.52 -5.72 26.99
C THR D 105 -11.79 -6.56 27.02
N ALA D 106 -12.50 -6.58 25.89
CA ALA D 106 -13.66 -7.44 25.74
C ALA D 106 -13.33 -8.89 26.07
N PRO D 107 -14.14 -9.49 26.93
CA PRO D 107 -13.80 -10.78 27.53
C PRO D 107 -13.42 -11.82 26.48
N GLY D 108 -12.30 -12.51 26.70
CA GLY D 108 -12.00 -13.73 25.96
C GLY D 108 -11.63 -13.45 24.51
N VAL D 109 -11.83 -12.21 24.08
CA VAL D 109 -11.54 -11.83 22.71
C VAL D 109 -10.06 -12.02 22.38
N PHE D 110 -9.20 -11.42 23.19
CA PHE D 110 -7.75 -11.47 22.95
C PHE D 110 -7.12 -12.85 23.02
N ALA D 111 -7.32 -13.57 24.10
CA ALA D 111 -6.70 -14.89 24.20
C ALA D 111 -7.14 -15.74 23.03
N ALA D 112 -8.44 -15.69 22.76
CA ALA D 112 -9.11 -16.50 21.74
C ALA D 112 -8.56 -16.37 20.30
N ALA D 113 -7.97 -15.21 19.97
CA ALA D 113 -7.43 -14.93 18.65
C ALA D 113 -5.90 -15.08 18.61
N TRP D 114 -5.23 -14.85 19.74
CA TRP D 114 -3.78 -15.11 19.81
C TRP D 114 -3.57 -16.62 19.63
N LYS D 115 -4.63 -17.38 19.90
CA LYS D 115 -4.66 -18.83 19.67
C LYS D 115 -4.68 -19.19 18.17
N ARG D 116 -5.36 -18.37 17.37
CA ARG D 116 -5.51 -18.65 15.95
C ARG D 116 -4.32 -18.13 15.16
N LEU D 117 -3.46 -17.39 15.85
CA LEU D 117 -2.31 -16.73 15.24
C LEU D 117 -1.08 -17.62 15.28
N PRO D 118 -0.65 -18.06 14.09
CA PRO D 118 0.60 -18.81 13.89
C PRO D 118 1.79 -18.03 14.44
N VAL D 119 2.82 -18.73 14.90
CA VAL D 119 4.10 -18.09 15.21
C VAL D 119 4.65 -17.39 13.96
N GLY D 120 5.28 -16.22 14.13
CA GLY D 120 5.73 -15.41 13.01
C GLY D 120 4.63 -14.52 12.46
N GLY D 121 3.41 -14.76 12.96
CA GLY D 121 2.29 -13.88 12.72
C GLY D 121 2.42 -12.59 13.52
N ARG D 122 2.00 -11.50 12.92
CA ARG D 122 2.18 -10.17 13.49
C ARG D 122 0.85 -9.64 14.03
N LEU D 123 0.91 -8.57 14.82
CA LEU D 123 -0.28 -8.03 15.49
C LEU D 123 -0.16 -6.52 15.75
N VAL D 124 -1.15 -5.75 15.29
CA VAL D 124 -1.21 -4.34 15.64
C VAL D 124 -2.39 -4.25 16.54
N ALA D 125 -2.18 -3.68 17.74
CA ALA D 125 -3.29 -3.36 18.61
C ALA D 125 -3.35 -1.86 18.93
N ASN D 126 -4.55 -1.31 18.79
CA ASN D 126 -4.85 0.06 19.15
C ASN D 126 -5.69 0.20 20.42
N ALA D 127 -5.21 1.07 21.30
CA ALA D 127 -5.88 1.34 22.56
C ALA D 127 -6.06 2.84 22.77
N VAL D 128 -7.29 3.24 23.05
CA VAL D 128 -7.64 4.66 23.15
C VAL D 128 -8.48 4.96 24.41
N THR D 129 -8.30 4.12 25.43
CA THR D 129 -8.88 4.38 26.73
C THR D 129 -7.82 4.09 27.79
N VAL D 130 -8.06 4.55 29.02
CA VAL D 130 -7.14 4.28 30.12
C VAL D 130 -7.08 2.77 30.35
N GLU D 131 -8.26 2.16 30.48
CA GLU D 131 -8.40 0.71 30.57
C GLU D 131 -7.68 -0.05 29.42
N SER D 132 -8.08 0.22 28.18
CA SER D 132 -7.50 -0.51 27.05
C SER D 132 -5.98 -0.33 26.98
N GLU D 133 -5.50 0.86 27.35
CA GLU D 133 -4.07 1.09 27.35
C GLU D 133 -3.38 0.26 28.44
N GLN D 134 -3.99 0.15 29.62
CA GLN D 134 -3.36 -0.55 30.74
C GLN D 134 -3.26 -2.03 30.39
N MSE D 135 -4.29 -2.52 29.70
CA MSE D 135 -4.30 -3.88 29.19
C MSE D 135 -3.23 -4.09 28.12
O MSE D 135 -2.56 -5.13 28.09
CB MSE D 135 -5.66 -4.20 28.60
CG MSE D 135 -5.58 -5.23 27.52
SE MSE D 135 -6.94 -6.59 27.69
CE MSE D 135 -6.33 -7.88 26.35
N LEU D 136 -3.11 -3.12 27.24
CA LEU D 136 -2.08 -3.13 26.20
C LEU D 136 -0.65 -3.31 26.79
N TRP D 137 -0.44 -2.93 28.06
CA TRP D 137 0.87 -3.12 28.72
C TRP D 137 1.04 -4.54 29.25
N ALA D 138 -0.08 -5.16 29.60
CA ALA D 138 -0.09 -6.52 30.11
C ALA D 138 0.27 -7.51 29.00
N LEU D 139 -0.25 -7.27 27.80
CA LEU D 139 0.00 -8.14 26.67
C LEU D 139 1.47 -7.99 26.25
N ARG D 140 1.93 -6.73 26.24
CA ARG D 140 3.31 -6.39 25.91
C ARG D 140 4.32 -7.13 26.80
N LYS D 141 4.05 -7.15 28.09
CA LYS D 141 4.94 -7.79 29.05
C LYS D 141 5.11 -9.28 28.78
N GLN D 142 3.99 -9.96 28.53
CA GLN D 142 4.04 -11.40 28.26
C GLN D 142 4.59 -11.76 26.89
N PHE D 143 4.05 -11.17 25.84
CA PHE D 143 4.38 -11.57 24.47
C PHE D 143 5.43 -10.69 23.75
N GLY D 144 5.68 -9.51 24.27
CA GLY D 144 6.66 -8.64 23.66
C GLY D 144 6.01 -7.60 22.77
N GLY D 145 6.73 -7.25 21.72
CA GLY D 145 6.27 -6.19 20.85
C GLY D 145 6.63 -4.81 21.37
N THR D 146 6.11 -3.81 20.67
CA THR D 146 6.45 -2.41 20.89
C THR D 146 5.22 -1.49 21.06
N ILE D 147 5.32 -0.61 22.04
CA ILE D 147 4.30 0.42 22.23
C ILE D 147 4.81 1.84 21.89
N SER D 148 4.05 2.52 21.03
CA SER D 148 4.32 3.86 20.53
C SER D 148 3.02 4.59 20.79
N SER D 149 3.04 5.91 20.80
CA SER D 149 1.81 6.69 20.87
C SER D 149 1.96 7.96 20.04
N PHE D 150 0.84 8.37 19.45
CA PHE D 150 0.75 9.46 18.50
C PHE D 150 -0.20 10.57 19.03
N ALA D 151 0.30 11.80 19.17
CA ALA D 151 -0.53 12.91 19.62
C ALA D 151 -0.92 13.82 18.46
N ILE D 152 -2.05 13.51 17.84
CA ILE D 152 -2.49 14.21 16.64
C ILE D 152 -3.44 15.35 16.99
N SER D 153 -3.10 16.56 16.55
CA SER D 153 -4.03 17.68 16.59
C SER D 153 -4.21 18.29 15.20
N HIS D 154 -5.17 19.21 15.09
CA HIS D 154 -5.60 19.72 13.79
C HIS D 154 -5.99 21.19 13.88
N GLU D 155 -5.83 21.90 12.76
CA GLU D 155 -6.24 23.30 12.69
C GLU D 155 -7.76 23.43 12.79
N HIS D 156 -8.21 24.29 13.69
CA HIS D 156 -9.64 24.46 13.94
C HIS D 156 -10.00 25.93 14.11
N THR D 157 -10.77 26.46 13.17
CA THR D 157 -10.96 27.90 13.04
C THR D 157 -12.14 28.38 13.88
N GLY D 159 -13.74 30.82 15.05
CA GLY D 159 -14.34 32.09 14.63
C GLY D 159 -13.33 32.92 13.87
N SER D 160 -12.90 34.02 14.45
CA SER D 160 -11.86 34.85 13.83
C SER D 160 -10.48 34.26 14.13
N PHE D 161 -10.46 33.10 14.78
CA PHE D 161 -9.22 32.46 15.17
C PHE D 161 -9.10 31.01 14.72
N ILE D 162 -7.85 30.59 14.55
CA ILE D 162 -7.45 29.20 14.36
C ILE D 162 -6.88 28.73 15.70
N THR D 163 -7.09 27.47 16.02
CA THR D 163 -6.49 26.89 17.21
C THR D 163 -6.23 25.45 16.81
N MSE D 164 -5.53 24.68 17.62
CA MSE D 164 -5.19 23.32 17.19
C MSE D 164 -5.85 22.23 18.02
O MSE D 164 -5.29 21.75 19.00
CB MSE D 164 -3.67 23.16 17.25
CG MSE D 164 -2.96 24.19 16.39
SE MSE D 164 -3.13 23.72 14.47
CE MSE D 164 -2.97 21.79 14.70
N LYS D 165 -7.04 21.80 17.63
CA LYS D 165 -7.75 20.82 18.45
C LYS D 165 -7.02 19.47 18.65
N PRO D 166 -6.59 19.19 19.90
CA PRO D 166 -5.91 17.92 20.18
C PRO D 166 -6.90 16.78 20.11
N ALA D 167 -6.65 15.80 19.25
CA ALA D 167 -7.47 14.61 19.23
C ALA D 167 -7.12 13.77 20.45
N LEU D 168 -7.90 12.73 20.72
CA LEU D 168 -7.49 11.74 21.70
C LEU D 168 -6.25 10.96 21.22
N PRO D 169 -5.31 10.66 22.14
CA PRO D 169 -4.07 9.92 21.84
C PRO D 169 -4.23 8.39 21.64
N VAL D 170 -3.59 7.83 20.62
CA VAL D 170 -3.58 6.38 20.44
C VAL D 170 -2.28 5.71 20.84
N HIS D 171 -2.43 4.69 21.66
CA HIS D 171 -1.34 3.81 21.99
C HIS D 171 -1.46 2.60 21.07
N GLN D 172 -0.44 2.42 20.25
CA GLN D 172 -0.47 1.32 19.34
C GLN D 172 0.52 0.24 19.76
N TRP D 173 0.00 -0.95 20.02
CA TRP D 173 0.89 -2.07 20.25
C TRP D 173 1.09 -2.88 18.98
N THR D 174 2.35 -3.11 18.63
CA THR D 174 2.67 -3.98 17.52
C THR D 174 3.64 -5.06 18.02
N VAL D 175 3.35 -6.32 17.73
CA VAL D 175 4.23 -7.42 18.17
C VAL D 175 4.30 -8.57 17.13
N VAL D 176 5.43 -9.28 17.04
CA VAL D 176 5.46 -10.53 16.26
C VAL D 176 5.49 -11.70 17.23
N LYS D 177 4.73 -12.75 16.89
CA LYS D 177 4.61 -13.91 17.76
C LYS D 177 5.84 -14.79 17.82
N ALA D 178 6.30 -15.04 19.05
CA ALA D 178 7.17 -16.14 19.36
C ALA D 178 6.34 -17.24 20.01
N GLY E 6 7.26 -22.09 -37.96
CA GLY E 6 8.17 -22.71 -38.91
C GLY E 6 8.81 -23.94 -38.32
N GLN E 7 10.14 -23.89 -38.12
CA GLN E 7 10.88 -25.01 -37.54
C GLN E 7 11.75 -24.64 -36.31
N LEU E 8 12.08 -23.35 -36.20
CA LEU E 8 12.83 -22.80 -35.07
C LEU E 8 11.89 -22.50 -33.91
N THR E 9 10.64 -22.86 -34.09
CA THR E 9 9.71 -22.92 -32.98
C THR E 9 10.44 -23.72 -31.91
N LYS E 10 11.15 -24.77 -32.37
CA LYS E 10 11.81 -25.76 -31.50
C LYS E 10 13.13 -25.30 -30.94
N GLN E 11 13.67 -24.24 -31.53
CA GLN E 11 14.95 -23.69 -31.09
C GLN E 11 14.74 -23.02 -29.73
N HIS E 12 13.54 -22.46 -29.54
CA HIS E 12 13.13 -21.77 -28.32
C HIS E 12 13.04 -22.72 -27.11
N VAL E 13 12.41 -23.87 -27.35
CA VAL E 13 12.23 -24.92 -26.33
C VAL E 13 13.56 -25.51 -25.84
N ARG E 14 14.35 -26.04 -26.77
CA ARG E 14 15.71 -26.46 -26.48
C ARG E 14 16.54 -25.34 -25.82
N ALA E 15 16.08 -24.09 -25.93
CA ALA E 15 16.73 -22.96 -25.25
C ALA E 15 16.33 -22.93 -23.78
N LEU E 16 15.06 -23.27 -23.52
CA LEU E 16 14.49 -23.17 -22.20
C LEU E 16 14.69 -24.42 -21.36
N ALA E 17 14.92 -25.55 -22.00
CA ALA E 17 15.24 -26.78 -21.30
C ALA E 17 16.68 -26.69 -20.90
N ILE E 18 17.56 -26.43 -21.87
CA ILE E 18 18.98 -26.35 -21.58
C ILE E 18 19.32 -25.22 -20.61
N SER E 19 18.42 -24.25 -20.47
CA SER E 19 18.54 -23.25 -19.42
C SER E 19 18.02 -23.82 -18.10
N ALA E 20 17.00 -24.65 -18.17
CA ALA E 20 16.46 -25.33 -16.98
C ALA E 20 17.46 -26.34 -16.43
N LEU E 21 18.31 -26.87 -17.30
CA LEU E 21 19.30 -27.86 -16.89
C LEU E 21 20.56 -27.20 -16.37
N ALA E 22 20.85 -25.99 -16.85
CA ALA E 22 21.92 -25.18 -16.31
C ALA E 22 23.26 -25.92 -16.38
N PRO E 23 23.68 -26.25 -17.60
CA PRO E 23 24.81 -27.16 -17.80
C PRO E 23 26.03 -26.77 -16.98
N LYS E 24 26.60 -27.72 -16.25
CA LYS E 24 27.79 -27.47 -15.46
C LYS E 24 28.91 -28.45 -15.79
N PRO E 25 30.14 -27.95 -15.83
CA PRO E 25 31.29 -28.76 -16.24
C PRO E 25 31.40 -30.05 -15.42
N HIS E 26 31.71 -31.15 -16.09
CA HIS E 26 31.80 -32.45 -15.44
C HIS E 26 30.46 -33.22 -15.25
N GLU E 27 29.33 -32.57 -15.51
CA GLU E 27 28.04 -33.23 -15.46
C GLU E 27 27.70 -34.10 -16.69
N THR E 28 26.96 -35.17 -16.42
CA THR E 28 26.51 -36.08 -17.44
C THR E 28 25.01 -36.04 -17.51
N LEU E 29 24.49 -35.70 -18.69
CA LEU E 29 23.05 -35.63 -18.92
C LEU E 29 22.46 -36.95 -19.51
N TRP E 30 21.23 -37.25 -19.16
CA TRP E 30 20.46 -38.25 -19.90
C TRP E 30 19.31 -37.57 -20.66
N ASP E 31 19.30 -37.71 -22.00
CA ASP E 31 18.20 -37.22 -22.83
C ASP E 31 17.33 -38.41 -23.16
N ILE E 32 16.21 -38.54 -22.46
CA ILE E 32 15.27 -39.61 -22.68
C ILE E 32 14.15 -39.18 -23.63
N GLY E 33 14.04 -39.86 -24.78
CA GLY E 33 13.10 -39.47 -25.82
C GLY E 33 13.78 -39.36 -27.17
N GLY E 37 17.28 -36.15 -29.17
CA GLY E 37 18.71 -36.24 -29.39
C GLY E 37 19.32 -34.86 -29.34
N SER E 38 18.46 -33.86 -29.55
CA SER E 38 18.90 -32.47 -29.76
C SER E 38 19.30 -31.74 -28.46
N ILE E 39 18.62 -32.05 -27.38
CA ILE E 39 19.02 -31.53 -26.10
C ILE E 39 20.44 -32.03 -25.81
N ALA E 40 20.65 -33.34 -25.93
CA ALA E 40 21.91 -33.99 -25.54
C ALA E 40 23.13 -33.35 -26.18
N ILE E 41 22.97 -32.94 -27.42
CA ILE E 41 24.07 -32.40 -28.21
C ILE E 41 24.11 -30.91 -27.90
N GLU E 42 22.93 -30.30 -27.86
CA GLU E 42 22.82 -28.93 -27.42
C GLU E 42 23.42 -28.71 -26.01
N TRP E 43 23.40 -29.76 -25.19
CA TRP E 43 24.01 -29.73 -23.84
C TRP E 43 25.53 -29.81 -23.89
N LEU E 44 26.04 -30.68 -24.76
CA LEU E 44 27.46 -30.79 -25.00
C LEU E 44 28.02 -29.51 -25.60
N ARG E 45 27.31 -28.92 -26.57
CA ARG E 45 27.86 -27.73 -27.22
C ARG E 45 27.85 -26.48 -26.33
N SER E 46 27.19 -26.56 -25.18
CA SER E 46 27.20 -25.43 -24.25
C SER E 46 28.40 -25.42 -23.31
N THR E 47 28.94 -26.60 -23.02
CA THR E 47 30.00 -26.74 -22.04
C THR E 47 30.96 -27.83 -22.45
N PRO E 48 32.24 -27.48 -22.64
CA PRO E 48 33.22 -28.57 -22.57
C PRO E 48 33.11 -29.27 -21.20
N GLN E 49 33.62 -30.50 -21.12
CA GLN E 49 33.73 -31.20 -19.84
C GLN E 49 32.42 -31.72 -19.35
N THR E 50 31.37 -31.59 -20.16
CA THR E 50 30.11 -32.27 -19.87
C THR E 50 29.95 -33.47 -20.79
N THR E 51 29.15 -34.43 -20.34
CA THR E 51 28.79 -35.61 -21.14
C THR E 51 27.25 -35.88 -21.24
N ALA E 52 26.88 -36.80 -22.14
CA ALA E 52 25.48 -37.19 -22.42
C ALA E 52 25.27 -38.64 -22.90
N VAL E 53 24.13 -39.22 -22.51
CA VAL E 53 23.66 -40.52 -23.02
C VAL E 53 22.26 -40.32 -23.63
N CYS E 54 22.08 -40.62 -24.92
CA CYS E 54 20.73 -40.48 -25.50
C CYS E 54 20.03 -41.83 -25.65
N PHE E 55 18.74 -41.88 -25.30
CA PHE E 55 17.90 -43.07 -25.40
C PHE E 55 16.77 -42.90 -26.43
N GLU E 56 16.92 -43.49 -27.61
CA GLU E 56 15.87 -43.49 -28.62
C GLU E 56 15.63 -44.88 -29.17
N ILE E 57 14.39 -45.34 -29.05
CA ILE E 57 14.03 -46.68 -29.45
C ILE E 57 14.54 -47.11 -30.82
N SER E 58 14.59 -46.17 -31.77
CA SER E 58 14.87 -46.47 -33.19
C SER E 58 16.35 -46.39 -33.60
N GLU E 59 16.88 -47.49 -34.17
CA GLU E 59 18.29 -47.53 -34.61
C GLU E 59 18.41 -46.58 -35.79
N GLU E 60 17.27 -46.35 -36.40
CA GLU E 60 17.23 -45.47 -37.53
C GLU E 60 17.55 -44.08 -37.00
N ARG E 61 16.91 -43.70 -35.91
CA ARG E 61 17.21 -42.44 -35.24
C ARG E 61 18.61 -42.46 -34.58
N ARG E 62 18.99 -43.59 -33.99
CA ARG E 62 20.27 -43.70 -33.28
C ARG E 62 21.47 -43.38 -34.15
N GLU E 63 21.48 -43.85 -35.39
CA GLU E 63 22.62 -43.63 -36.28
C GLU E 63 22.75 -42.16 -36.57
N ARG E 64 21.61 -41.54 -36.83
CA ARG E 64 21.54 -40.09 -37.11
C ARG E 64 22.20 -39.27 -35.99
N ILE E 65 21.61 -39.32 -34.80
CA ILE E 65 22.18 -38.62 -33.67
C ILE E 65 23.67 -38.74 -33.68
N LEU E 66 24.21 -39.93 -33.93
CA LEU E 66 25.65 -40.07 -33.96
C LEU E 66 26.22 -39.46 -35.23
N SER E 67 25.36 -39.13 -36.16
CA SER E 67 25.84 -38.39 -37.31
C SER E 67 25.79 -36.91 -37.00
N ASN E 68 24.73 -36.45 -36.36
CA ASN E 68 24.66 -35.05 -35.96
C ASN E 68 25.75 -34.81 -34.95
N ALA E 69 25.93 -35.77 -34.05
CA ALA E 69 26.95 -35.68 -33.02
C ALA E 69 28.27 -35.58 -33.72
N ILE E 70 28.52 -36.54 -34.59
CA ILE E 70 29.77 -36.60 -35.34
C ILE E 70 29.97 -35.35 -36.22
N ASN E 71 28.86 -34.72 -36.59
CA ASN E 71 28.81 -33.58 -37.50
C ASN E 71 29.16 -32.21 -36.90
N LEU E 72 28.94 -32.04 -35.60
CA LEU E 72 29.16 -30.75 -34.97
C LEU E 72 30.32 -30.77 -33.94
N GLY E 73 30.90 -31.96 -33.73
CA GLY E 73 32.17 -32.09 -33.02
C GLY E 73 32.18 -32.82 -31.68
N VAL E 74 30.99 -33.11 -31.14
CA VAL E 74 30.81 -33.57 -29.76
C VAL E 74 30.63 -35.11 -29.58
N SER E 75 31.07 -35.93 -30.54
CA SER E 75 30.84 -37.39 -30.53
C SER E 75 31.66 -38.20 -29.53
N ASP E 76 32.80 -37.63 -29.13
CA ASP E 76 33.67 -38.15 -28.08
C ASP E 76 33.06 -37.91 -26.68
N ARG E 77 31.85 -37.36 -26.68
CA ARG E 77 31.17 -36.99 -25.44
C ARG E 77 29.71 -37.45 -25.41
N ILE E 78 29.22 -38.04 -26.49
CA ILE E 78 27.85 -38.58 -26.54
C ILE E 78 27.85 -40.12 -26.44
N ALA E 79 26.69 -40.69 -26.06
CA ALA E 79 26.46 -42.15 -26.06
C ALA E 79 24.98 -42.56 -26.27
N VAL E 80 24.63 -42.96 -27.48
CA VAL E 80 23.25 -43.24 -27.84
C VAL E 80 22.86 -44.67 -27.45
N GLN E 81 21.87 -44.79 -26.57
CA GLN E 81 21.38 -46.09 -26.15
C GLN E 81 20.12 -46.49 -26.93
N GLN E 82 19.66 -47.71 -26.71
CA GLN E 82 18.35 -48.13 -27.18
C GLN E 82 17.24 -47.53 -26.32
N GLY E 83 16.02 -48.02 -26.52
CA GLY E 83 14.87 -47.51 -25.81
C GLY E 83 15.03 -47.60 -24.30
N ALA E 84 14.48 -46.63 -23.58
CA ALA E 84 14.08 -46.83 -22.19
C ALA E 84 12.72 -47.53 -22.11
N PRO E 85 12.43 -48.11 -20.95
CA PRO E 85 13.35 -48.04 -19.80
C PRO E 85 14.41 -49.16 -19.76
N ARG E 86 14.37 -50.08 -20.71
CA ARG E 86 15.26 -51.24 -20.69
C ARG E 86 16.75 -50.88 -20.75
N ALA E 87 17.13 -50.07 -21.75
CA ALA E 87 18.52 -49.67 -21.97
C ALA E 87 19.21 -48.99 -20.78
N PHE E 88 18.44 -48.53 -19.81
CA PHE E 88 19.03 -47.95 -18.60
C PHE E 88 20.01 -48.90 -17.95
N ASP E 89 19.73 -50.20 -18.09
CA ASP E 89 20.59 -51.28 -17.57
C ASP E 89 21.95 -51.31 -18.29
N ASP E 90 21.95 -50.79 -19.51
CA ASP E 90 23.07 -50.88 -20.43
C ASP E 90 24.08 -49.81 -20.05
N VAL E 91 23.68 -48.97 -19.09
CA VAL E 91 24.47 -47.82 -18.65
C VAL E 91 24.78 -47.92 -17.15
N PRO E 92 25.99 -48.42 -16.80
CA PRO E 92 26.41 -48.67 -15.41
C PRO E 92 26.34 -47.41 -14.59
N ASP E 93 26.55 -46.27 -15.25
CA ASP E 93 26.77 -44.99 -14.61
C ASP E 93 25.52 -44.20 -14.44
N ASN E 94 25.28 -43.64 -13.25
CA ASN E 94 24.08 -42.84 -13.01
C ASN E 94 24.28 -41.50 -13.67
N PRO E 95 23.17 -40.85 -14.05
CA PRO E 95 23.30 -39.50 -14.63
C PRO E 95 23.39 -38.47 -13.50
N ASP E 96 23.79 -37.24 -13.80
CA ASP E 96 23.78 -36.13 -12.84
C ASP E 96 22.57 -35.23 -13.13
N VAL E 97 22.08 -35.35 -14.35
CA VAL E 97 21.00 -34.50 -14.81
C VAL E 97 20.12 -35.35 -15.70
N ILE E 98 18.82 -35.34 -15.46
CA ILE E 98 17.92 -36.09 -16.33
C ILE E 98 17.04 -35.12 -17.10
N PHE E 99 16.99 -35.31 -18.42
CA PHE E 99 16.02 -34.64 -19.26
C PHE E 99 15.07 -35.66 -19.91
N ILE E 100 13.78 -35.53 -19.62
CA ILE E 100 12.74 -36.25 -20.35
C ILE E 100 11.98 -35.30 -21.28
N GLY E 101 12.16 -35.48 -22.58
CA GLY E 101 11.30 -34.85 -23.56
C GLY E 101 9.98 -35.59 -23.74
N GLY E 102 10.07 -36.89 -23.98
CA GLY E 102 9.06 -37.59 -24.76
C GLY E 102 8.26 -38.56 -23.92
N GLY E 103 8.95 -39.54 -23.33
CA GLY E 103 8.30 -40.68 -22.72
C GLY E 103 7.73 -40.38 -21.35
N LEU E 104 7.55 -39.09 -21.06
CA LEU E 104 7.11 -38.65 -19.75
C LEU E 104 6.11 -39.63 -19.14
N THR E 105 5.29 -40.24 -20.00
CA THR E 105 4.13 -40.99 -19.55
C THR E 105 4.23 -42.47 -19.95
N ALA E 106 5.24 -42.78 -20.75
CA ALA E 106 5.63 -44.17 -20.98
C ALA E 106 5.56 -44.98 -19.69
N PRO E 107 4.63 -45.93 -19.64
CA PRO E 107 4.47 -46.81 -18.48
C PRO E 107 5.81 -47.40 -18.05
N GLY E 108 6.28 -47.03 -16.86
CA GLY E 108 7.51 -47.57 -16.33
C GLY E 108 8.68 -46.60 -16.44
N VAL E 109 8.52 -45.61 -17.31
CA VAL E 109 9.66 -44.94 -17.91
C VAL E 109 10.29 -43.95 -16.92
N PHE E 110 9.52 -42.96 -16.52
CA PHE E 110 9.96 -42.01 -15.50
C PHE E 110 10.44 -42.73 -14.24
N ALA E 111 9.64 -43.67 -13.76
CA ALA E 111 9.93 -44.36 -12.52
C ALA E 111 11.39 -44.79 -12.45
N ALA E 112 11.84 -45.43 -13.52
CA ALA E 112 13.12 -46.16 -13.53
C ALA E 112 14.35 -45.27 -13.73
N ALA E 113 14.16 -44.05 -14.20
CA ALA E 113 15.30 -43.14 -14.37
C ALA E 113 15.55 -42.23 -13.16
N TRP E 114 14.46 -41.82 -12.51
CA TRP E 114 14.50 -41.13 -11.21
C TRP E 114 15.26 -42.02 -10.23
N LYS E 115 14.92 -43.31 -10.24
CA LYS E 115 15.65 -44.27 -9.42
C LYS E 115 17.15 -44.39 -9.74
N ARG E 116 17.56 -43.98 -10.95
CA ARG E 116 18.98 -43.90 -11.31
C ARG E 116 19.50 -42.49 -11.00
N LEU E 117 18.57 -41.56 -10.80
CA LEU E 117 18.94 -40.20 -10.45
C LEU E 117 19.50 -40.26 -9.04
N PRO E 118 20.68 -39.67 -8.81
CA PRO E 118 21.25 -39.51 -7.46
C PRO E 118 20.50 -38.46 -6.63
N VAL E 119 20.58 -38.55 -5.31
CA VAL E 119 20.10 -37.42 -4.50
C VAL E 119 21.12 -36.28 -4.68
N GLY E 120 20.62 -35.10 -5.04
CA GLY E 120 21.49 -34.05 -5.51
C GLY E 120 21.33 -33.89 -7.02
N GLY E 121 20.98 -35.00 -7.67
CA GLY E 121 20.60 -34.99 -9.07
C GLY E 121 19.53 -33.97 -9.51
N ARG E 122 19.55 -33.62 -10.79
CA ARG E 122 18.53 -32.75 -11.32
C ARG E 122 17.72 -33.42 -12.44
N LEU E 123 16.55 -32.88 -12.69
CA LEU E 123 15.66 -33.36 -13.75
C LEU E 123 14.91 -32.17 -14.35
N VAL E 124 14.73 -32.19 -15.67
CA VAL E 124 13.72 -31.37 -16.34
C VAL E 124 12.85 -32.33 -17.14
N ALA E 125 11.53 -32.10 -17.06
CA ALA E 125 10.54 -32.89 -17.77
C ALA E 125 9.50 -31.95 -18.38
N ASN E 126 9.51 -31.88 -19.72
CA ASN E 126 8.56 -31.08 -20.48
C ASN E 126 7.27 -31.83 -20.81
N ALA E 127 6.24 -31.07 -21.18
CA ALA E 127 4.88 -31.59 -21.29
C ALA E 127 4.10 -30.70 -22.25
N VAL E 128 3.51 -31.32 -23.26
CA VAL E 128 2.84 -30.60 -24.32
C VAL E 128 1.50 -31.30 -24.62
N THR E 129 1.05 -32.11 -23.66
CA THR E 129 -0.32 -32.60 -23.59
C THR E 129 -0.86 -32.50 -22.13
N VAL E 130 -2.19 -32.62 -22.01
CA VAL E 130 -2.89 -32.58 -20.71
C VAL E 130 -2.65 -33.82 -19.89
N GLU E 131 -2.37 -34.91 -20.57
CA GLU E 131 -1.84 -36.08 -19.91
C GLU E 131 -0.50 -35.74 -19.27
N SER E 132 0.46 -35.32 -20.10
CA SER E 132 1.77 -34.91 -19.62
C SER E 132 1.67 -33.75 -18.60
N GLU E 133 0.85 -32.74 -18.89
CA GLU E 133 0.68 -31.68 -17.91
C GLU E 133 0.05 -32.24 -16.59
N GLN E 134 -0.97 -33.09 -16.69
CA GLN E 134 -1.51 -33.80 -15.51
C GLN E 134 -0.39 -34.63 -14.85
N MSE E 135 0.42 -35.26 -15.70
CA MSE E 135 1.57 -36.03 -15.23
C MSE E 135 2.47 -35.18 -14.36
O MSE E 135 2.80 -35.56 -13.24
CB MSE E 135 2.40 -36.52 -16.41
CG MSE E 135 3.73 -37.17 -16.00
SE MSE E 135 3.81 -39.11 -16.28
CE MSE E 135 4.89 -39.63 -14.74
N LEU E 136 2.91 -34.05 -14.92
CA LEU E 136 3.86 -33.19 -14.23
C LEU E 136 3.33 -32.82 -12.86
N TRP E 137 2.06 -32.43 -12.79
CA TRP E 137 1.50 -31.98 -11.53
C TRP E 137 1.65 -32.96 -10.38
N ALA E 138 1.32 -34.22 -10.67
CA ALA E 138 1.32 -35.33 -9.72
C ALA E 138 2.72 -35.73 -9.22
N LEU E 139 3.72 -35.56 -10.09
CA LEU E 139 5.11 -35.84 -9.70
C LEU E 139 5.54 -34.84 -8.64
N ARG E 140 5.20 -33.58 -8.90
CA ARG E 140 5.45 -32.47 -7.98
C ARG E 140 5.03 -32.85 -6.58
N LYS E 141 3.79 -33.32 -6.43
CA LYS E 141 3.28 -33.75 -5.14
C LYS E 141 4.40 -34.48 -4.41
N GLN E 142 4.86 -35.58 -5.00
CA GLN E 142 5.73 -36.51 -4.31
C GLN E 142 7.15 -36.00 -4.17
N PHE E 143 7.62 -35.28 -5.18
CA PHE E 143 9.04 -35.01 -5.29
C PHE E 143 9.36 -33.53 -5.25
N GLY E 144 8.32 -32.70 -5.26
CA GLY E 144 8.49 -31.26 -5.23
C GLY E 144 8.97 -30.71 -6.56
N GLY E 145 9.85 -29.72 -6.53
CA GLY E 145 10.36 -29.14 -7.75
C GLY E 145 9.35 -28.17 -8.31
N THR E 146 9.56 -27.73 -9.55
CA THR E 146 8.96 -26.48 -9.99
C THR E 146 8.41 -26.50 -11.39
N ILE E 147 7.25 -25.87 -11.55
CA ILE E 147 6.55 -25.83 -12.85
C ILE E 147 6.56 -24.44 -13.54
N SER E 148 6.88 -24.42 -14.83
CA SER E 148 6.70 -23.26 -15.68
C SER E 148 5.80 -23.67 -16.85
N SER E 149 5.44 -22.67 -17.65
CA SER E 149 4.77 -22.91 -18.92
C SER E 149 5.21 -21.82 -19.86
N PHE E 150 5.57 -22.19 -21.08
CA PHE E 150 5.96 -21.16 -22.05
C PHE E 150 4.97 -21.14 -23.21
N ALA E 151 4.38 -19.95 -23.47
CA ALA E 151 3.52 -19.69 -24.64
C ALA E 151 4.19 -18.85 -25.70
N ILE E 152 4.42 -19.45 -26.85
CA ILE E 152 5.17 -18.76 -27.89
C ILE E 152 4.33 -18.66 -29.18
N SER E 153 4.37 -17.48 -29.80
CA SER E 153 3.64 -17.15 -31.02
C SER E 153 4.59 -16.84 -32.19
N HIS E 154 4.20 -17.14 -33.42
CA HIS E 154 5.10 -17.07 -34.57
C HIS E 154 4.42 -16.43 -35.78
N GLU E 155 4.92 -15.28 -36.26
CA GLU E 155 4.21 -14.56 -37.33
C GLU E 155 3.62 -15.43 -38.46
N HIS E 156 2.43 -15.06 -38.94
CA HIS E 156 1.71 -15.93 -39.84
C HIS E 156 0.74 -15.18 -40.73
N THR E 157 1.00 -15.24 -42.03
CA THR E 157 0.31 -14.36 -42.97
C THR E 157 -1.05 -14.89 -43.43
N VAL E 158 -1.96 -13.95 -43.69
CA VAL E 158 -3.26 -14.22 -44.32
C VAL E 158 -3.32 -13.44 -45.63
N GLY E 159 -2.15 -13.18 -46.20
CA GLY E 159 -2.01 -12.52 -47.48
C GLY E 159 -1.36 -11.15 -47.39
N SER E 160 -2.18 -10.13 -47.33
CA SER E 160 -1.70 -8.79 -47.02
C SER E 160 -1.58 -8.62 -45.50
N PHE E 161 -2.03 -9.63 -44.76
CA PHE E 161 -2.22 -9.53 -43.33
C PHE E 161 -1.22 -10.36 -42.50
N ILE E 162 -0.83 -9.85 -41.34
CA ILE E 162 0.10 -10.57 -40.47
C ILE E 162 -0.52 -10.80 -39.09
N THR E 163 -0.56 -12.05 -38.68
CA THR E 163 -1.16 -12.41 -37.40
C THR E 163 -0.13 -13.08 -36.49
N MSE E 164 -0.36 -13.07 -35.17
CA MSE E 164 0.51 -13.80 -34.24
C MSE E 164 -0.05 -15.18 -33.87
O MSE E 164 -0.91 -15.30 -33.01
CB MSE E 164 0.86 -12.97 -33.00
CG MSE E 164 1.80 -11.79 -33.26
SE MSE E 164 3.36 -12.09 -34.47
CE MSE E 164 4.63 -12.93 -33.23
N LYS E 165 0.46 -16.21 -34.54
CA LYS E 165 0.01 -17.58 -34.38
C LYS E 165 0.62 -18.23 -33.15
N PRO E 166 -0.19 -18.48 -32.12
CA PRO E 166 0.34 -19.22 -30.95
C PRO E 166 0.52 -20.69 -31.30
N ALA E 167 1.65 -21.27 -30.93
CA ALA E 167 1.79 -22.72 -31.01
C ALA E 167 1.17 -23.34 -29.74
N LEU E 168 1.40 -24.64 -29.53
CA LEU E 168 0.88 -25.34 -28.33
C LEU E 168 1.63 -24.94 -27.06
N PRO E 169 0.91 -24.87 -25.92
CA PRO E 169 1.59 -24.53 -24.67
C PRO E 169 2.55 -25.64 -24.31
N VAL E 170 3.61 -25.32 -23.57
CA VAL E 170 4.55 -26.31 -23.14
C VAL E 170 4.93 -26.03 -21.71
N HIS E 171 4.52 -26.93 -20.84
CA HIS E 171 4.86 -26.81 -19.45
C HIS E 171 6.29 -27.27 -19.22
N GLN E 172 6.77 -27.10 -18.01
CA GLN E 172 8.13 -27.51 -17.72
C GLN E 172 8.29 -27.64 -16.26
N TRP E 173 8.61 -28.86 -15.86
CA TRP E 173 8.93 -29.14 -14.48
C TRP E 173 10.46 -29.14 -14.27
N THR E 174 10.94 -28.42 -13.26
CA THR E 174 12.34 -28.52 -12.79
C THR E 174 12.45 -28.90 -11.29
N VAL E 175 13.06 -30.05 -11.02
CA VAL E 175 13.29 -30.57 -9.67
C VAL E 175 14.77 -30.86 -9.44
N VAL E 176 15.20 -30.79 -8.18
CA VAL E 176 16.47 -31.40 -7.80
C VAL E 176 16.11 -32.54 -6.86
N LYS E 177 16.67 -33.72 -7.06
CA LYS E 177 16.10 -34.89 -6.40
C LYS E 177 16.20 -34.90 -4.89
N ALA E 178 15.05 -35.04 -4.23
CA ALA E 178 14.98 -35.41 -2.83
C ALA E 178 15.91 -34.61 -1.92
N GLY F 6 -9.93 -3.21 -14.01
CA GLY F 6 -9.47 -4.31 -13.21
C GLY F 6 -10.67 -4.97 -12.54
N GLN F 7 -11.81 -4.31 -12.70
CA GLN F 7 -13.10 -4.81 -12.20
C GLN F 7 -13.89 -5.27 -13.42
N LEU F 8 -13.41 -4.82 -14.57
CA LEU F 8 -13.92 -5.17 -15.89
C LEU F 8 -13.51 -6.61 -16.25
N THR F 9 -12.38 -7.03 -15.71
CA THR F 9 -11.94 -8.40 -15.89
C THR F 9 -13.09 -9.34 -15.53
N LYS F 10 -13.90 -8.93 -14.54
CA LYS F 10 -14.97 -9.75 -13.94
C LYS F 10 -16.21 -9.79 -14.80
N GLN F 11 -16.44 -8.68 -15.51
CA GLN F 11 -17.51 -8.53 -16.48
C GLN F 11 -17.28 -9.36 -17.75
N HIS F 12 -16.02 -9.54 -18.11
CA HIS F 12 -15.64 -10.49 -19.15
C HIS F 12 -16.04 -11.92 -18.75
N VAL F 13 -15.86 -12.26 -17.48
CA VAL F 13 -16.19 -13.59 -16.94
C VAL F 13 -17.69 -13.84 -16.86
N ARG F 14 -18.39 -12.91 -16.22
CA ARG F 14 -19.85 -12.96 -16.16
C ARG F 14 -20.47 -12.98 -17.59
N ALA F 15 -19.77 -12.39 -18.56
CA ALA F 15 -20.22 -12.41 -19.95
C ALA F 15 -19.75 -13.69 -20.60
N LEU F 16 -18.76 -14.34 -20.01
CA LEU F 16 -18.26 -15.57 -20.58
C LEU F 16 -19.01 -16.81 -20.05
N ALA F 17 -19.46 -16.76 -18.80
CA ALA F 17 -20.24 -17.88 -18.24
C ALA F 17 -21.66 -17.90 -18.81
N ILE F 18 -22.35 -16.76 -18.80
CA ILE F 18 -23.72 -16.71 -19.32
C ILE F 18 -23.82 -17.00 -20.82
N SER F 19 -22.69 -17.00 -21.51
CA SER F 19 -22.69 -17.46 -22.90
C SER F 19 -22.55 -18.97 -22.84
N ALA F 20 -21.60 -19.45 -22.04
CA ALA F 20 -21.46 -20.87 -21.73
C ALA F 20 -22.66 -21.44 -20.98
N LEU F 21 -23.67 -20.62 -20.74
CA LEU F 21 -24.87 -21.05 -20.03
C LEU F 21 -26.10 -20.93 -20.92
N ALA F 22 -26.04 -20.04 -21.91
CA ALA F 22 -27.00 -20.03 -22.99
C ALA F 22 -28.44 -20.11 -22.47
N PRO F 23 -28.88 -19.03 -21.82
CA PRO F 23 -30.15 -19.04 -21.09
C PRO F 23 -31.34 -19.17 -22.03
N LYS F 24 -32.35 -19.92 -21.61
CA LYS F 24 -33.51 -20.20 -22.45
C LYS F 24 -34.80 -20.17 -21.64
N PRO F 25 -35.85 -19.63 -22.24
CA PRO F 25 -37.13 -19.43 -21.54
C PRO F 25 -37.50 -20.64 -20.69
N HIS F 26 -38.02 -20.40 -19.50
CA HIS F 26 -38.56 -21.46 -18.66
C HIS F 26 -37.43 -22.31 -18.07
N GLU F 27 -36.21 -21.83 -18.18
CA GLU F 27 -35.06 -22.48 -17.55
C GLU F 27 -34.73 -21.84 -16.21
N THR F 28 -34.48 -22.67 -15.22
CA THR F 28 -34.24 -22.19 -13.88
C THR F 28 -32.78 -22.44 -13.59
N LEU F 29 -32.08 -21.38 -13.18
CA LEU F 29 -30.64 -21.49 -12.96
C LEU F 29 -30.39 -21.58 -11.49
N TRP F 30 -29.21 -22.08 -11.13
CA TRP F 30 -28.75 -22.16 -9.76
C TRP F 30 -27.32 -21.58 -9.78
N ASP F 31 -27.04 -20.53 -9.01
CA ASP F 31 -25.66 -20.04 -8.95
C ASP F 31 -25.06 -20.39 -7.62
N ILE F 32 -24.10 -21.33 -7.63
CA ILE F 32 -23.42 -21.74 -6.42
C ILE F 32 -22.08 -21.02 -6.23
N GLY F 33 -21.95 -20.37 -5.08
CA GLY F 33 -20.81 -19.52 -4.78
C GLY F 33 -21.23 -18.07 -4.71
N GLY F 37 -23.18 -14.26 -6.84
CA GLY F 37 -24.61 -14.21 -7.05
C GLY F 37 -24.95 -13.24 -8.17
N SER F 38 -23.89 -12.76 -8.82
CA SER F 38 -24.04 -11.79 -9.91
C SER F 38 -24.45 -12.48 -11.20
N ILE F 39 -24.00 -13.72 -11.36
CA ILE F 39 -24.40 -14.55 -12.50
C ILE F 39 -25.91 -14.72 -12.55
N ALA F 40 -26.53 -15.08 -11.41
CA ALA F 40 -27.98 -15.32 -11.36
C ALA F 40 -28.82 -14.18 -11.85
N ILE F 41 -28.35 -12.95 -11.67
CA ILE F 41 -29.05 -11.77 -12.15
C ILE F 41 -28.68 -11.46 -13.61
N GLU F 42 -27.42 -11.66 -13.92
CA GLU F 42 -26.95 -11.54 -15.28
C GLU F 42 -27.67 -12.57 -16.12
N TRP F 43 -27.96 -13.72 -15.52
CA TRP F 43 -28.74 -14.78 -16.15
C TRP F 43 -30.20 -14.34 -16.31
N LEU F 44 -30.78 -13.79 -15.24
CA LEU F 44 -32.17 -13.37 -15.25
C LEU F 44 -32.43 -12.31 -16.31
N ARG F 45 -31.44 -11.47 -16.55
CA ARG F 45 -31.62 -10.27 -17.37
C ARG F 45 -31.41 -10.57 -18.84
N SER F 46 -31.22 -11.84 -19.17
CA SER F 46 -30.98 -12.26 -20.55
C SER F 46 -32.27 -12.65 -21.25
N THR F 47 -33.28 -13.01 -20.46
CA THR F 47 -34.57 -13.41 -21.01
C THR F 47 -35.68 -13.29 -19.95
N PRO F 48 -36.88 -12.96 -20.41
CA PRO F 48 -38.09 -13.24 -19.62
C PRO F 48 -38.30 -14.74 -19.40
N GLN F 49 -39.09 -15.08 -18.39
CA GLN F 49 -39.53 -16.46 -18.21
C GLN F 49 -38.34 -17.39 -17.98
N THR F 50 -37.27 -16.85 -17.42
CA THR F 50 -36.21 -17.67 -16.84
C THR F 50 -36.20 -17.45 -15.30
N THR F 51 -35.71 -18.43 -14.53
CA THR F 51 -35.60 -18.25 -13.09
C THR F 51 -34.20 -18.53 -12.52
N ALA F 52 -34.00 -18.18 -11.25
CA ALA F 52 -32.73 -18.46 -10.54
C ALA F 52 -32.85 -18.61 -9.02
N VAL F 53 -32.09 -19.57 -8.49
CA VAL F 53 -31.87 -19.75 -7.07
C VAL F 53 -30.37 -19.45 -6.76
N CYS F 54 -30.12 -18.51 -5.86
CA CYS F 54 -28.74 -18.22 -5.43
C CYS F 54 -28.40 -18.81 -4.06
N PHE F 55 -27.23 -19.43 -3.98
CA PHE F 55 -26.78 -20.11 -2.79
C PHE F 55 -25.52 -19.42 -2.25
N GLU F 56 -25.74 -18.47 -1.36
CA GLU F 56 -24.64 -17.80 -0.66
C GLU F 56 -24.81 -17.96 0.85
N ILE F 57 -23.70 -18.10 1.55
CA ILE F 57 -23.71 -18.42 2.97
C ILE F 57 -23.96 -17.23 3.87
N SER F 58 -23.67 -16.03 3.36
CA SER F 58 -23.73 -14.79 4.15
C SER F 58 -25.08 -14.09 4.14
N GLU F 59 -25.61 -13.79 5.33
CA GLU F 59 -26.84 -12.99 5.46
C GLU F 59 -26.57 -11.59 4.92
N GLU F 60 -25.32 -11.13 5.06
CA GLU F 60 -24.94 -9.83 4.52
C GLU F 60 -25.06 -9.84 2.98
N ARG F 61 -24.49 -10.88 2.38
CA ARG F 61 -24.50 -11.02 0.94
C ARG F 61 -25.86 -11.45 0.40
N ARG F 62 -26.58 -12.28 1.14
CA ARG F 62 -27.93 -12.68 0.74
C ARG F 62 -28.87 -11.47 0.67
N GLU F 63 -28.79 -10.59 1.67
CA GLU F 63 -29.55 -9.35 1.66
C GLU F 63 -29.20 -8.49 0.43
N ARG F 64 -27.92 -8.33 0.16
CA ARG F 64 -27.48 -7.51 -0.97
C ARG F 64 -28.11 -7.99 -2.26
N ILE F 65 -27.93 -9.28 -2.53
CA ILE F 65 -28.48 -9.92 -3.69
C ILE F 65 -29.97 -9.63 -3.86
N LEU F 66 -30.77 -9.81 -2.81
CA LEU F 66 -32.19 -9.48 -2.92
C LEU F 66 -32.34 -7.97 -3.07
N SER F 67 -31.36 -7.24 -2.56
CA SER F 67 -31.33 -5.82 -2.84
C SER F 67 -31.18 -5.59 -4.35
N ASN F 68 -30.08 -6.04 -4.93
CA ASN F 68 -29.81 -5.88 -6.37
C ASN F 68 -30.92 -6.49 -7.24
N ALA F 69 -31.38 -7.70 -6.92
CA ALA F 69 -32.54 -8.21 -7.59
C ALA F 69 -33.64 -7.15 -7.50
N ILE F 70 -33.88 -6.67 -6.29
CA ILE F 70 -34.93 -5.71 -6.09
C ILE F 70 -34.60 -4.43 -6.87
N ASN F 71 -33.31 -4.15 -7.00
CA ASN F 71 -32.85 -3.00 -7.80
C ASN F 71 -33.30 -3.08 -9.26
N LEU F 72 -32.85 -4.13 -9.94
CA LEU F 72 -33.01 -4.24 -11.38
C LEU F 72 -34.29 -4.99 -11.85
N GLY F 73 -35.24 -5.15 -10.92
CA GLY F 73 -36.60 -5.63 -11.24
C GLY F 73 -36.98 -7.04 -10.80
N VAL F 74 -36.06 -7.96 -11.05
CA VAL F 74 -36.27 -9.42 -11.02
C VAL F 74 -36.42 -10.15 -9.68
N SER F 75 -36.69 -9.44 -8.57
CA SER F 75 -36.82 -10.05 -7.24
C SER F 75 -37.84 -11.18 -7.31
N ASP F 76 -38.82 -10.97 -8.18
CA ASP F 76 -39.91 -11.89 -8.45
C ASP F 76 -39.41 -13.20 -9.09
N ARG F 77 -38.23 -13.14 -9.68
CA ARG F 77 -37.76 -14.25 -10.49
C ARG F 77 -36.54 -14.88 -9.88
N ILE F 78 -36.07 -14.27 -8.79
CA ILE F 78 -34.92 -14.82 -8.11
C ILE F 78 -35.37 -15.47 -6.82
N ALA F 79 -34.49 -16.24 -6.20
CA ALA F 79 -34.71 -16.75 -4.84
C ALA F 79 -33.37 -17.02 -4.14
N VAL F 80 -33.12 -16.33 -3.03
CA VAL F 80 -31.82 -16.37 -2.39
C VAL F 80 -31.81 -17.34 -1.21
N GLN F 81 -30.98 -18.37 -1.30
CA GLN F 81 -30.95 -19.43 -0.29
C GLN F 81 -29.65 -19.40 0.49
N GLN F 82 -29.53 -20.28 1.48
CA GLN F 82 -28.34 -20.35 2.32
C GLN F 82 -27.22 -21.10 1.62
N GLY F 83 -26.21 -21.51 2.40
CA GLY F 83 -25.00 -22.06 1.84
C GLY F 83 -25.17 -23.50 1.38
N ALA F 84 -24.31 -23.92 0.46
CA ALA F 84 -24.19 -25.34 0.12
C ALA F 84 -23.33 -26.08 1.13
N PRO F 85 -23.36 -27.41 1.06
CA PRO F 85 -24.37 -28.12 0.25
C PRO F 85 -25.74 -28.25 0.95
N ARG F 86 -25.94 -27.54 2.06
CA ARG F 86 -27.11 -27.76 2.91
C ARG F 86 -28.41 -27.18 2.40
N ALA F 87 -28.35 -26.00 1.78
CA ALA F 87 -29.56 -25.37 1.27
C ALA F 87 -30.24 -26.17 0.14
N PHE F 88 -29.54 -27.14 -0.44
CA PHE F 88 -30.13 -27.88 -1.55
C PHE F 88 -31.39 -28.62 -1.18
N ASP F 89 -31.44 -29.23 0.01
CA ASP F 89 -32.64 -29.95 0.43
C ASP F 89 -33.80 -28.99 0.72
N ASP F 90 -33.52 -27.70 0.61
CA ASP F 90 -34.52 -26.68 0.87
C ASP F 90 -35.14 -26.27 -0.47
N VAL F 91 -34.55 -26.78 -1.54
CA VAL F 91 -34.99 -26.47 -2.90
C VAL F 91 -35.60 -27.69 -3.52
N PRO F 92 -36.88 -27.95 -3.23
CA PRO F 92 -37.37 -29.20 -3.80
C PRO F 92 -37.34 -29.15 -5.34
N ASP F 93 -37.27 -27.94 -5.89
N ASP F 93 -37.29 -27.94 -5.89
CA ASP F 93 -37.36 -27.80 -7.33
CA ASP F 93 -37.38 -27.78 -7.34
C ASP F 93 -36.01 -28.00 -8.02
C ASP F 93 -36.02 -27.99 -8.02
N ASN F 94 -35.93 -29.08 -8.80
CA ASN F 94 -34.74 -29.38 -9.60
C ASN F 94 -34.33 -28.28 -10.56
N PRO F 95 -33.01 -28.07 -10.73
CA PRO F 95 -32.47 -27.04 -11.62
C PRO F 95 -32.34 -27.52 -13.08
N ASP F 96 -32.58 -26.64 -14.06
CA ASP F 96 -32.27 -26.93 -15.47
C ASP F 96 -30.80 -26.63 -15.82
N VAL F 97 -30.18 -25.71 -15.10
CA VAL F 97 -28.80 -25.33 -15.39
C VAL F 97 -28.09 -25.04 -14.06
N ILE F 98 -26.78 -25.29 -13.98
CA ILE F 98 -26.02 -25.08 -12.74
C ILE F 98 -24.79 -24.24 -12.99
N PHE F 99 -24.73 -23.08 -12.34
CA PHE F 99 -23.45 -22.36 -12.30
C PHE F 99 -22.79 -22.63 -10.95
N ILE F 100 -21.48 -22.86 -10.97
CA ILE F 100 -20.69 -23.02 -9.76
C ILE F 100 -19.44 -22.13 -9.82
N LEU F 104 -14.94 -24.67 -6.92
CA LEU F 104 -15.94 -25.73 -6.86
C LEU F 104 -15.47 -26.94 -6.08
N THR F 105 -14.34 -26.76 -5.42
CA THR F 105 -13.60 -27.87 -4.85
C THR F 105 -14.12 -28.31 -3.48
N ALA F 106 -15.01 -27.51 -2.90
CA ALA F 106 -15.44 -27.73 -1.52
C ALA F 106 -16.10 -29.09 -1.32
N PRO F 107 -15.97 -29.62 -0.10
CA PRO F 107 -16.54 -30.89 0.37
C PRO F 107 -18.01 -31.08 -0.02
N GLY F 108 -18.29 -32.21 -0.66
CA GLY F 108 -19.63 -32.56 -1.11
C GLY F 108 -20.22 -31.57 -2.10
N VAL F 109 -19.50 -30.48 -2.33
CA VAL F 109 -20.06 -29.37 -3.10
C VAL F 109 -20.41 -29.72 -4.54
N PHE F 110 -19.48 -30.25 -5.33
CA PHE F 110 -19.90 -30.56 -6.69
C PHE F 110 -20.78 -31.84 -6.82
N ALA F 111 -20.47 -32.86 -6.05
CA ALA F 111 -21.20 -34.12 -6.22
C ALA F 111 -22.68 -33.96 -5.89
N ALA F 112 -22.99 -32.99 -5.04
CA ALA F 112 -24.34 -32.86 -4.48
C ALA F 112 -25.37 -32.10 -5.36
N ALA F 113 -24.88 -31.26 -6.27
CA ALA F 113 -25.77 -30.52 -7.14
C ALA F 113 -25.92 -31.31 -8.45
N TRP F 114 -24.80 -31.84 -8.91
CA TRP F 114 -24.81 -32.75 -10.03
C TRP F 114 -25.86 -33.77 -9.77
N LYS F 115 -25.97 -34.15 -8.49
CA LYS F 115 -26.98 -35.12 -8.09
C LYS F 115 -28.36 -34.57 -8.40
N ARG F 116 -28.47 -33.25 -8.44
CA ARG F 116 -29.76 -32.61 -8.65
C ARG F 116 -29.87 -32.20 -10.09
N LEU F 117 -28.82 -32.45 -10.86
CA LEU F 117 -28.88 -32.11 -12.27
C LEU F 117 -29.60 -33.22 -13.09
N PRO F 118 -30.83 -32.91 -13.61
CA PRO F 118 -31.54 -33.84 -14.51
C PRO F 118 -30.66 -34.25 -15.64
N VAL F 119 -30.85 -35.45 -16.14
CA VAL F 119 -30.24 -35.77 -17.43
C VAL F 119 -30.79 -34.79 -18.51
N GLY F 120 -29.93 -34.39 -19.44
CA GLY F 120 -30.28 -33.34 -20.38
C GLY F 120 -30.03 -31.92 -19.84
N GLY F 121 -29.91 -31.79 -18.50
CA GLY F 121 -29.57 -30.54 -17.85
C GLY F 121 -28.15 -30.09 -18.15
N ARG F 122 -27.81 -28.87 -17.77
CA ARG F 122 -26.50 -28.30 -18.11
C ARG F 122 -25.74 -27.71 -16.90
N LEU F 123 -24.40 -27.75 -16.94
CA LEU F 123 -23.54 -27.22 -15.87
C LEU F 123 -22.36 -26.42 -16.44
N VAL F 124 -21.94 -25.40 -15.70
CA VAL F 124 -20.72 -24.65 -15.98
C VAL F 124 -20.02 -24.41 -14.65
N ALA F 125 -18.69 -24.52 -14.69
CA ALA F 125 -17.87 -24.36 -13.49
C ALA F 125 -16.49 -23.83 -13.88
N ASN F 126 -16.24 -22.59 -13.46
CA ASN F 126 -14.99 -21.89 -13.71
C ASN F 126 -13.88 -22.34 -12.78
N ALA F 127 -12.65 -21.91 -13.07
CA ALA F 127 -11.45 -22.39 -12.34
C ALA F 127 -10.24 -21.44 -12.42
N VAL F 128 -9.80 -20.91 -11.28
CA VAL F 128 -8.63 -20.05 -11.33
C VAL F 128 -7.51 -20.49 -10.35
N THR F 129 -7.47 -21.79 -10.03
CA THR F 129 -6.32 -22.43 -9.37
C THR F 129 -6.04 -23.85 -9.96
N VAL F 130 -4.85 -24.39 -9.67
CA VAL F 130 -4.47 -25.73 -10.14
C VAL F 130 -5.30 -26.85 -9.52
N GLU F 131 -5.74 -26.66 -8.29
CA GLU F 131 -6.74 -27.54 -7.68
C GLU F 131 -8.07 -27.47 -8.45
N SER F 132 -8.60 -26.25 -8.61
CA SER F 132 -9.79 -26.04 -9.45
C SER F 132 -9.64 -26.55 -10.90
N GLU F 133 -8.57 -26.16 -11.60
CA GLU F 133 -8.34 -26.69 -12.95
C GLU F 133 -8.15 -28.22 -12.93
N GLN F 134 -7.24 -28.72 -12.08
CA GLN F 134 -7.14 -30.16 -11.84
C GLN F 134 -8.54 -30.73 -11.58
N MSE F 135 -9.30 -30.02 -10.74
CA MSE F 135 -10.66 -30.40 -10.39
C MSE F 135 -11.50 -30.53 -11.64
O MSE F 135 -12.08 -31.59 -11.89
CB MSE F 135 -11.31 -29.33 -9.52
CG MSE F 135 -12.80 -29.57 -9.32
SE MSE F 135 -13.29 -29.89 -7.48
CE MSE F 135 -14.52 -31.38 -7.70
N LEU F 136 -11.57 -29.44 -12.42
CA LEU F 136 -12.33 -29.46 -13.66
C LEU F 136 -11.93 -30.69 -14.47
N TRP F 137 -10.65 -31.03 -14.46
CA TRP F 137 -10.17 -32.15 -15.28
C TRP F 137 -10.74 -33.51 -14.96
N ALA F 138 -10.70 -33.89 -13.68
CA ALA F 138 -11.17 -35.19 -13.21
C ALA F 138 -12.65 -35.44 -13.51
N LEU F 139 -13.43 -34.36 -13.54
CA LEU F 139 -14.88 -34.44 -13.76
C LEU F 139 -15.20 -34.69 -15.23
N ARG F 140 -14.35 -34.18 -16.12
CA ARG F 140 -14.55 -34.31 -17.56
C ARG F 140 -14.44 -35.73 -18.06
N LYS F 141 -13.49 -36.51 -17.56
CA LYS F 141 -13.40 -37.92 -17.97
C LYS F 141 -14.65 -38.63 -17.43
N GLN F 142 -14.96 -38.35 -16.18
CA GLN F 142 -16.08 -38.96 -15.48
C GLN F 142 -17.41 -38.58 -16.12
N PHE F 143 -17.58 -37.32 -16.50
CA PHE F 143 -18.89 -36.82 -16.90
C PHE F 143 -18.96 -36.22 -18.30
N GLY F 144 -17.81 -35.82 -18.84
CA GLY F 144 -17.78 -35.30 -20.20
C GLY F 144 -17.90 -33.79 -20.29
N GLY F 145 -18.36 -33.30 -21.44
CA GLY F 145 -18.51 -31.87 -21.61
C GLY F 145 -17.22 -31.19 -22.04
N THR F 146 -17.25 -29.87 -22.16
CA THR F 146 -16.16 -29.15 -22.78
C THR F 146 -15.36 -28.26 -21.81
N ILE F 147 -14.05 -28.15 -22.06
CA ILE F 147 -13.16 -27.24 -21.32
C ILE F 147 -12.56 -26.10 -22.17
N SER F 148 -12.32 -24.97 -21.52
CA SER F 148 -11.77 -23.79 -22.19
C SER F 148 -10.86 -23.09 -21.21
N SER F 149 -10.09 -22.16 -21.73
CA SER F 149 -9.41 -21.24 -20.88
C SER F 149 -9.57 -19.89 -21.54
N PHE F 150 -9.61 -18.84 -20.73
CA PHE F 150 -9.66 -17.48 -21.26
C PHE F 150 -8.56 -16.64 -20.62
N ALA F 151 -7.64 -16.09 -21.43
CA ALA F 151 -6.55 -15.29 -20.87
C ALA F 151 -6.59 -13.82 -21.30
N ILE F 152 -6.76 -12.93 -20.32
CA ILE F 152 -7.04 -11.52 -20.60
C ILE F 152 -5.93 -10.63 -20.02
N SER F 153 -5.59 -9.58 -20.76
CA SER F 153 -4.61 -8.58 -20.36
C SER F 153 -5.28 -7.19 -20.38
N HIS F 154 -4.89 -6.29 -19.47
CA HIS F 154 -5.47 -4.94 -19.42
C HIS F 154 -4.36 -3.88 -19.51
N GLU F 155 -4.70 -2.64 -19.84
CA GLU F 155 -3.66 -1.60 -19.92
C GLU F 155 -2.95 -1.32 -18.59
N HIS F 156 -1.64 -1.15 -18.65
CA HIS F 156 -0.88 -0.82 -17.45
C HIS F 156 0.24 0.17 -17.75
N THR F 157 -0.02 1.43 -17.44
CA THR F 157 0.86 2.51 -17.87
C THR F 157 2.02 2.64 -16.92
N VAL F 158 3.17 2.08 -17.32
CA VAL F 158 4.44 2.29 -16.61
C VAL F 158 5.11 3.55 -17.13
N GLY F 159 4.74 4.69 -16.56
CA GLY F 159 5.31 5.97 -16.91
C GLY F 159 4.73 6.62 -18.15
N SER F 160 5.57 6.77 -19.17
CA SER F 160 5.12 7.25 -20.46
C SER F 160 4.77 6.06 -21.36
N PHE F 161 4.98 4.86 -20.83
CA PHE F 161 4.87 3.62 -21.59
C PHE F 161 3.61 2.81 -21.26
N ILE F 162 3.09 2.07 -22.25
CA ILE F 162 2.00 1.15 -22.00
C ILE F 162 2.45 -0.30 -22.16
N THR F 163 1.96 -1.14 -21.27
CA THR F 163 2.21 -2.57 -21.30
C THR F 163 0.87 -3.32 -21.14
N MSE F 164 0.82 -4.60 -21.53
CA MSE F 164 -0.41 -5.38 -21.36
C MSE F 164 -0.37 -6.40 -20.20
O MSE F 164 0.21 -7.48 -20.34
CB MSE F 164 -0.85 -6.05 -22.68
CG MSE F 164 -1.23 -5.05 -23.83
SE MSE F 164 -2.73 -3.74 -23.61
CE MSE F 164 -4.21 -5.00 -23.26
N LYS F 165 -1.01 -6.03 -19.09
CA LYS F 165 -0.93 -6.76 -17.83
C LYS F 165 -1.89 -7.92 -17.91
N PRO F 166 -1.35 -9.15 -17.94
CA PRO F 166 -2.25 -10.31 -17.95
C PRO F 166 -2.72 -10.60 -16.54
N ALA F 167 -4.02 -10.87 -16.42
CA ALA F 167 -4.64 -11.33 -15.18
C ALA F 167 -4.32 -12.82 -14.95
N LEU F 168 -4.95 -13.42 -13.94
CA LEU F 168 -4.92 -14.87 -13.72
C LEU F 168 -5.88 -15.60 -14.68
N PRO F 169 -5.46 -16.76 -15.22
CA PRO F 169 -6.18 -17.51 -16.26
C PRO F 169 -7.39 -18.31 -15.74
N VAL F 170 -8.56 -18.05 -16.31
CA VAL F 170 -9.78 -18.73 -15.92
C VAL F 170 -10.10 -19.84 -16.89
N HIS F 171 -10.05 -21.07 -16.38
CA HIS F 171 -10.53 -22.24 -17.09
C HIS F 171 -12.03 -22.37 -16.91
N GLN F 172 -12.70 -23.05 -17.84
CA GLN F 172 -14.14 -23.24 -17.70
C GLN F 172 -14.58 -24.57 -18.29
N TRP F 173 -15.34 -25.31 -17.50
CA TRP F 173 -15.89 -26.58 -17.96
C TRP F 173 -17.36 -26.48 -18.30
N THR F 174 -17.73 -26.97 -19.49
CA THR F 174 -19.10 -26.98 -19.98
C THR F 174 -19.65 -28.41 -20.31
N VAL F 175 -20.69 -28.81 -19.59
CA VAL F 175 -21.35 -30.08 -19.81
C VAL F 175 -22.88 -29.97 -19.93
N VAL F 176 -23.42 -30.49 -21.04
CA VAL F 176 -24.80 -30.96 -21.14
C VAL F 176 -24.81 -32.39 -20.56
N LYS F 177 -25.66 -32.65 -19.56
CA LYS F 177 -25.60 -33.92 -18.83
C LYS F 177 -26.24 -35.12 -19.57
N ALA F 178 -25.72 -36.32 -19.28
CA ALA F 178 -26.22 -37.55 -19.85
C ALA F 178 -25.81 -38.76 -19.01
N GLY G 6 10.45 -13.66 -10.38
CA GLY G 6 10.87 -12.30 -10.70
C GLY G 6 12.26 -12.23 -11.33
N GLN G 7 13.18 -13.00 -10.74
CA GLN G 7 14.50 -13.21 -11.32
C GLN G 7 14.56 -14.58 -12.04
N LEU G 8 13.62 -15.48 -11.74
CA LEU G 8 13.42 -16.67 -12.55
C LEU G 8 13.10 -16.25 -13.99
N THR G 9 12.32 -15.18 -14.13
CA THR G 9 11.95 -14.58 -15.41
C THR G 9 13.16 -14.04 -16.22
N LYS G 10 14.01 -13.25 -15.58
CA LYS G 10 15.10 -12.62 -16.28
C LYS G 10 16.06 -13.66 -16.88
N GLN G 11 16.17 -14.84 -16.26
CA GLN G 11 16.97 -15.91 -16.85
C GLN G 11 16.38 -16.49 -18.16
N HIS G 12 15.08 -16.80 -18.11
CA HIS G 12 14.29 -17.33 -19.24
C HIS G 12 14.37 -16.46 -20.46
N VAL G 13 14.04 -15.20 -20.26
CA VAL G 13 14.17 -14.14 -21.27
C VAL G 13 15.61 -13.93 -21.74
N ARG G 14 16.55 -14.05 -20.80
CA ARG G 14 17.97 -13.94 -21.11
C ARG G 14 18.38 -15.13 -21.95
N ALA G 15 17.66 -16.23 -21.76
CA ALA G 15 17.85 -17.45 -22.56
C ALA G 15 17.30 -17.28 -23.98
N LEU G 16 16.13 -16.68 -24.09
CA LEU G 16 15.48 -16.55 -25.41
C LEU G 16 16.22 -15.59 -26.32
N ALA G 17 16.97 -14.68 -25.69
CA ALA G 17 17.83 -13.69 -26.36
C ALA G 17 19.13 -14.28 -26.88
N ILE G 18 20.02 -14.69 -25.97
CA ILE G 18 21.28 -15.29 -26.40
C ILE G 18 20.99 -16.51 -27.28
N SER G 19 19.75 -16.96 -27.29
CA SER G 19 19.31 -18.03 -28.19
C SER G 19 19.01 -17.49 -29.58
N ALA G 20 18.37 -16.34 -29.64
CA ALA G 20 18.21 -15.61 -30.91
C ALA G 20 19.55 -15.09 -31.42
N LEU G 21 20.50 -14.94 -30.51
CA LEU G 21 21.80 -14.37 -30.85
C LEU G 21 22.78 -15.45 -31.29
N ALA G 22 22.56 -16.67 -30.82
CA ALA G 22 23.31 -17.82 -31.31
C ALA G 22 24.79 -17.49 -31.49
N PRO G 23 25.44 -17.12 -30.39
CA PRO G 23 26.78 -16.52 -30.46
C PRO G 23 27.79 -17.45 -31.14
N LYS G 24 28.30 -17.03 -32.29
CA LYS G 24 29.44 -17.69 -32.90
C LYS G 24 30.73 -17.37 -32.15
N GLU G 27 33.52 -13.20 -31.14
CA GLU G 27 32.43 -12.43 -31.75
C GLU G 27 31.94 -11.22 -30.92
N THR G 28 32.34 -10.02 -31.34
CA THR G 28 31.98 -8.77 -30.66
C THR G 28 30.48 -8.41 -30.72
N LEU G 29 29.84 -8.25 -29.56
CA LEU G 29 28.43 -7.85 -29.47
C LEU G 29 28.27 -6.56 -28.66
N TRP G 30 27.20 -5.82 -28.95
CA TRP G 30 26.86 -4.64 -28.17
C TRP G 30 25.57 -4.85 -27.38
N ASP G 31 25.62 -4.55 -26.09
CA ASP G 31 24.41 -4.50 -25.27
C ASP G 31 23.93 -3.06 -25.08
N ILE G 32 22.80 -2.73 -25.70
CA ILE G 32 22.26 -1.38 -25.65
C ILE G 32 20.95 -1.34 -24.87
N GLY G 33 20.96 -0.63 -23.75
CA GLY G 33 19.74 -0.24 -23.09
C GLY G 33 19.30 -1.24 -22.03
N GLY G 34 17.99 -1.29 -21.78
CA GLY G 34 17.49 -1.78 -20.52
C GLY G 34 18.37 -2.85 -19.91
N GLY G 35 18.70 -2.67 -18.62
CA GLY G 35 19.31 -3.73 -17.85
C GLY G 35 20.68 -4.14 -18.38
N SER G 36 21.35 -3.19 -19.02
CA SER G 36 22.49 -3.51 -19.86
C SER G 36 23.65 -4.07 -19.04
N GLY G 37 24.03 -5.31 -19.34
CA GLY G 37 24.85 -6.09 -18.43
C GLY G 37 24.48 -7.56 -18.44
N SER G 38 23.19 -7.84 -18.34
CA SER G 38 22.71 -9.20 -18.10
C SER G 38 23.05 -10.11 -19.27
N ILE G 39 22.68 -9.70 -20.47
CA ILE G 39 22.90 -10.52 -21.68
C ILE G 39 24.37 -10.47 -22.18
N ALA G 40 25.12 -9.46 -21.76
CA ALA G 40 26.52 -9.36 -22.16
C ALA G 40 27.30 -10.40 -21.39
N ILE G 41 27.11 -10.34 -20.07
CA ILE G 41 27.77 -11.22 -19.13
C ILE G 41 27.38 -12.63 -19.43
N GLU G 42 26.16 -12.78 -19.96
CA GLU G 42 25.60 -14.10 -20.19
C GLU G 42 26.04 -14.72 -21.50
N TRP G 43 26.38 -13.88 -22.46
CA TRP G 43 26.82 -14.31 -23.78
C TRP G 43 28.33 -14.49 -23.75
N LEU G 44 28.97 -13.80 -22.80
CA LEU G 44 30.40 -13.94 -22.57
C LEU G 44 30.62 -15.25 -21.81
N ARG G 45 29.73 -15.48 -20.85
CA ARG G 45 29.71 -16.71 -20.07
C ARG G 45 29.39 -17.92 -20.94
N SER G 46 28.65 -17.70 -22.02
CA SER G 46 28.24 -18.78 -22.93
C SER G 46 29.42 -19.27 -23.78
N THR G 47 29.94 -18.38 -24.64
CA THR G 47 31.03 -18.69 -25.57
C THR G 47 32.39 -18.52 -24.94
N PRO G 48 33.41 -19.05 -25.61
CA PRO G 48 34.79 -18.90 -25.18
C PRO G 48 35.29 -17.65 -25.77
N GLN G 49 35.94 -16.84 -24.95
CA GLN G 49 36.73 -15.78 -25.50
C GLN G 49 35.87 -14.87 -26.32
N THR G 50 34.57 -14.84 -26.08
CA THR G 50 33.74 -13.79 -26.68
C THR G 50 33.98 -12.39 -26.08
N THR G 51 33.57 -11.38 -26.84
CA THR G 51 33.86 -9.97 -26.58
C THR G 51 32.57 -9.16 -26.54
N ALA G 52 32.46 -8.21 -25.59
CA ALA G 52 31.22 -7.42 -25.36
C ALA G 52 31.42 -5.93 -24.98
N VAL G 53 30.53 -5.06 -25.48
CA VAL G 53 30.48 -3.64 -25.09
C VAL G 53 29.08 -3.21 -24.64
N CYS G 54 28.98 -2.78 -23.38
CA CYS G 54 27.71 -2.33 -22.81
C CYS G 54 27.48 -0.82 -22.77
N PHE G 55 26.24 -0.44 -22.93
CA PHE G 55 25.90 0.96 -22.85
C PHE G 55 24.89 1.15 -21.82
N GLU G 56 25.44 1.35 -20.64
CA GLU G 56 24.70 1.75 -19.45
C GLU G 56 24.75 3.25 -19.16
N ILE G 57 23.56 3.81 -18.97
CA ILE G 57 23.33 5.18 -18.58
C ILE G 57 23.97 5.64 -17.26
N SER G 58 23.68 4.95 -16.15
CA SER G 58 24.03 5.47 -14.84
C SER G 58 25.41 5.04 -14.31
N GLU G 59 26.06 5.92 -13.55
CA GLU G 59 27.39 5.62 -13.01
C GLU G 59 27.30 4.40 -12.10
N GLU G 60 26.40 4.46 -11.13
CA GLU G 60 26.09 3.28 -10.33
C GLU G 60 25.70 2.13 -11.21
N ARG G 61 24.90 2.37 -12.25
CA ARG G 61 24.52 1.29 -13.15
C ARG G 61 25.79 0.68 -13.79
N ARG G 62 26.60 1.53 -14.41
CA ARG G 62 27.86 1.01 -14.97
C ARG G 62 28.67 0.33 -13.89
N GLU G 63 28.78 0.99 -12.74
CA GLU G 63 29.55 0.45 -11.64
C GLU G 63 29.02 -0.95 -11.28
N ARG G 64 27.71 -1.14 -11.35
CA ARG G 64 27.10 -2.44 -11.02
C ARG G 64 27.30 -3.55 -12.09
N ILE G 65 27.22 -3.20 -13.38
CA ILE G 65 27.62 -4.15 -14.41
C ILE G 65 28.99 -4.76 -14.03
N LEU G 66 29.92 -3.89 -13.57
CA LEU G 66 31.32 -4.28 -13.39
C LEU G 66 31.53 -5.34 -12.31
N SER G 67 30.85 -5.18 -11.17
CA SER G 67 30.84 -6.23 -10.14
C SER G 67 30.03 -7.46 -10.58
N ASN G 68 28.89 -7.24 -11.25
CA ASN G 68 28.08 -8.30 -11.86
C ASN G 68 28.95 -9.33 -12.58
N ALA G 69 30.01 -8.85 -13.23
CA ALA G 69 30.82 -9.63 -14.15
C ALA G 69 32.12 -10.04 -13.50
N ILE G 70 32.76 -9.07 -12.86
CA ILE G 70 33.94 -9.32 -12.06
C ILE G 70 33.71 -10.53 -11.18
N ASN G 71 32.59 -10.53 -10.46
CA ASN G 71 32.23 -11.64 -9.58
C ASN G 71 32.07 -12.96 -10.33
N LEU G 72 31.90 -12.86 -11.65
CA LEU G 72 31.68 -14.02 -12.52
C LEU G 72 32.90 -14.31 -13.42
N GLY G 73 34.09 -13.92 -12.97
CA GLY G 73 35.32 -14.20 -13.70
C GLY G 73 35.44 -13.62 -15.11
N VAL G 74 34.42 -12.85 -15.51
CA VAL G 74 34.21 -12.42 -16.91
C VAL G 74 34.81 -11.05 -17.26
N SER G 75 35.18 -10.29 -16.22
CA SER G 75 35.53 -8.87 -16.33
C SER G 75 36.52 -8.46 -17.43
N ASP G 76 37.35 -9.40 -17.89
CA ASP G 76 38.44 -9.10 -18.80
C ASP G 76 38.00 -9.04 -20.27
N ARG G 77 36.75 -9.43 -20.52
CA ARG G 77 36.23 -9.43 -21.89
C ARG G 77 34.99 -8.55 -22.09
N ILE G 78 34.91 -7.43 -21.35
CA ILE G 78 33.74 -6.58 -21.39
C ILE G 78 34.16 -5.13 -21.30
N ALA G 79 33.32 -4.24 -21.80
CA ALA G 79 33.50 -2.80 -21.70
C ALA G 79 32.20 -2.28 -21.18
N VAL G 80 32.28 -1.57 -20.07
CA VAL G 80 31.17 -0.74 -19.66
C VAL G 80 31.51 0.63 -20.20
N GLN G 81 30.85 0.99 -21.28
CA GLN G 81 30.91 2.34 -21.78
C GLN G 81 29.76 3.09 -21.17
N GLN G 82 29.58 4.32 -21.64
CA GLN G 82 28.40 5.09 -21.27
C GLN G 82 27.13 4.77 -22.13
N GLY G 83 26.16 5.67 -22.12
CA GLY G 83 24.90 5.40 -22.80
C GLY G 83 24.86 5.69 -24.31
N ALA G 84 24.03 4.95 -25.02
CA ALA G 84 23.83 5.11 -26.47
C ALA G 84 22.89 6.28 -26.79
N PRO G 85 23.09 6.96 -27.96
CA PRO G 85 23.97 6.67 -29.08
C PRO G 85 25.24 7.50 -29.05
N ARG G 86 25.43 8.22 -27.95
CA ARG G 86 26.47 9.22 -27.85
C ARG G 86 27.82 8.64 -27.40
N ALA G 87 27.75 7.50 -26.75
CA ALA G 87 28.93 6.80 -26.29
C ALA G 87 29.51 5.78 -27.30
N PHE G 88 28.76 5.44 -28.36
CA PHE G 88 29.29 4.56 -29.41
C PHE G 88 30.52 5.22 -30.09
N ASP G 89 30.55 6.55 -30.12
CA ASP G 89 31.68 7.28 -30.70
C ASP G 89 32.93 6.92 -29.91
N ASP G 90 32.75 6.68 -28.61
CA ASP G 90 33.85 6.38 -27.69
C ASP G 90 34.41 4.99 -27.96
N VAL G 91 33.85 4.32 -28.95
CA VAL G 91 34.11 2.92 -29.25
C VAL G 91 34.47 2.80 -30.74
N PRO G 92 35.78 2.70 -31.05
CA PRO G 92 36.31 2.75 -32.42
C PRO G 92 35.52 1.92 -33.43
N ASP G 93 35.26 0.65 -33.10
CA ASP G 93 34.79 -0.32 -34.09
C ASP G 93 33.28 -0.34 -34.33
N ASN G 94 32.90 -1.24 -35.23
CA ASN G 94 31.52 -1.63 -35.46
C ASN G 94 31.44 -3.12 -35.05
N PRO G 95 30.43 -3.54 -34.24
CA PRO G 95 30.40 -4.89 -33.66
C PRO G 95 29.93 -5.92 -34.67
N ASP G 96 30.01 -7.20 -34.30
CA ASP G 96 29.45 -8.26 -35.12
C ASP G 96 27.95 -8.37 -34.80
N VAL G 97 27.59 -8.10 -33.55
CA VAL G 97 26.23 -8.26 -33.03
C VAL G 97 25.76 -7.13 -32.10
N ILE G 98 24.45 -7.08 -31.85
CA ILE G 98 23.79 -6.03 -31.03
C ILE G 98 22.43 -6.48 -30.45
N PHE G 99 22.31 -6.46 -29.14
CA PHE G 99 21.01 -6.71 -28.55
C PHE G 99 20.55 -5.39 -27.99
N ILE G 100 19.37 -4.94 -28.38
CA ILE G 100 18.75 -3.77 -27.79
C ILE G 100 17.73 -4.29 -26.78
N GLY G 101 18.12 -4.24 -25.52
CA GLY G 101 17.46 -4.94 -24.44
C GLY G 101 16.13 -4.37 -23.99
N GLY G 102 15.82 -3.14 -24.38
CA GLY G 102 14.53 -2.58 -24.05
C GLY G 102 14.59 -1.08 -24.22
N GLY G 103 13.42 -0.43 -24.24
CA GLY G 103 13.37 0.99 -24.53
C GLY G 103 13.92 1.22 -25.93
N LEU G 104 13.27 0.61 -26.90
CA LEU G 104 13.56 0.86 -28.31
C LEU G 104 13.04 2.22 -28.74
N THR G 105 12.73 3.06 -27.77
CA THR G 105 12.08 4.36 -27.98
C THR G 105 13.04 5.57 -27.94
N ALA G 106 14.19 5.38 -27.29
CA ALA G 106 15.14 6.47 -27.08
C ALA G 106 15.63 6.99 -28.41
N PRO G 107 15.60 8.33 -28.57
CA PRO G 107 15.98 8.95 -29.84
C PRO G 107 17.44 8.69 -30.25
N GLY G 108 17.61 8.31 -31.51
CA GLY G 108 18.91 8.17 -32.14
C GLY G 108 19.67 6.94 -31.71
N VAL G 109 19.10 6.23 -30.75
CA VAL G 109 19.82 5.10 -30.24
C VAL G 109 19.88 4.02 -31.29
N PHE G 110 18.73 3.64 -31.84
CA PHE G 110 18.72 2.54 -32.78
C PHE G 110 19.44 3.03 -34.03
N ALA G 111 19.06 4.23 -34.49
CA ALA G 111 19.65 4.86 -35.67
C ALA G 111 21.19 4.80 -35.73
N ALA G 112 21.88 5.33 -34.71
CA ALA G 112 23.35 5.26 -34.62
C ALA G 112 23.93 3.84 -34.41
N ALA G 113 23.24 3.02 -33.64
CA ALA G 113 23.70 1.65 -33.44
C ALA G 113 23.66 0.94 -34.78
N TRP G 114 22.51 1.00 -35.45
CA TRP G 114 22.31 0.28 -36.71
C TRP G 114 23.32 0.72 -37.78
N LYS G 115 23.60 2.02 -37.86
CA LYS G 115 24.52 2.52 -38.87
C LYS G 115 25.93 1.99 -38.60
N ARG G 116 26.12 1.46 -37.41
CA ARG G 116 27.40 0.90 -37.03
C ARG G 116 27.45 -0.57 -37.39
N LEU G 117 26.30 -1.17 -37.61
CA LEU G 117 26.28 -2.59 -37.88
C LEU G 117 26.52 -2.80 -39.35
N PRO G 118 27.45 -3.69 -39.67
CA PRO G 118 27.79 -4.01 -41.05
C PRO G 118 26.72 -4.90 -41.62
N VAL G 119 26.78 -5.17 -42.92
CA VAL G 119 25.91 -6.19 -43.54
C VAL G 119 26.21 -7.62 -43.05
N GLY G 120 25.15 -8.40 -42.82
CA GLY G 120 25.26 -9.79 -42.41
C GLY G 120 25.48 -9.99 -40.92
N GLY G 121 25.73 -8.88 -40.22
CA GLY G 121 25.81 -8.84 -38.77
C GLY G 121 24.45 -9.11 -38.18
N ARG G 122 24.33 -9.03 -36.87
CA ARG G 122 23.10 -9.45 -36.22
C ARG G 122 22.63 -8.49 -35.11
N LEU G 123 21.31 -8.35 -35.00
CA LEU G 123 20.67 -7.53 -33.97
C LEU G 123 19.39 -8.19 -33.44
N VAL G 124 19.30 -8.37 -32.13
CA VAL G 124 18.05 -8.81 -31.52
C VAL G 124 17.57 -7.68 -30.63
N ALA G 125 16.25 -7.41 -30.65
CA ALA G 125 15.66 -6.40 -29.77
C ALA G 125 14.40 -6.92 -29.06
N ASN G 126 14.25 -6.55 -27.79
CA ASN G 126 13.02 -6.82 -27.07
C ASN G 126 12.04 -5.67 -26.93
N ALA G 127 10.79 -6.06 -26.69
CA ALA G 127 9.75 -5.14 -26.34
C ALA G 127 8.87 -5.77 -25.25
N VAL G 128 8.50 -4.98 -24.23
CA VAL G 128 7.45 -5.36 -23.28
C VAL G 128 6.33 -4.34 -23.42
N THR G 129 6.68 -3.16 -23.91
CA THR G 129 5.73 -2.06 -24.03
C THR G 129 5.17 -1.95 -25.44
N VAL G 130 3.96 -1.40 -25.51
CA VAL G 130 3.26 -1.18 -26.77
C VAL G 130 4.09 -0.32 -27.72
N GLU G 131 4.84 0.62 -27.16
CA GLU G 131 5.68 1.55 -27.92
C GLU G 131 6.88 0.88 -28.62
N SER G 132 7.65 0.11 -27.86
CA SER G 132 8.74 -0.72 -28.37
C SER G 132 8.16 -1.72 -29.35
N GLU G 133 7.00 -2.27 -28.99
CA GLU G 133 6.28 -3.23 -29.82
C GLU G 133 5.96 -2.66 -31.20
N GLN G 134 5.27 -1.53 -31.24
CA GLN G 134 4.94 -0.87 -32.50
C GLN G 134 6.20 -0.47 -33.25
N MSE G 135 7.30 -0.37 -32.52
CA MSE G 135 8.58 0.01 -33.11
C MSE G 135 9.24 -1.18 -33.81
O MSE G 135 9.63 -1.08 -34.98
CB MSE G 135 9.52 0.56 -32.03
CG MSE G 135 10.90 0.94 -32.55
SE MSE G 135 10.84 2.41 -33.82
CE MSE G 135 12.65 3.11 -33.55
N LEU G 136 9.34 -2.30 -33.11
CA LEU G 136 9.85 -3.53 -33.70
C LEU G 136 9.12 -3.88 -34.99
N TRP G 137 7.86 -3.48 -35.07
CA TRP G 137 7.04 -3.78 -36.23
C TRP G 137 7.28 -2.79 -37.36
N ALA G 138 7.16 -1.51 -37.05
CA ALA G 138 7.77 -0.46 -37.86
C ALA G 138 9.15 -0.89 -38.35
N LEU G 139 10.08 -1.09 -37.41
CA LEU G 139 11.43 -1.49 -37.75
C LEU G 139 11.44 -2.74 -38.64
N ARG G 140 10.76 -3.78 -38.18
CA ARG G 140 10.88 -5.10 -38.80
C ARG G 140 10.31 -5.11 -40.21
N LYS G 141 9.39 -4.19 -40.47
CA LYS G 141 8.80 -4.06 -41.80
C LYS G 141 9.75 -3.26 -42.71
N GLN G 142 10.82 -2.70 -42.13
CA GLN G 142 11.72 -1.79 -42.87
C GLN G 142 13.15 -2.26 -43.11
N PHE G 143 13.61 -3.24 -42.35
CA PHE G 143 14.97 -3.73 -42.54
C PHE G 143 14.94 -5.26 -42.63
N GLY G 144 13.73 -5.81 -42.70
CA GLY G 144 13.57 -7.24 -42.88
C GLY G 144 13.62 -7.93 -41.55
N GLY G 145 13.73 -9.26 -41.57
CA GLY G 145 13.82 -10.02 -40.33
C GLY G 145 12.52 -10.65 -39.86
N THR G 146 12.47 -11.03 -38.59
CA THR G 146 11.31 -11.73 -38.05
C THR G 146 10.97 -11.49 -36.55
N ILE G 147 9.68 -11.52 -36.26
CA ILE G 147 9.17 -11.25 -34.91
C ILE G 147 8.62 -12.51 -34.22
N SER G 148 9.03 -12.74 -32.97
CA SER G 148 8.48 -13.78 -32.07
C SER G 148 7.96 -13.09 -30.83
N SER G 149 7.26 -13.82 -29.97
CA SER G 149 6.82 -13.25 -28.72
C SER G 149 6.63 -14.37 -27.72
N PHE G 150 6.94 -14.09 -26.45
CA PHE G 150 6.99 -15.15 -25.42
C PHE G 150 6.11 -14.82 -24.23
N ALA G 151 5.09 -15.62 -23.97
CA ALA G 151 4.32 -15.46 -22.75
C ALA G 151 4.63 -16.65 -21.83
N ILE G 152 5.30 -16.37 -20.72
CA ILE G 152 5.69 -17.42 -19.79
C ILE G 152 4.90 -17.31 -18.48
N SER G 153 4.56 -18.45 -17.89
CA SER G 153 3.96 -18.42 -16.56
C SER G 153 4.87 -19.19 -15.57
N HIS G 154 4.98 -18.68 -14.35
CA HIS G 154 5.60 -19.40 -13.25
C HIS G 154 4.54 -19.58 -12.16
N GLU G 155 4.61 -20.68 -11.43
CA GLU G 155 3.73 -20.97 -10.30
C GLU G 155 3.69 -19.83 -9.26
N HIS G 156 2.64 -19.79 -8.44
CA HIS G 156 2.59 -18.85 -7.33
C HIS G 156 1.61 -19.24 -6.22
N THR G 157 2.18 -19.56 -5.05
CA THR G 157 1.47 -20.18 -3.93
C THR G 157 0.88 -19.22 -2.88
N VAL G 158 -0.43 -19.30 -2.70
CA VAL G 158 -1.17 -18.40 -1.84
C VAL G 158 -2.11 -19.23 -0.98
N GLY G 159 -1.57 -19.74 0.12
CA GLY G 159 -2.26 -20.72 0.94
C GLY G 159 -2.16 -22.11 0.31
N SER G 160 -3.22 -22.90 0.45
CA SER G 160 -3.30 -24.19 -0.21
C SER G 160 -3.76 -24.00 -1.67
N PHE G 161 -3.42 -22.84 -2.23
CA PHE G 161 -3.87 -22.48 -3.58
C PHE G 161 -2.72 -22.12 -4.48
N ILE G 162 -2.64 -22.82 -5.62
CA ILE G 162 -1.60 -22.59 -6.61
C ILE G 162 -2.26 -21.93 -7.83
N THR G 163 -1.61 -20.91 -8.39
CA THR G 163 -2.11 -20.25 -9.59
C THR G 163 -0.95 -20.07 -10.57
N MSE G 164 -1.15 -20.36 -11.86
CA MSE G 164 -0.12 -20.01 -12.83
C MSE G 164 -0.12 -18.49 -12.96
O MSE G 164 -1.02 -17.92 -13.56
CB MSE G 164 -0.40 -20.63 -14.22
CG MSE G 164 0.08 -22.08 -14.43
SE MSE G 164 1.96 -22.62 -14.00
CE MSE G 164 2.96 -21.19 -14.79
N LYS G 165 0.87 -17.84 -12.39
CA LYS G 165 0.99 -16.39 -12.52
C LYS G 165 1.79 -16.02 -13.79
N PRO G 166 1.22 -15.17 -14.68
CA PRO G 166 1.90 -14.86 -15.96
C PRO G 166 2.70 -13.59 -15.89
N ALA G 167 3.91 -13.60 -16.45
CA ALA G 167 4.65 -12.35 -16.54
C ALA G 167 4.25 -11.62 -17.81
N LEU G 168 4.80 -10.43 -17.99
CA LEU G 168 4.53 -9.64 -19.19
C LEU G 168 4.96 -10.38 -20.44
N PRO G 169 4.15 -10.32 -21.53
CA PRO G 169 4.64 -10.99 -22.73
C PRO G 169 5.93 -10.31 -23.22
N VAL G 170 6.85 -11.06 -23.81
CA VAL G 170 8.05 -10.45 -24.36
C VAL G 170 8.08 -10.58 -25.87
N HIS G 171 8.24 -9.45 -26.55
CA HIS G 171 8.31 -9.43 -28.00
C HIS G 171 9.73 -9.33 -28.52
N GLN G 172 10.08 -10.15 -29.50
CA GLN G 172 11.47 -10.22 -29.90
C GLN G 172 11.65 -10.06 -31.40
N TRP G 173 12.62 -9.24 -31.78
CA TRP G 173 12.93 -9.04 -33.19
C TRP G 173 14.35 -9.53 -33.52
N THR G 174 14.42 -10.45 -34.47
CA THR G 174 15.68 -11.06 -34.85
C THR G 174 15.98 -10.59 -36.26
N VAL G 175 17.23 -10.21 -36.56
CA VAL G 175 17.56 -9.81 -37.93
C VAL G 175 19.00 -10.15 -38.32
N VAL G 176 19.24 -10.33 -39.61
CA VAL G 176 20.59 -10.41 -40.17
C VAL G 176 20.68 -9.24 -41.13
N LYS G 177 21.47 -8.23 -40.76
CA LYS G 177 21.51 -6.97 -41.52
C LYS G 177 21.90 -7.13 -42.99
N ALA G 178 20.93 -6.90 -43.87
CA ALA G 178 21.19 -6.78 -45.29
C ALA G 178 20.89 -5.34 -45.77
N GLY H 6 -12.87 -21.14 -35.65
CA GLY H 6 -13.79 -22.19 -35.23
C GLY H 6 -15.13 -21.63 -34.79
N GLN H 7 -16.11 -22.48 -34.54
CA GLN H 7 -17.44 -21.99 -34.15
C GLN H 7 -17.64 -21.77 -32.65
N LEU H 8 -16.86 -22.47 -31.82
CA LEU H 8 -16.70 -22.09 -30.41
C LEU H 8 -15.94 -20.75 -30.33
N THR H 9 -14.77 -20.68 -30.96
CA THR H 9 -14.08 -19.39 -31.16
C THR H 9 -15.08 -18.24 -31.40
N LYS H 10 -15.91 -18.39 -32.43
CA LYS H 10 -16.82 -17.34 -32.86
C LYS H 10 -17.75 -16.85 -31.76
N GLN H 11 -18.32 -17.77 -30.98
CA GLN H 11 -19.23 -17.37 -29.90
C GLN H 11 -18.58 -16.57 -28.76
N HIS H 12 -17.44 -17.03 -28.25
CA HIS H 12 -16.64 -16.34 -27.20
C HIS H 12 -16.31 -14.90 -27.55
N VAL H 13 -15.76 -14.73 -28.74
CA VAL H 13 -15.49 -13.40 -29.31
C VAL H 13 -16.78 -12.61 -29.56
N ARG H 14 -17.84 -13.31 -29.92
CA ARG H 14 -19.16 -12.72 -29.99
C ARG H 14 -19.57 -12.32 -28.59
N ALA H 15 -19.22 -13.16 -27.63
CA ALA H 15 -19.53 -12.88 -26.22
C ALA H 15 -18.89 -11.58 -25.80
N LEU H 16 -17.61 -11.42 -26.14
CA LEU H 16 -16.77 -10.41 -25.55
C LEU H 16 -17.04 -9.06 -26.14
N ALA H 17 -17.48 -9.11 -27.41
CA ALA H 17 -17.96 -7.93 -28.12
C ALA H 17 -19.18 -7.39 -27.42
N ILE H 18 -20.25 -8.17 -27.36
CA ILE H 18 -21.49 -7.73 -26.72
C ILE H 18 -21.31 -7.36 -25.26
N SER H 19 -20.39 -8.01 -24.57
CA SER H 19 -20.08 -7.71 -23.17
C SER H 19 -19.61 -6.28 -23.07
N ALA H 20 -18.64 -5.91 -23.90
CA ALA H 20 -18.04 -4.59 -23.83
C ALA H 20 -18.87 -3.56 -24.61
N LEU H 21 -19.76 -4.06 -25.46
CA LEU H 21 -20.79 -3.23 -26.06
C LEU H 21 -21.82 -2.78 -25.03
N ALA H 22 -22.35 -3.73 -24.29
CA ALA H 22 -23.22 -3.43 -23.16
C ALA H 22 -24.53 -2.78 -23.62
N PRO H 23 -25.33 -3.54 -24.35
CA PRO H 23 -26.53 -3.00 -24.99
C PRO H 23 -27.53 -2.43 -23.98
N LYS H 24 -28.15 -1.32 -24.32
CA LYS H 24 -29.13 -0.69 -23.44
C LYS H 24 -30.55 -0.96 -23.92
N GLU H 27 -32.20 -0.10 -28.95
CA GLU H 27 -30.97 0.70 -29.05
C GLU H 27 -30.24 0.32 -30.34
N THR H 28 -30.07 1.29 -31.24
CA THR H 28 -29.57 1.07 -32.63
C THR H 28 -28.04 0.81 -32.67
N LEU H 29 -27.64 -0.37 -33.13
CA LEU H 29 -26.23 -0.69 -33.36
C LEU H 29 -25.89 -0.67 -34.88
N TRP H 30 -24.68 -0.22 -35.20
CA TRP H 30 -24.14 -0.42 -36.54
C TRP H 30 -23.06 -1.48 -36.40
N ASP H 31 -23.02 -2.39 -37.36
CA ASP H 31 -22.14 -3.55 -37.31
C ASP H 31 -21.45 -3.64 -38.66
N ILE H 32 -20.17 -3.30 -38.66
CA ILE H 32 -19.41 -3.05 -39.89
C ILE H 32 -18.27 -4.08 -40.14
N GLY H 33 -18.37 -4.85 -41.23
CA GLY H 33 -17.37 -5.87 -41.52
C GLY H 33 -17.82 -7.24 -41.03
N GLY H 34 -16.87 -8.10 -40.68
CA GLY H 34 -17.19 -9.41 -40.16
C GLY H 34 -18.42 -10.08 -40.78
N GLY H 37 -21.51 -10.06 -39.50
CA GLY H 37 -22.92 -9.91 -39.16
C GLY H 37 -23.42 -10.66 -37.93
N SER H 38 -22.54 -11.38 -37.23
CA SER H 38 -22.94 -12.25 -36.12
C SER H 38 -23.10 -11.49 -34.82
N ILE H 39 -22.35 -10.40 -34.68
CA ILE H 39 -22.45 -9.52 -33.52
C ILE H 39 -23.83 -8.89 -33.42
N ALA H 40 -24.52 -8.73 -34.52
CA ALA H 40 -25.80 -8.05 -34.50
C ALA H 40 -26.89 -9.01 -34.10
N ILE H 41 -26.85 -10.19 -34.73
CA ILE H 41 -27.75 -11.32 -34.41
C ILE H 41 -27.83 -11.51 -32.92
N GLU H 42 -26.66 -11.44 -32.27
CA GLU H 42 -26.44 -11.77 -30.87
C GLU H 42 -26.80 -10.66 -29.90
N TRP H 43 -26.85 -9.44 -30.40
CA TRP H 43 -27.10 -8.23 -29.63
C TRP H 43 -28.56 -7.89 -29.83
N LEU H 44 -29.11 -8.43 -30.90
CA LEU H 44 -30.52 -8.30 -31.15
C LEU H 44 -31.28 -9.12 -30.12
N ARG H 45 -30.74 -10.29 -29.80
CA ARG H 45 -31.29 -11.16 -28.75
C ARG H 45 -30.93 -10.66 -27.37
N SER H 46 -29.80 -9.96 -27.27
CA SER H 46 -29.40 -9.33 -26.02
C SER H 46 -30.54 -8.49 -25.45
N THR H 47 -31.07 -7.58 -26.27
CA THR H 47 -32.02 -6.58 -25.79
C THR H 47 -33.42 -6.88 -26.29
N PRO H 48 -34.41 -6.60 -25.45
CA PRO H 48 -35.78 -6.35 -25.92
C PRO H 48 -35.81 -5.36 -27.07
N GLN H 49 -36.20 -5.82 -28.26
CA GLN H 49 -36.60 -4.93 -29.34
C GLN H 49 -35.47 -3.99 -29.73
N THR H 50 -34.24 -4.51 -29.70
CA THR H 50 -33.08 -3.74 -30.14
C THR H 50 -33.09 -3.56 -31.65
N THR H 51 -32.49 -2.46 -32.11
CA THR H 51 -32.34 -2.20 -33.54
C THR H 51 -31.00 -2.69 -34.05
N ALA H 52 -30.83 -2.71 -35.37
CA ALA H 52 -29.57 -3.07 -35.98
C ALA H 52 -29.44 -2.45 -37.38
N VAL H 53 -28.20 -2.26 -37.81
CA VAL H 53 -27.90 -2.20 -39.24
C VAL H 53 -26.56 -2.85 -39.55
N CYS H 54 -26.51 -3.61 -40.64
CA CYS H 54 -25.34 -4.42 -40.96
C CYS H 54 -24.74 -4.02 -42.31
N PHE H 55 -23.43 -3.77 -42.32
CA PHE H 55 -22.75 -3.36 -43.52
C PHE H 55 -21.77 -4.44 -43.98
N GLU H 56 -22.13 -5.13 -45.06
CA GLU H 56 -21.33 -6.23 -45.57
C GLU H 56 -21.29 -6.23 -47.09
N ILE H 57 -20.09 -6.42 -47.65
CA ILE H 57 -19.88 -6.27 -49.08
C ILE H 57 -20.60 -7.37 -49.86
N SER H 58 -20.16 -8.61 -49.63
CA SER H 58 -20.54 -9.72 -50.51
C SER H 58 -22.05 -9.79 -50.71
N GLU H 59 -22.47 -10.04 -51.94
CA GLU H 59 -23.88 -10.18 -52.25
C GLU H 59 -24.52 -11.31 -51.46
N GLU H 60 -24.19 -12.55 -51.81
CA GLU H 60 -24.69 -13.71 -51.09
C GLU H 60 -24.22 -13.71 -49.64
N ARG H 61 -23.17 -12.79 -49.18
N ARG H 61 -23.17 -12.80 -49.17
CA ARG H 61 -22.90 -12.62 -47.74
CA ARG H 61 -22.90 -12.63 -47.73
C ARG H 61 -24.06 -11.95 -47.01
C ARG H 61 -24.06 -11.95 -47.01
N ARG H 62 -24.51 -10.85 -47.56
CA ARG H 62 -25.71 -10.22 -47.01
C ARG H 62 -26.91 -11.15 -47.07
N GLU H 63 -27.02 -11.90 -48.17
CA GLU H 63 -28.04 -12.93 -48.29
C GLU H 63 -27.98 -13.90 -47.11
N ARG H 64 -26.78 -14.15 -46.61
CA ARG H 64 -26.58 -15.06 -45.49
C ARG H 64 -26.86 -14.44 -44.12
N ILE H 65 -26.47 -13.18 -43.93
CA ILE H 65 -26.80 -12.48 -42.69
C ILE H 65 -28.28 -12.69 -42.42
N LEU H 66 -29.05 -12.68 -43.53
CA LEU H 66 -30.53 -12.65 -43.52
C LEU H 66 -31.23 -13.98 -43.21
N SER H 67 -30.82 -15.06 -43.86
CA SER H 67 -31.37 -16.34 -43.47
C SER H 67 -30.87 -16.63 -42.06
N ASN H 68 -29.61 -16.30 -41.79
CA ASN H 68 -29.09 -16.41 -40.43
C ASN H 68 -30.01 -15.74 -39.45
N ALA H 69 -30.42 -14.53 -39.82
CA ALA H 69 -31.31 -13.73 -39.01
C ALA H 69 -32.62 -14.46 -38.88
N ILE H 70 -33.17 -14.80 -40.03
CA ILE H 70 -34.53 -15.33 -40.15
C ILE H 70 -34.80 -16.51 -39.26
N ASN H 71 -33.99 -17.56 -39.36
CA ASN H 71 -34.21 -18.74 -38.53
C ASN H 71 -34.33 -18.24 -37.12
N LEU H 72 -33.35 -17.42 -36.76
CA LEU H 72 -33.26 -16.83 -35.43
C LEU H 72 -34.37 -15.84 -35.17
N GLY H 73 -35.35 -15.80 -36.06
CA GLY H 73 -36.62 -15.14 -35.78
C GLY H 73 -36.47 -13.64 -35.61
N VAL H 74 -35.31 -13.12 -35.97
CA VAL H 74 -34.90 -11.78 -35.54
C VAL H 74 -34.94 -10.79 -36.69
N SER H 75 -35.38 -11.27 -37.86
CA SER H 75 -35.13 -10.58 -39.11
C SER H 75 -35.91 -9.26 -39.19
N ASP H 76 -36.80 -9.05 -38.22
CA ASP H 76 -37.70 -7.91 -38.25
C ASP H 76 -37.02 -6.67 -37.67
N ARG H 77 -36.05 -6.88 -36.80
CA ARG H 77 -35.41 -5.79 -36.09
C ARG H 77 -33.99 -5.56 -36.59
N ILE H 78 -33.80 -5.71 -37.91
CA ILE H 78 -32.47 -5.64 -38.51
C ILE H 78 -32.54 -5.06 -39.92
N ALA H 79 -31.53 -4.27 -40.27
CA ALA H 79 -31.30 -3.87 -41.67
C ALA H 79 -29.99 -4.44 -42.20
N VAL H 80 -30.01 -4.87 -43.47
CA VAL H 80 -28.84 -5.43 -44.11
C VAL H 80 -28.43 -4.62 -45.33
N GLN H 81 -27.50 -3.69 -45.13
CA GLN H 81 -27.07 -2.80 -46.21
C GLN H 81 -25.74 -3.24 -46.78
N GLN H 82 -25.25 -2.51 -47.78
CA GLN H 82 -24.03 -2.88 -48.48
C GLN H 82 -22.79 -2.53 -47.66
N GLY H 83 -21.63 -2.59 -48.30
CA GLY H 83 -20.37 -2.30 -47.63
C GLY H 83 -20.27 -0.86 -47.19
N ALA H 84 -19.45 -0.61 -46.17
CA ALA H 84 -18.95 0.74 -45.90
C ALA H 84 -17.88 1.14 -46.90
N PRO H 85 -17.71 2.45 -47.09
CA PRO H 85 -18.45 3.44 -46.30
C PRO H 85 -19.67 3.95 -47.04
N ARG H 86 -19.81 3.56 -48.30
CA ARG H 86 -20.76 4.20 -49.21
C ARG H 86 -22.18 3.95 -48.74
N ALA H 87 -22.35 2.84 -48.05
CA ALA H 87 -23.68 2.35 -47.77
C ALA H 87 -24.24 3.01 -46.52
N PHE H 88 -23.37 3.61 -45.73
CA PHE H 88 -23.77 4.49 -44.63
C PHE H 88 -24.75 5.53 -45.11
N ASP H 89 -24.59 5.95 -46.36
CA ASP H 89 -25.42 6.97 -46.97
C ASP H 89 -26.84 6.49 -47.26
N ASP H 90 -26.99 5.19 -47.49
CA ASP H 90 -28.29 4.57 -47.75
C ASP H 90 -29.10 4.45 -46.44
N VAL H 91 -28.53 5.02 -45.39
CA VAL H 91 -28.99 4.85 -44.01
C VAL H 91 -28.91 6.20 -43.31
N PRO H 92 -30.03 6.94 -43.34
CA PRO H 92 -30.22 8.37 -43.00
C PRO H 92 -29.84 8.77 -41.57
N ASP H 93 -30.14 7.87 -40.65
CA ASP H 93 -30.04 8.12 -39.23
C ASP H 93 -28.62 8.03 -38.69
N ASN H 94 -28.51 7.96 -37.37
CA ASN H 94 -27.25 7.78 -36.67
C ASN H 94 -27.36 6.76 -35.51
N PRO H 95 -26.42 5.79 -35.47
CA PRO H 95 -26.60 4.67 -34.56
C PRO H 95 -26.43 5.16 -33.15
N ASP H 96 -27.05 4.47 -32.21
CA ASP H 96 -26.72 4.74 -30.83
C ASP H 96 -25.35 4.09 -30.51
N VAL H 97 -24.92 3.14 -31.34
CA VAL H 97 -23.67 2.40 -31.14
C VAL H 97 -22.98 1.88 -32.43
N ILE H 98 -21.65 1.67 -32.36
CA ILE H 98 -20.93 0.97 -33.42
C ILE H 98 -19.94 -0.11 -32.94
N PHE H 99 -19.95 -1.26 -33.62
CA PHE H 99 -18.89 -2.28 -33.50
C PHE H 99 -18.21 -2.46 -34.85
N ILE H 100 -16.89 -2.40 -34.87
CA ILE H 100 -16.11 -2.79 -36.04
C ILE H 100 -15.45 -4.15 -35.83
N GLY H 101 -15.87 -5.13 -36.61
CA GLY H 101 -15.58 -6.52 -36.30
C GLY H 101 -14.23 -6.97 -36.83
N GLY H 102 -14.06 -6.91 -38.13
CA GLY H 102 -12.82 -7.32 -38.76
C GLY H 102 -12.49 -6.50 -39.99
N GLY H 103 -11.20 -6.40 -40.31
CA GLY H 103 -10.74 -5.57 -41.40
C GLY H 103 -11.23 -4.13 -41.29
N LEU H 104 -10.80 -3.44 -40.23
CA LEU H 104 -10.91 -1.99 -40.15
C LEU H 104 -9.65 -1.32 -40.68
N THR H 105 -9.03 -1.92 -41.69
CA THR H 105 -7.90 -1.31 -42.37
C THR H 105 -8.22 -1.05 -43.84
N ALA H 106 -9.37 -0.45 -44.09
CA ALA H 106 -9.69 0.09 -45.41
C ALA H 106 -9.94 1.60 -45.35
N PRO H 107 -9.31 2.34 -46.26
CA PRO H 107 -9.17 3.78 -46.10
C PRO H 107 -10.53 4.47 -45.92
N GLY H 108 -10.68 5.21 -44.83
CA GLY H 108 -11.85 6.06 -44.63
C GLY H 108 -13.11 5.44 -44.06
N VAL H 109 -13.10 4.13 -43.87
CA VAL H 109 -14.27 3.43 -43.32
C VAL H 109 -14.56 3.75 -41.85
N PHE H 110 -13.50 3.96 -41.06
CA PHE H 110 -13.65 4.50 -39.70
C PHE H 110 -13.97 6.01 -39.75
N ALA H 111 -13.25 6.74 -40.59
CA ALA H 111 -13.44 8.18 -40.73
C ALA H 111 -14.92 8.51 -40.93
N ALA H 112 -15.49 7.87 -41.95
CA ALA H 112 -16.88 8.01 -42.38
C ALA H 112 -17.88 7.55 -41.32
N ALA H 113 -17.46 6.56 -40.54
CA ALA H 113 -18.34 5.97 -39.57
C ALA H 113 -18.38 6.80 -38.29
N TRP H 114 -17.21 7.22 -37.83
CA TRP H 114 -17.07 7.98 -36.59
C TRP H 114 -17.85 9.29 -36.64
N LYS H 115 -17.77 9.95 -37.80
CA LYS H 115 -18.52 11.16 -38.06
C LYS H 115 -20.00 10.89 -37.82
N ARG H 116 -20.44 9.70 -38.21
CA ARG H 116 -21.83 9.29 -38.05
C ARG H 116 -22.19 9.05 -36.60
N LEU H 117 -21.19 8.81 -35.77
CA LEU H 117 -21.44 8.58 -34.35
C LEU H 117 -21.44 9.88 -33.55
N PRO H 118 -22.52 10.10 -32.80
CA PRO H 118 -22.78 11.23 -31.92
C PRO H 118 -21.85 11.22 -30.72
N VAL H 119 -21.65 12.38 -30.10
CA VAL H 119 -20.98 12.49 -28.82
C VAL H 119 -21.77 11.64 -27.77
N GLY H 120 -21.04 10.94 -26.91
CA GLY H 120 -21.65 10.08 -25.90
C GLY H 120 -22.04 8.68 -26.38
N GLY H 121 -22.02 8.50 -27.71
CA GLY H 121 -22.27 7.21 -28.33
C GLY H 121 -21.13 6.22 -28.11
N ARG H 122 -21.24 5.03 -28.69
CA ARG H 122 -20.31 3.95 -28.34
C ARG H 122 -19.80 3.11 -29.51
N LEU H 123 -18.49 2.98 -29.59
CA LEU H 123 -17.85 2.13 -30.59
C LEU H 123 -16.94 1.08 -29.93
N VAL H 124 -17.02 -0.13 -30.45
CA VAL H 124 -16.12 -1.19 -30.02
C VAL H 124 -15.54 -1.83 -31.26
N ALA H 125 -14.22 -1.95 -31.32
CA ALA H 125 -13.60 -2.56 -32.48
C ALA H 125 -12.80 -3.75 -32.05
N ASN H 126 -12.46 -4.56 -33.04
CA ASN H 126 -11.73 -5.79 -32.88
C ASN H 126 -10.46 -5.71 -33.70
N ALA H 127 -9.53 -6.60 -33.39
CA ALA H 127 -8.41 -6.87 -34.27
C ALA H 127 -7.82 -8.26 -33.97
N VAL H 128 -7.32 -8.91 -35.02
CA VAL H 128 -6.64 -10.17 -34.86
C VAL H 128 -5.32 -10.08 -35.61
N THR H 129 -5.21 -9.09 -36.48
CA THR H 129 -3.97 -8.88 -37.23
C THR H 129 -3.16 -7.73 -36.65
N VAL H 130 -1.87 -7.71 -36.98
CA VAL H 130 -0.97 -6.68 -36.48
C VAL H 130 -1.35 -5.30 -37.00
N GLU H 131 -2.05 -5.28 -38.13
CA GLU H 131 -2.40 -4.06 -38.83
C GLU H 131 -3.56 -3.34 -38.15
N SER H 132 -4.63 -4.09 -37.95
CA SER H 132 -5.77 -3.67 -37.15
C SER H 132 -5.28 -3.32 -35.74
N GLU H 133 -4.40 -4.18 -35.23
CA GLU H 133 -3.73 -4.01 -33.95
C GLU H 133 -2.99 -2.67 -33.83
N GLN H 134 -1.97 -2.42 -34.66
CA GLN H 134 -1.31 -1.11 -34.68
C GLN H 134 -2.36 0.00 -34.85
N MSE H 135 -3.41 -0.30 -35.61
CA MSE H 135 -4.53 0.62 -35.86
C MSE H 135 -5.38 1.01 -34.64
O MSE H 135 -5.58 2.20 -34.39
CB MSE H 135 -5.47 0.02 -36.88
CG MSE H 135 -6.60 0.96 -37.19
SE MSE H 135 -5.91 2.77 -37.58
CE MSE H 135 -7.59 3.62 -38.12
N LEU H 136 -5.91 0.03 -33.94
CA LEU H 136 -6.65 0.35 -32.73
C LEU H 136 -5.84 1.23 -31.77
N TRP H 137 -4.54 0.95 -31.65
CA TRP H 137 -3.65 1.75 -30.81
C TRP H 137 -3.53 3.14 -31.39
N ALA H 138 -3.38 3.19 -32.71
CA ALA H 138 -3.43 4.45 -33.41
C ALA H 138 -4.67 5.19 -32.95
N LEU H 139 -5.83 4.60 -33.22
CA LEU H 139 -7.11 5.19 -32.84
C LEU H 139 -7.26 5.49 -31.34
N ARG H 140 -7.04 4.47 -30.50
CA ARG H 140 -7.28 4.58 -29.07
C ARG H 140 -6.40 5.66 -28.50
N LYS H 141 -5.16 5.70 -28.95
CA LYS H 141 -4.25 6.73 -28.50
C LYS H 141 -4.64 8.12 -29.05
N GLN H 142 -5.63 8.21 -29.94
CA GLN H 142 -6.09 9.52 -30.45
C GLN H 142 -7.45 9.98 -29.89
N PHE H 143 -8.42 9.07 -29.93
CA PHE H 143 -9.79 9.34 -29.49
C PHE H 143 -10.12 8.92 -28.05
N GLY H 144 -9.16 8.28 -27.39
CA GLY H 144 -9.37 7.91 -26.00
C GLY H 144 -9.91 6.49 -25.84
N GLY H 145 -10.53 6.23 -24.72
CA GLY H 145 -10.98 4.89 -24.44
C GLY H 145 -9.84 4.00 -24.00
N THR H 146 -9.95 2.71 -24.29
CA THR H 146 -9.18 1.69 -23.60
C THR H 146 -9.04 0.36 -24.35
N ILE H 147 -7.86 -0.23 -24.30
CA ILE H 147 -7.63 -1.49 -25.02
C ILE H 147 -7.59 -2.75 -24.11
N SER H 148 -8.23 -3.82 -24.58
CA SER H 148 -8.20 -5.15 -23.97
C SER H 148 -7.84 -6.19 -25.02
N SER H 149 -7.26 -7.31 -24.61
CA SER H 149 -6.96 -8.41 -25.51
C SER H 149 -7.30 -9.75 -24.86
N PHE H 150 -7.72 -10.71 -25.67
CA PHE H 150 -8.18 -12.01 -25.19
C PHE H 150 -7.46 -13.19 -25.87
N ALA H 151 -6.71 -13.96 -25.10
CA ALA H 151 -6.23 -15.27 -25.54
C ALA H 151 -7.06 -16.36 -24.84
N ILE H 152 -7.91 -17.01 -25.64
CA ILE H 152 -8.76 -18.10 -25.20
C ILE H 152 -8.16 -19.38 -25.79
N SER H 153 -8.37 -20.54 -25.17
CA SER H 153 -8.18 -21.79 -25.89
C SER H 153 -9.24 -22.83 -25.62
N HIS H 154 -9.17 -23.93 -26.37
CA HIS H 154 -10.04 -25.07 -26.14
C HIS H 154 -9.35 -26.36 -26.48
N GLU H 155 -9.91 -27.44 -25.94
CA GLU H 155 -9.37 -28.79 -26.06
C GLU H 155 -9.21 -29.27 -27.49
N HIS H 156 -8.24 -30.14 -27.73
CA HIS H 156 -8.09 -30.80 -29.01
C HIS H 156 -7.07 -31.93 -28.96
N GLY H 159 -5.03 -37.62 -31.16
CA GLY H 159 -4.58 -38.88 -30.62
C GLY H 159 -5.42 -39.29 -29.41
N SER H 160 -4.82 -40.06 -28.51
CA SER H 160 -5.44 -40.40 -27.23
C SER H 160 -4.98 -39.38 -26.19
N PHE H 161 -4.44 -38.28 -26.68
CA PHE H 161 -4.04 -37.20 -25.82
C PHE H 161 -4.75 -36.00 -26.28
N ILE H 162 -5.03 -35.08 -25.35
CA ILE H 162 -5.55 -33.77 -25.71
C ILE H 162 -4.47 -32.70 -25.56
N THR H 163 -4.63 -31.61 -26.30
CA THR H 163 -3.88 -30.39 -26.03
C THR H 163 -4.79 -29.16 -26.07
N MSE H 164 -4.46 -28.17 -25.25
CA MSE H 164 -5.17 -26.89 -25.28
C MSE H 164 -4.74 -26.03 -26.45
O MSE H 164 -3.84 -25.19 -26.33
CB MSE H 164 -4.94 -26.13 -23.96
CG MSE H 164 -5.72 -26.69 -22.78
SE MSE H 164 -7.63 -26.34 -22.90
CE MSE H 164 -7.57 -24.50 -23.50
N LYS H 165 -5.37 -26.25 -27.60
CA LYS H 165 -5.18 -25.39 -28.76
C LYS H 165 -5.51 -23.94 -28.43
N PRO H 166 -4.64 -23.03 -28.82
CA PRO H 166 -4.92 -21.59 -28.73
C PRO H 166 -5.47 -21.02 -30.03
N ALA H 167 -6.50 -20.18 -29.94
CA ALA H 167 -6.96 -19.46 -31.11
C ALA H 167 -6.13 -18.18 -31.20
N LEU H 168 -6.37 -17.38 -32.22
CA LEU H 168 -5.61 -16.14 -32.33
C LEU H 168 -5.94 -15.20 -31.19
N PRO H 169 -4.95 -14.43 -30.70
CA PRO H 169 -5.32 -13.47 -29.66
C PRO H 169 -6.13 -12.33 -30.29
N VAL H 170 -7.25 -11.99 -29.66
CA VAL H 170 -8.16 -10.97 -30.14
C VAL H 170 -7.99 -9.67 -29.35
N HIS H 171 -7.88 -8.57 -30.07
CA HIS H 171 -7.61 -7.29 -29.41
C HIS H 171 -8.87 -6.48 -29.55
N GLN H 172 -9.22 -5.78 -28.48
CA GLN H 172 -10.49 -5.07 -28.46
C GLN H 172 -10.34 -3.68 -27.87
N TRP H 173 -10.92 -2.71 -28.57
CA TRP H 173 -10.88 -1.29 -28.22
C TRP H 173 -12.27 -0.80 -27.84
N THR H 174 -12.39 -0.31 -26.62
CA THR H 174 -13.66 0.11 -26.08
C THR H 174 -13.67 1.64 -25.89
N VAL H 175 -14.57 2.36 -26.56
CA VAL H 175 -14.62 3.83 -26.42
C VAL H 175 -16.04 4.43 -26.23
N VAL H 176 -16.11 5.50 -25.43
CA VAL H 176 -17.29 6.39 -25.32
C VAL H 176 -16.90 7.70 -26.01
N LYS H 177 -17.44 7.93 -27.21
CA LYS H 177 -17.15 9.13 -28.02
C LYS H 177 -17.73 10.41 -27.44
N ALA H 178 -16.93 11.11 -26.63
CA ALA H 178 -17.35 12.36 -26.01
C ALA H 178 -16.24 13.40 -26.08
C ACY I . -0.29 51.10 41.60
O ACY I . -1.11 52.04 41.70
OXT ACY I . 0.55 51.02 40.65
CH3 ACY I . -0.36 50.02 42.67
MG MG J . 31.70 9.85 -10.25
CA CA K . -31.28 -10.51 11.41
C ACY L . -13.77 -16.50 4.89
O ACY L . -14.52 -16.67 5.88
OXT ACY L . -12.56 -16.13 4.95
CH3 ACY L . -14.38 -16.77 3.53
C ACY M . -37.21 -22.47 -4.04
O ACY M . -36.53 -22.72 -3.02
OXT ACY M . -38.31 -23.03 -4.27
CH3 ACY M . -36.69 -21.45 -5.02
MG MG N . 28.86 3.24 -6.58
CA CA O . 30.25 6.30 -8.27
#